data_2PPN
# 
_entry.id   2PPN 
# 
_audit_conform.dict_name       mmcif_pdbx.dic 
_audit_conform.dict_version    5.389 
_audit_conform.dict_location   http://mmcif.pdb.org/dictionaries/ascii/mmcif_pdbx.dic 
# 
loop_
_database_2.database_id 
_database_2.database_code 
_database_2.pdbx_database_accession 
_database_2.pdbx_DOI 
PDB   2PPN         pdb_00002ppn 10.2210/pdb2ppn/pdb 
RCSB  RCSB042645   ?            ?                   
WWPDB D_1000042645 ?            ?                   
# 
loop_
_pdbx_audit_revision_history.ordinal 
_pdbx_audit_revision_history.data_content_type 
_pdbx_audit_revision_history.major_revision 
_pdbx_audit_revision_history.minor_revision 
_pdbx_audit_revision_history.revision_date 
1 'Structure model' 1 0 2008-05-27 
2 'Structure model' 1 1 2011-07-13 
3 'Structure model' 1 2 2024-02-21 
4 'Structure model' 1 3 2024-04-03 
# 
_pdbx_audit_revision_details.ordinal             1 
_pdbx_audit_revision_details.revision_ordinal    1 
_pdbx_audit_revision_details.data_content_type   'Structure model' 
_pdbx_audit_revision_details.provider            repository 
_pdbx_audit_revision_details.type                'Initial release' 
_pdbx_audit_revision_details.description         ? 
_pdbx_audit_revision_details.details             ? 
# 
loop_
_pdbx_audit_revision_group.ordinal 
_pdbx_audit_revision_group.revision_ordinal 
_pdbx_audit_revision_group.data_content_type 
_pdbx_audit_revision_group.group 
1 2 'Structure model' 'Version format compliance' 
2 3 'Structure model' 'Data collection'           
3 3 'Structure model' 'Database references'       
4 4 'Structure model' 'Refinement description'    
# 
loop_
_pdbx_audit_revision_category.ordinal 
_pdbx_audit_revision_category.revision_ordinal 
_pdbx_audit_revision_category.data_content_type 
_pdbx_audit_revision_category.category 
1 3 'Structure model' chem_comp_atom                
2 3 'Structure model' chem_comp_bond                
3 3 'Structure model' database_2                    
4 4 'Structure model' pdbx_initial_refinement_model 
# 
loop_
_pdbx_audit_revision_item.ordinal 
_pdbx_audit_revision_item.revision_ordinal 
_pdbx_audit_revision_item.data_content_type 
_pdbx_audit_revision_item.item 
1 3 'Structure model' '_database_2.pdbx_DOI'                
2 3 'Structure model' '_database_2.pdbx_database_accession' 
# 
_pdbx_database_status.status_code                     REL 
_pdbx_database_status.entry_id                        2PPN 
_pdbx_database_status.recvd_initial_deposition_date   2007-04-30 
_pdbx_database_status.deposit_site                    RCSB 
_pdbx_database_status.process_site                    RCSB 
_pdbx_database_status.status_code_sf                  REL 
_pdbx_database_status.status_code_mr                  ? 
_pdbx_database_status.SG_entry                        ? 
_pdbx_database_status.pdb_format_compatible           Y 
_pdbx_database_status.status_code_cs                  ? 
_pdbx_database_status.status_code_nmr_data            ? 
_pdbx_database_status.methods_development_category    ? 
# 
loop_
_pdbx_database_related.db_name 
_pdbx_database_related.db_id 
_pdbx_database_related.details 
_pdbx_database_related.content_type 
PDB 2PPO 'Crystal structure of E60A mutant of FKBP12' unspecified 
PDB 2PPP 'Crystal structure of E60Q mutant of FKBP12' unspecified 
# 
loop_
_audit_author.name 
_audit_author.pdbx_ordinal 
'Szep, S.'       1 
'Park, S.'       2 
'VanDuyne, G.D.' 3 
'Saven, J.G.'    4 
# 
_citation.id                        primary 
_citation.title                     'Structural coupling between FKBP12 and buried water.' 
_citation.journal_abbrev            Proteins 
_citation.journal_volume            74 
_citation.page_first                603 
_citation.page_last                 611 
_citation.year                      2009 
_citation.journal_id_ASTM           PSFGEY 
_citation.country                   US 
_citation.journal_id_ISSN           0887-3585 
_citation.journal_id_CSD            0867 
_citation.book_publisher            ? 
_citation.pdbx_database_id_PubMed   18704951 
_citation.pdbx_database_id_DOI      10.1002/prot.22176 
# 
loop_
_citation_author.citation_id 
_citation_author.name 
_citation_author.ordinal 
_citation_author.identifier_ORCID 
primary 'Szep, S.'        1 ? 
primary 'Park, S.'        2 ? 
primary 'Boder, E.T.'     3 ? 
primary 'Van Duyne, G.D.' 4 ? 
primary 'Saven, J.G.'     5 ? 
# 
loop_
_entity.id 
_entity.type 
_entity.src_method 
_entity.pdbx_description 
_entity.formula_weight 
_entity.pdbx_number_of_molecules 
_entity.pdbx_ec 
_entity.pdbx_mutation 
_entity.pdbx_fragment 
_entity.details 
1 polymer man 'FK506-binding protein 1A' 11836.508 1   5.2.1.8 ? fkbp12 ? 
2 water   nat water                      18.015    118 ?       ? ?      ? 
# 
_entity_name_com.entity_id   1 
_entity_name_com.name        'Peptidyl-prolyl cis-trans isomerase, PPIase, Rotamase, 12 kDa FKBP, FKBP-12, Immunophilin FKBP12' 
# 
_entity_poly.entity_id                      1 
_entity_poly.type                           'polypeptide(L)' 
_entity_poly.nstd_linkage                   no 
_entity_poly.nstd_monomer                   no 
_entity_poly.pdbx_seq_one_letter_code       
;GVQVETISPGDGRTFPKRGQTCVVHYTGMLEDGKKFDSSRDRNKPFKFMLGKQEVIRGWEEGVAQMSVGQRAKLTISPDY
AYGATGHPGIIPPHATLVFDVELLKLE
;
_entity_poly.pdbx_seq_one_letter_code_can   
;GVQVETISPGDGRTFPKRGQTCVVHYTGMLEDGKKFDSSRDRNKPFKFMLGKQEVIRGWEEGVAQMSVGQRAKLTISPDY
AYGATGHPGIIPPHATLVFDVELLKLE
;
_entity_poly.pdbx_strand_id                 A 
_entity_poly.pdbx_target_identifier         ? 
# 
_pdbx_entity_nonpoly.entity_id   2 
_pdbx_entity_nonpoly.name        water 
_pdbx_entity_nonpoly.comp_id     HOH 
# 
loop_
_entity_poly_seq.entity_id 
_entity_poly_seq.num 
_entity_poly_seq.mon_id 
_entity_poly_seq.hetero 
1 1   GLY n 
1 2   VAL n 
1 3   GLN n 
1 4   VAL n 
1 5   GLU n 
1 6   THR n 
1 7   ILE n 
1 8   SER n 
1 9   PRO n 
1 10  GLY n 
1 11  ASP n 
1 12  GLY n 
1 13  ARG n 
1 14  THR n 
1 15  PHE n 
1 16  PRO n 
1 17  LYS n 
1 18  ARG n 
1 19  GLY n 
1 20  GLN n 
1 21  THR n 
1 22  CYS n 
1 23  VAL n 
1 24  VAL n 
1 25  HIS n 
1 26  TYR n 
1 27  THR n 
1 28  GLY n 
1 29  MET n 
1 30  LEU n 
1 31  GLU n 
1 32  ASP n 
1 33  GLY n 
1 34  LYS n 
1 35  LYS n 
1 36  PHE n 
1 37  ASP n 
1 38  SER n 
1 39  SER n 
1 40  ARG n 
1 41  ASP n 
1 42  ARG n 
1 43  ASN n 
1 44  LYS n 
1 45  PRO n 
1 46  PHE n 
1 47  LYS n 
1 48  PHE n 
1 49  MET n 
1 50  LEU n 
1 51  GLY n 
1 52  LYS n 
1 53  GLN n 
1 54  GLU n 
1 55  VAL n 
1 56  ILE n 
1 57  ARG n 
1 58  GLY n 
1 59  TRP n 
1 60  GLU n 
1 61  GLU n 
1 62  GLY n 
1 63  VAL n 
1 64  ALA n 
1 65  GLN n 
1 66  MET n 
1 67  SER n 
1 68  VAL n 
1 69  GLY n 
1 70  GLN n 
1 71  ARG n 
1 72  ALA n 
1 73  LYS n 
1 74  LEU n 
1 75  THR n 
1 76  ILE n 
1 77  SER n 
1 78  PRO n 
1 79  ASP n 
1 80  TYR n 
1 81  ALA n 
1 82  TYR n 
1 83  GLY n 
1 84  ALA n 
1 85  THR n 
1 86  GLY n 
1 87  HIS n 
1 88  PRO n 
1 89  GLY n 
1 90  ILE n 
1 91  ILE n 
1 92  PRO n 
1 93  PRO n 
1 94  HIS n 
1 95  ALA n 
1 96  THR n 
1 97  LEU n 
1 98  VAL n 
1 99  PHE n 
1 100 ASP n 
1 101 VAL n 
1 102 GLU n 
1 103 LEU n 
1 104 LEU n 
1 105 LYS n 
1 106 LEU n 
1 107 GLU n 
# 
_entity_src_gen.entity_id                          1 
_entity_src_gen.pdbx_src_id                        1 
_entity_src_gen.pdbx_alt_source_flag               sample 
_entity_src_gen.pdbx_seq_type                      ? 
_entity_src_gen.pdbx_beg_seq_num                   ? 
_entity_src_gen.pdbx_end_seq_num                   ? 
_entity_src_gen.gene_src_common_name               human 
_entity_src_gen.gene_src_genus                     ? 
_entity_src_gen.pdbx_gene_src_gene                 'FKBP1A, FKBP1, FKBP12' 
_entity_src_gen.gene_src_species                   ? 
_entity_src_gen.gene_src_strain                    ? 
_entity_src_gen.gene_src_tissue                    ? 
_entity_src_gen.gene_src_tissue_fraction           ? 
_entity_src_gen.gene_src_details                   ? 
_entity_src_gen.pdbx_gene_src_fragment             ? 
_entity_src_gen.pdbx_gene_src_scientific_name      'Homo sapiens' 
_entity_src_gen.pdbx_gene_src_ncbi_taxonomy_id     9606 
_entity_src_gen.pdbx_gene_src_variant              ? 
_entity_src_gen.pdbx_gene_src_cell_line            ? 
_entity_src_gen.pdbx_gene_src_atcc                 ? 
_entity_src_gen.pdbx_gene_src_organ                ? 
_entity_src_gen.pdbx_gene_src_organelle            ? 
_entity_src_gen.pdbx_gene_src_cell                 ? 
_entity_src_gen.pdbx_gene_src_cellular_location    ? 
_entity_src_gen.host_org_common_name               ? 
_entity_src_gen.pdbx_host_org_scientific_name      'Escherichia coli' 
_entity_src_gen.pdbx_host_org_ncbi_taxonomy_id     562 
_entity_src_gen.host_org_genus                     ? 
_entity_src_gen.pdbx_host_org_gene                 ? 
_entity_src_gen.pdbx_host_org_organ                ? 
_entity_src_gen.host_org_species                   ? 
_entity_src_gen.pdbx_host_org_tissue               ? 
_entity_src_gen.pdbx_host_org_tissue_fraction      ? 
_entity_src_gen.pdbx_host_org_strain               ? 
_entity_src_gen.pdbx_host_org_variant              ? 
_entity_src_gen.pdbx_host_org_cell_line            ? 
_entity_src_gen.pdbx_host_org_atcc                 ? 
_entity_src_gen.pdbx_host_org_culture_collection   ? 
_entity_src_gen.pdbx_host_org_cell                 ? 
_entity_src_gen.pdbx_host_org_organelle            ? 
_entity_src_gen.pdbx_host_org_cellular_location    ? 
_entity_src_gen.pdbx_host_org_vector_type          ? 
_entity_src_gen.pdbx_host_org_vector               ? 
_entity_src_gen.host_org_details                   ? 
_entity_src_gen.expression_system_id               ? 
_entity_src_gen.plasmid_name                       ? 
_entity_src_gen.plasmid_details                    ? 
_entity_src_gen.pdbx_description                   ? 
# 
loop_
_chem_comp.id 
_chem_comp.type 
_chem_comp.mon_nstd_flag 
_chem_comp.name 
_chem_comp.pdbx_synonyms 
_chem_comp.formula 
_chem_comp.formula_weight 
ALA 'L-peptide linking' y ALANINE         ? 'C3 H7 N O2'     89.093  
ARG 'L-peptide linking' y ARGININE        ? 'C6 H15 N4 O2 1' 175.209 
ASN 'L-peptide linking' y ASPARAGINE      ? 'C4 H8 N2 O3'    132.118 
ASP 'L-peptide linking' y 'ASPARTIC ACID' ? 'C4 H7 N O4'     133.103 
CYS 'L-peptide linking' y CYSTEINE        ? 'C3 H7 N O2 S'   121.158 
GLN 'L-peptide linking' y GLUTAMINE       ? 'C5 H10 N2 O3'   146.144 
GLU 'L-peptide linking' y 'GLUTAMIC ACID' ? 'C5 H9 N O4'     147.129 
GLY 'peptide linking'   y GLYCINE         ? 'C2 H5 N O2'     75.067  
HIS 'L-peptide linking' y HISTIDINE       ? 'C6 H10 N3 O2 1' 156.162 
HOH non-polymer         . WATER           ? 'H2 O'           18.015  
ILE 'L-peptide linking' y ISOLEUCINE      ? 'C6 H13 N O2'    131.173 
LEU 'L-peptide linking' y LEUCINE         ? 'C6 H13 N O2'    131.173 
LYS 'L-peptide linking' y LYSINE          ? 'C6 H15 N2 O2 1' 147.195 
MET 'L-peptide linking' y METHIONINE      ? 'C5 H11 N O2 S'  149.211 
PHE 'L-peptide linking' y PHENYLALANINE   ? 'C9 H11 N O2'    165.189 
PRO 'L-peptide linking' y PROLINE         ? 'C5 H9 N O2'     115.130 
SER 'L-peptide linking' y SERINE          ? 'C3 H7 N O3'     105.093 
THR 'L-peptide linking' y THREONINE       ? 'C4 H9 N O3'     119.119 
TRP 'L-peptide linking' y TRYPTOPHAN      ? 'C11 H12 N2 O2'  204.225 
TYR 'L-peptide linking' y TYROSINE        ? 'C9 H11 N O3'    181.189 
VAL 'L-peptide linking' y VALINE          ? 'C5 H11 N O2'    117.146 
# 
loop_
_pdbx_poly_seq_scheme.asym_id 
_pdbx_poly_seq_scheme.entity_id 
_pdbx_poly_seq_scheme.seq_id 
_pdbx_poly_seq_scheme.mon_id 
_pdbx_poly_seq_scheme.ndb_seq_num 
_pdbx_poly_seq_scheme.pdb_seq_num 
_pdbx_poly_seq_scheme.auth_seq_num 
_pdbx_poly_seq_scheme.pdb_mon_id 
_pdbx_poly_seq_scheme.auth_mon_id 
_pdbx_poly_seq_scheme.pdb_strand_id 
_pdbx_poly_seq_scheme.pdb_ins_code 
_pdbx_poly_seq_scheme.hetero 
A 1 1   GLY 1   1   1   GLY GLY A . n 
A 1 2   VAL 2   2   2   VAL VAL A . n 
A 1 3   GLN 3   3   3   GLN GLN A . n 
A 1 4   VAL 4   4   4   VAL VAL A . n 
A 1 5   GLU 5   5   5   GLU GLU A . n 
A 1 6   THR 6   6   6   THR THR A . n 
A 1 7   ILE 7   7   7   ILE ILE A . n 
A 1 8   SER 8   8   8   SER SER A . n 
A 1 9   PRO 9   9   9   PRO PRO A . n 
A 1 10  GLY 10  10  10  GLY GLY A . n 
A 1 11  ASP 11  11  11  ASP ASP A . n 
A 1 12  GLY 12  12  12  GLY GLY A . n 
A 1 13  ARG 13  13  13  ARG ARG A . n 
A 1 14  THR 14  14  14  THR THR A . n 
A 1 15  PHE 15  15  15  PHE PHE A . n 
A 1 16  PRO 16  16  16  PRO PRO A . n 
A 1 17  LYS 17  17  17  LYS LYS A . n 
A 1 18  ARG 18  18  18  ARG ARG A . n 
A 1 19  GLY 19  19  19  GLY GLY A . n 
A 1 20  GLN 20  20  20  GLN GLN A . n 
A 1 21  THR 21  21  21  THR THR A . n 
A 1 22  CYS 22  22  22  CYS CYS A . n 
A 1 23  VAL 23  23  23  VAL VAL A . n 
A 1 24  VAL 24  24  24  VAL VAL A . n 
A 1 25  HIS 25  25  25  HIS HIS A . n 
A 1 26  TYR 26  26  26  TYR TYR A . n 
A 1 27  THR 27  27  27  THR THR A . n 
A 1 28  GLY 28  28  28  GLY GLY A . n 
A 1 29  MET 29  29  29  MET MET A . n 
A 1 30  LEU 30  30  30  LEU LEU A . n 
A 1 31  GLU 31  31  31  GLU GLU A . n 
A 1 32  ASP 32  32  32  ASP ASP A . n 
A 1 33  GLY 33  33  33  GLY GLY A . n 
A 1 34  LYS 34  34  34  LYS LYS A . n 
A 1 35  LYS 35  35  35  LYS LYS A . n 
A 1 36  PHE 36  36  36  PHE PHE A . n 
A 1 37  ASP 37  37  37  ASP ASP A . n 
A 1 38  SER 38  38  38  SER SER A . n 
A 1 39  SER 39  39  39  SER SER A . n 
A 1 40  ARG 40  40  40  ARG ARG A . n 
A 1 41  ASP 41  41  41  ASP ASP A . n 
A 1 42  ARG 42  42  42  ARG ARG A . n 
A 1 43  ASN 43  43  43  ASN ASN A . n 
A 1 44  LYS 44  44  44  LYS LYS A . n 
A 1 45  PRO 45  45  45  PRO PRO A . n 
A 1 46  PHE 46  46  46  PHE PHE A . n 
A 1 47  LYS 47  47  47  LYS LYS A . n 
A 1 48  PHE 48  48  48  PHE PHE A . n 
A 1 49  MET 49  49  49  MET MET A . n 
A 1 50  LEU 50  50  50  LEU LEU A . n 
A 1 51  GLY 51  51  51  GLY GLY A . n 
A 1 52  LYS 52  52  52  LYS LYS A . n 
A 1 53  GLN 53  53  53  GLN GLN A . n 
A 1 54  GLU 54  54  54  GLU GLU A . n 
A 1 55  VAL 55  55  55  VAL VAL A . n 
A 1 56  ILE 56  56  56  ILE ILE A . n 
A 1 57  ARG 57  57  57  ARG ARG A . n 
A 1 58  GLY 58  58  58  GLY GLY A . n 
A 1 59  TRP 59  59  59  TRP TRP A . n 
A 1 60  GLU 60  60  60  GLU GLU A . n 
A 1 61  GLU 61  61  61  GLU GLU A . n 
A 1 62  GLY 62  62  62  GLY GLY A . n 
A 1 63  VAL 63  63  63  VAL VAL A . n 
A 1 64  ALA 64  64  64  ALA ALA A . n 
A 1 65  GLN 65  65  65  GLN GLN A . n 
A 1 66  MET 66  66  66  MET MET A . n 
A 1 67  SER 67  67  67  SER SER A . n 
A 1 68  VAL 68  68  68  VAL VAL A . n 
A 1 69  GLY 69  69  69  GLY GLY A . n 
A 1 70  GLN 70  70  70  GLN GLN A . n 
A 1 71  ARG 71  71  71  ARG ARG A . n 
A 1 72  ALA 72  72  72  ALA ALA A . n 
A 1 73  LYS 73  73  73  LYS LYS A . n 
A 1 74  LEU 74  74  74  LEU LEU A . n 
A 1 75  THR 75  75  75  THR THR A . n 
A 1 76  ILE 76  76  76  ILE ILE A . n 
A 1 77  SER 77  77  77  SER SER A . n 
A 1 78  PRO 78  78  78  PRO PRO A . n 
A 1 79  ASP 79  79  79  ASP ASP A . n 
A 1 80  TYR 80  80  80  TYR TYR A . n 
A 1 81  ALA 81  81  81  ALA ALA A . n 
A 1 82  TYR 82  82  82  TYR TYR A . n 
A 1 83  GLY 83  83  83  GLY GLY A . n 
A 1 84  ALA 84  84  84  ALA ALA A . n 
A 1 85  THR 85  85  85  THR THR A . n 
A 1 86  GLY 86  86  86  GLY GLY A . n 
A 1 87  HIS 87  87  87  HIS HIS A . n 
A 1 88  PRO 88  88  88  PRO PRO A . n 
A 1 89  GLY 89  89  89  GLY GLY A . n 
A 1 90  ILE 90  90  90  ILE ILE A . n 
A 1 91  ILE 91  91  91  ILE ILE A . n 
A 1 92  PRO 92  92  92  PRO PRO A . n 
A 1 93  PRO 93  93  93  PRO PRO A . n 
A 1 94  HIS 94  94  94  HIS HIS A . n 
A 1 95  ALA 95  95  95  ALA ALA A . n 
A 1 96  THR 96  96  96  THR THR A . n 
A 1 97  LEU 97  97  97  LEU LEU A . n 
A 1 98  VAL 98  98  98  VAL VAL A . n 
A 1 99  PHE 99  99  99  PHE PHE A . n 
A 1 100 ASP 100 100 100 ASP ASP A . n 
A 1 101 VAL 101 101 101 VAL VAL A . n 
A 1 102 GLU 102 102 102 GLU GLU A . n 
A 1 103 LEU 103 103 103 LEU LEU A . n 
A 1 104 LEU 104 104 104 LEU LEU A . n 
A 1 105 LYS 105 105 105 LYS LYS A . n 
A 1 106 LEU 106 106 106 LEU LEU A . n 
A 1 107 GLU 107 107 107 GLU GLU A . n 
# 
loop_
_pdbx_nonpoly_scheme.asym_id 
_pdbx_nonpoly_scheme.entity_id 
_pdbx_nonpoly_scheme.mon_id 
_pdbx_nonpoly_scheme.ndb_seq_num 
_pdbx_nonpoly_scheme.pdb_seq_num 
_pdbx_nonpoly_scheme.auth_seq_num 
_pdbx_nonpoly_scheme.pdb_mon_id 
_pdbx_nonpoly_scheme.auth_mon_id 
_pdbx_nonpoly_scheme.pdb_strand_id 
_pdbx_nonpoly_scheme.pdb_ins_code 
B 2 HOH 1   108 1001 HOH HOH A . 
B 2 HOH 2   109 1002 HOH HOH A . 
B 2 HOH 3   110 1003 HOH HOH A . 
B 2 HOH 4   111 1004 HOH HOH A . 
B 2 HOH 5   112 1005 HOH HOH A . 
B 2 HOH 6   113 1006 HOH HOH A . 
B 2 HOH 7   114 1007 HOH HOH A . 
B 2 HOH 8   115 1008 HOH HOH A . 
B 2 HOH 9   116 1009 HOH HOH A . 
B 2 HOH 10  117 1010 HOH HOH A . 
B 2 HOH 11  118 1011 HOH HOH A . 
B 2 HOH 12  119 1012 HOH HOH A . 
B 2 HOH 13  120 1013 HOH HOH A . 
B 2 HOH 14  121 1014 HOH HOH A . 
B 2 HOH 15  122 1015 HOH HOH A . 
B 2 HOH 16  123 1016 HOH HOH A . 
B 2 HOH 17  124 1017 HOH HOH A . 
B 2 HOH 18  125 1018 HOH HOH A . 
B 2 HOH 19  126 1019 HOH HOH A . 
B 2 HOH 20  127 1020 HOH HOH A . 
B 2 HOH 21  128 1021 HOH HOH A . 
B 2 HOH 22  129 1022 HOH HOH A . 
B 2 HOH 23  130 1023 HOH HOH A . 
B 2 HOH 24  131 1024 HOH HOH A . 
B 2 HOH 25  132 1025 HOH HOH A . 
B 2 HOH 26  133 1026 HOH HOH A . 
B 2 HOH 27  134 1027 HOH HOH A . 
B 2 HOH 28  135 1028 HOH HOH A . 
B 2 HOH 29  136 1029 HOH HOH A . 
B 2 HOH 30  137 1030 HOH HOH A . 
B 2 HOH 31  138 1031 HOH HOH A . 
B 2 HOH 32  139 1032 HOH HOH A . 
B 2 HOH 33  140 1033 HOH HOH A . 
B 2 HOH 34  141 1034 HOH HOH A . 
B 2 HOH 35  142 1035 HOH HOH A . 
B 2 HOH 36  143 1036 HOH HOH A . 
B 2 HOH 37  144 1037 HOH HOH A . 
B 2 HOH 38  145 1038 HOH HOH A . 
B 2 HOH 39  146 1039 HOH HOH A . 
B 2 HOH 40  147 1040 HOH HOH A . 
B 2 HOH 41  148 1041 HOH HOH A . 
B 2 HOH 42  149 1042 HOH HOH A . 
B 2 HOH 43  150 1043 HOH HOH A . 
B 2 HOH 44  151 1044 HOH HOH A . 
B 2 HOH 45  152 1045 HOH HOH A . 
B 2 HOH 46  153 1046 HOH HOH A . 
B 2 HOH 47  154 1047 HOH HOH A . 
B 2 HOH 48  155 1048 HOH HOH A . 
B 2 HOH 49  156 1049 HOH HOH A . 
B 2 HOH 50  157 1050 HOH HOH A . 
B 2 HOH 51  158 1051 HOH HOH A . 
B 2 HOH 52  159 1052 HOH HOH A . 
B 2 HOH 53  160 1053 HOH HOH A . 
B 2 HOH 54  161 1054 HOH HOH A . 
B 2 HOH 55  162 1055 HOH HOH A . 
B 2 HOH 56  163 1056 HOH HOH A . 
B 2 HOH 57  164 1057 HOH HOH A . 
B 2 HOH 58  165 1058 HOH HOH A . 
B 2 HOH 59  166 1059 HOH HOH A . 
B 2 HOH 60  167 1060 HOH HOH A . 
B 2 HOH 61  168 1061 HOH HOH A . 
B 2 HOH 62  169 1062 HOH HOH A . 
B 2 HOH 63  170 1063 HOH HOH A . 
B 2 HOH 64  171 1064 HOH HOH A . 
B 2 HOH 65  172 1065 HOH HOH A . 
B 2 HOH 66  173 1066 HOH HOH A . 
B 2 HOH 67  174 1067 HOH HOH A . 
B 2 HOH 68  175 1068 HOH HOH A . 
B 2 HOH 69  176 1069 HOH HOH A . 
B 2 HOH 70  177 1070 HOH HOH A . 
B 2 HOH 71  178 1071 HOH HOH A . 
B 2 HOH 72  179 1072 HOH HOH A . 
B 2 HOH 73  180 1073 HOH HOH A . 
B 2 HOH 74  181 1074 HOH HOH A . 
B 2 HOH 75  182 1075 HOH HOH A . 
B 2 HOH 76  183 1076 HOH HOH A . 
B 2 HOH 77  184 1077 HOH HOH A . 
B 2 HOH 78  185 1078 HOH HOH A . 
B 2 HOH 79  186 1079 HOH HOH A . 
B 2 HOH 80  187 1080 HOH HOH A . 
B 2 HOH 81  188 1081 HOH HOH A . 
B 2 HOH 82  189 1082 HOH HOH A . 
B 2 HOH 83  190 1083 HOH HOH A . 
B 2 HOH 84  191 1084 HOH HOH A . 
B 2 HOH 85  192 1085 HOH HOH A . 
B 2 HOH 86  193 1086 HOH HOH A . 
B 2 HOH 87  194 1087 HOH HOH A . 
B 2 HOH 88  195 1088 HOH HOH A . 
B 2 HOH 89  196 1089 HOH HOH A . 
B 2 HOH 90  197 1090 HOH HOH A . 
B 2 HOH 91  198 1091 HOH HOH A . 
B 2 HOH 92  199 1092 HOH HOH A . 
B 2 HOH 93  200 1093 HOH HOH A . 
B 2 HOH 94  201 1094 HOH HOH A . 
B 2 HOH 95  202 1095 HOH HOH A . 
B 2 HOH 96  203 1096 HOH HOH A . 
B 2 HOH 97  204 1097 HOH HOH A . 
B 2 HOH 98  205 1098 HOH HOH A . 
B 2 HOH 99  206 1099 HOH HOH A . 
B 2 HOH 100 207 1100 HOH HOH A . 
B 2 HOH 101 208 1101 HOH HOH A . 
B 2 HOH 102 209 1102 HOH HOH A . 
B 2 HOH 103 210 1103 HOH HOH A . 
B 2 HOH 104 211 1104 HOH HOH A . 
B 2 HOH 105 212 1105 HOH HOH A . 
B 2 HOH 106 213 1106 HOH HOH A . 
B 2 HOH 107 214 1107 HOH HOH A . 
B 2 HOH 108 215 1108 HOH HOH A . 
B 2 HOH 109 216 1109 HOH HOH A . 
B 2 HOH 110 217 1110 HOH HOH A . 
B 2 HOH 111 218 1111 HOH HOH A . 
B 2 HOH 112 219 1112 HOH HOH A . 
B 2 HOH 113 220 1113 HOH HOH A . 
B 2 HOH 114 221 1114 HOH HOH A . 
B 2 HOH 115 222 1115 HOH HOH A . 
B 2 HOH 116 223 1116 HOH HOH A . 
B 2 HOH 117 224 1117 HOH HOH A . 
B 2 HOH 118 225 1118 HOH HOH A . 
# 
loop_
_software.name 
_software.classification 
_software.version 
_software.citation_id 
_software.pdbx_ordinal 
ADSC      'data collection' Quantum ? 1 
MOLREP    phasing           CCP4    ? 2 
SHELXL-97 refinement        .       ? 3 
HKL-2000  'data reduction'  .       ? 4 
HKL-2000  'data scaling'    .       ? 5 
# 
_cell.entry_id           2PPN 
_cell.length_a           28.767 
_cell.length_b           62.700 
_cell.length_c           32.277 
_cell.angle_alpha        90.00 
_cell.angle_beta         113.66 
_cell.angle_gamma        90.00 
_cell.Z_PDB              2 
_cell.pdbx_unique_axis   ? 
_cell.length_a_esd       ? 
_cell.length_b_esd       ? 
_cell.length_c_esd       ? 
_cell.angle_alpha_esd    ? 
_cell.angle_beta_esd     ? 
_cell.angle_gamma_esd    ? 
# 
_symmetry.entry_id                         2PPN 
_symmetry.space_group_name_H-M             'P 1 21 1' 
_symmetry.pdbx_full_space_group_name_H-M   ? 
_symmetry.cell_setting                     ? 
_symmetry.Int_Tables_number                4 
_symmetry.space_group_name_Hall            ? 
# 
_exptl.entry_id          2PPN 
_exptl.method            'X-RAY DIFFRACTION' 
_exptl.crystals_number   1 
# 
_exptl_crystal.id                    1 
_exptl_crystal.density_meas          ? 
_exptl_crystal.density_Matthews      2.25 
_exptl_crystal.density_percent_sol   45.36 
_exptl_crystal.description           ? 
_exptl_crystal.F_000                 ? 
_exptl_crystal.preparation           ? 
# 
_exptl_crystal_grow.crystal_id      1 
_exptl_crystal_grow.method          'VAPOR DIFFUSION, HANGING DROP' 
_exptl_crystal_grow.temp            298 
_exptl_crystal_grow.temp_details    ? 
_exptl_crystal_grow.pH              7.0 
_exptl_crystal_grow.pdbx_details    
;1.9-2.1 M Sodium Maleonate  
50 mM DMSO 
Slow buffer exchange into 2.5 M 
Sodium Maleoneate no DMSO, 
in 10 minute steps for freezing, pH 7.0, VAPOR DIFFUSION, HANGING DROP, temperature 298K
;
_exptl_crystal_grow.pdbx_pH_range   . 
# 
_diffrn.id                     1 
_diffrn.ambient_temp           200 
_diffrn.ambient_temp_details   ? 
_diffrn.crystal_id             1 
# 
_diffrn_detector.diffrn_id              1 
_diffrn_detector.detector               CCD 
_diffrn_detector.type                   'ADSC QUANTUM 315' 
_diffrn_detector.pdbx_collection_date   2005-11-23 
_diffrn_detector.details                ? 
# 
_diffrn_radiation.diffrn_id                        1 
_diffrn_radiation.wavelength_id                    1 
_diffrn_radiation.pdbx_monochromatic_or_laue_m_l   M 
_diffrn_radiation.monochromator                    'Si 111 CHANNEL' 
_diffrn_radiation.pdbx_diffrn_protocol             'SINGLE WAVELENGTH' 
_diffrn_radiation.pdbx_scattering_type             x-ray 
# 
_diffrn_radiation_wavelength.id           1 
_diffrn_radiation_wavelength.wavelength   0.98 
_diffrn_radiation_wavelength.wt           1.0 
# 
_diffrn_source.diffrn_id                   1 
_diffrn_source.source                      SYNCHROTRON 
_diffrn_source.type                        'ALS BEAMLINE 8.2.2' 
_diffrn_source.pdbx_synchrotron_site       ALS 
_diffrn_source.pdbx_synchrotron_beamline   8.2.2 
_diffrn_source.pdbx_wavelength             ? 
_diffrn_source.pdbx_wavelength_list        0.98 
# 
_reflns.entry_id                     2PPN 
_reflns.observed_criterion_sigma_F   23.39 
_reflns.observed_criterion_sigma_I   8.9 
_reflns.d_resolution_high            0.92 
_reflns.d_resolution_low             50 
_reflns.number_all                   61906 
_reflns.number_obs                   61906 
_reflns.percent_possible_obs         96.4 
_reflns.pdbx_Rmerge_I_obs            0.079 
_reflns.pdbx_Rsym_value              0.079 
_reflns.pdbx_netI_over_sigmaI        8.9 
_reflns.B_iso_Wilson_estimate        10.9 
_reflns.pdbx_redundancy              3.3 
_reflns.R_free_details               ? 
_reflns.limit_h_max                  ? 
_reflns.limit_h_min                  ? 
_reflns.limit_k_max                  ? 
_reflns.limit_k_min                  ? 
_reflns.limit_l_max                  ? 
_reflns.limit_l_min                  ? 
_reflns.observed_criterion_F_max     ? 
_reflns.observed_criterion_F_min     ? 
_reflns.pdbx_chi_squared             ? 
_reflns.pdbx_scaling_rejects         ? 
_reflns.pdbx_diffrn_id               1 
_reflns.pdbx_ordinal                 1 
# 
_reflns_shell.d_res_high             0.92 
_reflns_shell.d_res_low              0.97 
_reflns_shell.percent_possible_all   96.4 
_reflns_shell.Rmerge_I_obs           0.18 
_reflns_shell.pdbx_Rsym_value        0.18 
_reflns_shell.meanI_over_sigI_obs    5.5 
_reflns_shell.pdbx_redundancy        2.4 
_reflns_shell.percent_possible_obs   ? 
_reflns_shell.number_unique_all      6955 
_reflns_shell.number_measured_all    ? 
_reflns_shell.number_measured_obs    ? 
_reflns_shell.number_unique_obs      ? 
_reflns_shell.pdbx_chi_squared       ? 
_reflns_shell.pdbx_diffrn_id         ? 
_reflns_shell.pdbx_ordinal           1 
# 
_refine.entry_id                                 2PPN 
_refine.ls_d_res_high                            0.92 
_refine.ls_d_res_low                             50 
_refine.pdbx_ls_sigma_F                          ? 
_refine.pdbx_ls_sigma_I                          5.5 
_refine.ls_number_reflns_all                     61906 
_refine.ls_number_reflns_obs                     61906 
_refine.ls_number_reflns_R_free                  3561 
_refine.ls_percent_reflns_obs                    98.6 
_refine.ls_R_factor_all                          0.213 
_refine.ls_R_factor_obs                          0.209 
_refine.ls_R_factor_R_work                       0.1685 
_refine.ls_R_factor_R_free                       0.1989 
_refine.ls_redundancy_reflns_obs                 ? 
_refine.pdbx_data_cutoff_high_absF               ? 
_refine.pdbx_data_cutoff_low_absF                ? 
_refine.ls_number_parameters                     ? 
_refine.ls_number_restraints                     ? 
_refine.ls_percent_reflns_R_free                 ? 
_refine.ls_R_factor_R_free_error                 ? 
_refine.ls_R_factor_R_free_error_details         ? 
_refine.pdbx_method_to_determine_struct          'MOLECULAR REPLACEMENT' 
_refine.pdbx_starting_model                      'DMSO Bound Wild Type FKBP12 structure from PDB' 
_refine.pdbx_ls_cross_valid_method               THROUGHOUT 
_refine.pdbx_R_Free_selection_details            random 
_refine.pdbx_stereochem_target_val_spec_case     ? 
_refine.pdbx_stereochemistry_target_values       'Engh & Huber' 
_refine.solvent_model_details                    ? 
_refine.solvent_model_param_bsol                 ? 
_refine.solvent_model_param_ksol                 ? 
_refine.occupancy_max                            ? 
_refine.occupancy_min                            ? 
_refine.pdbx_isotropic_thermal_model             Anisotropic 
_refine.B_iso_mean                               ? 
_refine.aniso_B[1][1]                            ? 
_refine.aniso_B[1][2]                            ? 
_refine.aniso_B[1][3]                            ? 
_refine.aniso_B[2][2]                            ? 
_refine.aniso_B[2][3]                            ? 
_refine.aniso_B[3][3]                            ? 
_refine.details                                  
;used anisotropic B factor     
refinement in Shelx
;
_refine.B_iso_min                                ? 
_refine.B_iso_max                                ? 
_refine.correlation_coeff_Fo_to_Fc               ? 
_refine.correlation_coeff_Fo_to_Fc_free          ? 
_refine.pdbx_solvent_vdw_probe_radii             ? 
_refine.pdbx_solvent_ion_probe_radii             ? 
_refine.pdbx_solvent_shrinkage_radii             ? 
_refine.overall_SU_R_Cruickshank_DPI             ? 
_refine.overall_SU_R_free                        ? 
_refine.overall_SU_ML                            ? 
_refine.overall_SU_B                             ? 
_refine.pdbx_overall_ESU_R_Free                  ? 
_refine.pdbx_data_cutoff_high_rms_absF           ? 
_refine.pdbx_overall_ESU_R                       ? 
_refine.ls_wR_factor_R_free                      ? 
_refine.ls_wR_factor_R_work                      ? 
_refine.overall_FOM_free_R_set                   ? 
_refine.overall_FOM_work_R_set                   ? 
_refine.pdbx_overall_phase_error                 ? 
_refine.pdbx_refine_id                           'X-RAY DIFFRACTION' 
_refine.pdbx_diffrn_id                           1 
_refine.pdbx_TLS_residual_ADP_flag               ? 
_refine.pdbx_overall_SU_R_free_Cruickshank_DPI   ? 
_refine.pdbx_overall_SU_R_Blow_DPI               ? 
_refine.pdbx_overall_SU_R_free_Blow_DPI          ? 
# 
_refine_analyze.entry_id                        2PPN 
_refine_analyze.Luzzati_coordinate_error_obs    0.12 
_refine_analyze.Luzzati_sigma_a_obs             ? 
_refine_analyze.Luzzati_d_res_low_obs           ? 
_refine_analyze.Luzzati_coordinate_error_free   ? 
_refine_analyze.Luzzati_sigma_a_free            ? 
_refine_analyze.Luzzati_d_res_low_free          ? 
_refine_analyze.number_disordered_residues      ? 
_refine_analyze.occupancy_sum_non_hydrogen      ? 
_refine_analyze.occupancy_sum_hydrogen          ? 
_refine_analyze.pdbx_Luzzati_d_res_high_obs     ? 
_refine_analyze.pdbx_refine_id                  'X-RAY DIFFRACTION' 
# 
_refine_hist.pdbx_refine_id                   'X-RAY DIFFRACTION' 
_refine_hist.cycle_id                         LAST 
_refine_hist.pdbx_number_atoms_protein        963 
_refine_hist.pdbx_number_atoms_nucleic_acid   0 
_refine_hist.pdbx_number_atoms_ligand         0 
_refine_hist.number_atoms_solvent             118 
_refine_hist.number_atoms_total               1081 
_refine_hist.d_res_high                       0.92 
_refine_hist.d_res_low                        50 
# 
loop_
_refine_ls_restr.type 
_refine_ls_restr.dev_ideal 
_refine_ls_restr.dev_ideal_target 
_refine_ls_restr.weight 
_refine_ls_restr.number 
_refine_ls_restr.pdbx_refine_id 
_refine_ls_restr.pdbx_restraint_function 
s_angle_d 1.152 ? ? ? 'X-RAY DIFFRACTION' ? 
s_bond_d  0.006 ? ? ? 'X-RAY DIFFRACTION' ? 
# 
_refine_ls_shell.pdbx_total_number_of_bins_used   ? 
_refine_ls_shell.d_res_high                       0.92 
_refine_ls_shell.d_res_low                        0.95 
_refine_ls_shell.number_reflns_R_work             ? 
_refine_ls_shell.R_factor_R_work                  ? 
_refine_ls_shell.percent_reflns_obs               96.4 
_refine_ls_shell.R_factor_R_free                  ? 
_refine_ls_shell.R_factor_R_free_error            ? 
_refine_ls_shell.percent_reflns_R_free            ? 
_refine_ls_shell.number_reflns_R_free             348 
_refine_ls_shell.number_reflns_all                ? 
_refine_ls_shell.R_factor_all                     ? 
_refine_ls_shell.number_reflns_obs                6955 
_refine_ls_shell.redundancy_reflns_obs            ? 
_refine_ls_shell.pdbx_refine_id                   'X-RAY DIFFRACTION' 
# 
_struct.entry_id                  2PPN 
_struct.title                     'Crystal structure of FKBP12' 
_struct.pdbx_model_details        ? 
_struct.pdbx_CASP_flag            ? 
_struct.pdbx_model_type_details   ? 
# 
_struct_keywords.entry_id        2PPN 
_struct_keywords.pdbx_keywords   ISOMERASE 
_struct_keywords.text            'high resolution protein structure, ISOMERASE' 
# 
loop_
_struct_asym.id 
_struct_asym.pdbx_blank_PDB_chainid_flag 
_struct_asym.pdbx_modified 
_struct_asym.entity_id 
_struct_asym.details 
A N N 1 ? 
B N N 2 ? 
# 
_struct_ref.id                         1 
_struct_ref.db_name                    UNP 
_struct_ref.db_code                    FKB1A_HUMAN 
_struct_ref.pdbx_db_accession          P62942 
_struct_ref.entity_id                  1 
_struct_ref.pdbx_seq_one_letter_code   
;GVQVETISPGDGRTFPKRGQTCVVHYTGMLEDGKKFDSSRDRNKPFKFMLGKQEVIRGWEEGVAQMSVGQRAKLTISPDY
AYGATGHPGIIPPHATLVFDVELLKLE
;
_struct_ref.pdbx_align_begin           2 
_struct_ref.pdbx_db_isoform            ? 
# 
_struct_ref_seq.align_id                      1 
_struct_ref_seq.ref_id                        1 
_struct_ref_seq.pdbx_PDB_id_code              2PPN 
_struct_ref_seq.pdbx_strand_id                A 
_struct_ref_seq.seq_align_beg                 1 
_struct_ref_seq.pdbx_seq_align_beg_ins_code   ? 
_struct_ref_seq.seq_align_end                 107 
_struct_ref_seq.pdbx_seq_align_end_ins_code   ? 
_struct_ref_seq.pdbx_db_accession             P62942 
_struct_ref_seq.db_align_beg                  2 
_struct_ref_seq.pdbx_db_align_beg_ins_code    ? 
_struct_ref_seq.db_align_end                  108 
_struct_ref_seq.pdbx_db_align_end_ins_code    ? 
_struct_ref_seq.pdbx_auth_seq_align_beg       1 
_struct_ref_seq.pdbx_auth_seq_align_end       107 
# 
_pdbx_struct_assembly.id                   1 
_pdbx_struct_assembly.details              author_defined_assembly 
_pdbx_struct_assembly.method_details       ? 
_pdbx_struct_assembly.oligomeric_details   monomeric 
_pdbx_struct_assembly.oligomeric_count     1 
# 
_pdbx_struct_assembly_gen.assembly_id       1 
_pdbx_struct_assembly_gen.oper_expression   1 
_pdbx_struct_assembly_gen.asym_id_list      A,B 
# 
_pdbx_struct_oper_list.id                   1 
_pdbx_struct_oper_list.type                 'identity operation' 
_pdbx_struct_oper_list.name                 1_555 
_pdbx_struct_oper_list.symmetry_operation   x,y,z 
_pdbx_struct_oper_list.matrix[1][1]         1.0000000000 
_pdbx_struct_oper_list.matrix[1][2]         0.0000000000 
_pdbx_struct_oper_list.matrix[1][3]         0.0000000000 
_pdbx_struct_oper_list.vector[1]            0.0000000000 
_pdbx_struct_oper_list.matrix[2][1]         0.0000000000 
_pdbx_struct_oper_list.matrix[2][2]         1.0000000000 
_pdbx_struct_oper_list.matrix[2][3]         0.0000000000 
_pdbx_struct_oper_list.vector[2]            0.0000000000 
_pdbx_struct_oper_list.matrix[3][1]         0.0000000000 
_pdbx_struct_oper_list.matrix[3][2]         0.0000000000 
_pdbx_struct_oper_list.matrix[3][3]         1.0000000000 
_pdbx_struct_oper_list.vector[3]            0.0000000000 
# 
_struct_biol.id        1 
_struct_biol.details   ? 
# 
loop_
_struct_conf.conf_type_id 
_struct_conf.id 
_struct_conf.pdbx_PDB_helix_id 
_struct_conf.beg_label_comp_id 
_struct_conf.beg_label_asym_id 
_struct_conf.beg_label_seq_id 
_struct_conf.pdbx_beg_PDB_ins_code 
_struct_conf.end_label_comp_id 
_struct_conf.end_label_asym_id 
_struct_conf.end_label_seq_id 
_struct_conf.pdbx_end_PDB_ins_code 
_struct_conf.beg_auth_comp_id 
_struct_conf.beg_auth_asym_id 
_struct_conf.beg_auth_seq_id 
_struct_conf.end_auth_comp_id 
_struct_conf.end_auth_asym_id 
_struct_conf.end_auth_seq_id 
_struct_conf.pdbx_PDB_helix_class 
_struct_conf.details 
_struct_conf.pdbx_PDB_helix_length 
HELX_P HELX_P1 1 SER A 39 ? ASN A 43 ? SER A 39 ASN A 43 1 ? 5 
HELX_P HELX_P2 2 ILE A 56 ? ALA A 64 ? ILE A 56 ALA A 64 1 ? 9 
HELX_P HELX_P3 3 PRO A 78 ? ALA A 81 ? PRO A 78 ALA A 81 5 ? 4 
# 
_struct_conf_type.id          HELX_P 
_struct_conf_type.criteria    ? 
_struct_conf_type.reference   ? 
# 
loop_
_struct_sheet.id 
_struct_sheet.type 
_struct_sheet.number_strands 
_struct_sheet.details 
A ? 5 ? 
B ? 5 ? 
# 
loop_
_struct_sheet_order.sheet_id 
_struct_sheet_order.range_id_1 
_struct_sheet_order.range_id_2 
_struct_sheet_order.offset 
_struct_sheet_order.sense 
A 1 2 ? anti-parallel 
A 2 3 ? anti-parallel 
A 3 4 ? anti-parallel 
A 4 5 ? anti-parallel 
B 1 2 ? anti-parallel 
B 2 3 ? anti-parallel 
B 3 4 ? anti-parallel 
B 4 5 ? anti-parallel 
# 
loop_
_struct_sheet_range.sheet_id 
_struct_sheet_range.id 
_struct_sheet_range.beg_label_comp_id 
_struct_sheet_range.beg_label_asym_id 
_struct_sheet_range.beg_label_seq_id 
_struct_sheet_range.pdbx_beg_PDB_ins_code 
_struct_sheet_range.end_label_comp_id 
_struct_sheet_range.end_label_asym_id 
_struct_sheet_range.end_label_seq_id 
_struct_sheet_range.pdbx_end_PDB_ins_code 
_struct_sheet_range.beg_auth_comp_id 
_struct_sheet_range.beg_auth_asym_id 
_struct_sheet_range.beg_auth_seq_id 
_struct_sheet_range.end_auth_comp_id 
_struct_sheet_range.end_auth_asym_id 
_struct_sheet_range.end_auth_seq_id 
A 1 VAL A 2  ? SER A 8   ? VAL A 2  SER A 8   
A 2 ARG A 71 ? ILE A 76  ? ARG A 71 ILE A 76  
A 3 LEU A 97 ? GLU A 107 ? LEU A 97 GLU A 107 
A 4 THR A 21 ? LEU A 30  ? THR A 21 LEU A 30  
A 5 LYS A 35 ? SER A 38  ? LYS A 35 SER A 38  
B 1 VAL A 2  ? SER A 8   ? VAL A 2  SER A 8   
B 2 ARG A 71 ? ILE A 76  ? ARG A 71 ILE A 76  
B 3 LEU A 97 ? GLU A 107 ? LEU A 97 GLU A 107 
B 4 THR A 21 ? LEU A 30  ? THR A 21 LEU A 30  
B 5 PHE A 46 ? MET A 49  ? PHE A 46 MET A 49  
# 
loop_
_pdbx_struct_sheet_hbond.sheet_id 
_pdbx_struct_sheet_hbond.range_id_1 
_pdbx_struct_sheet_hbond.range_id_2 
_pdbx_struct_sheet_hbond.range_1_label_atom_id 
_pdbx_struct_sheet_hbond.range_1_label_comp_id 
_pdbx_struct_sheet_hbond.range_1_label_asym_id 
_pdbx_struct_sheet_hbond.range_1_label_seq_id 
_pdbx_struct_sheet_hbond.range_1_PDB_ins_code 
_pdbx_struct_sheet_hbond.range_1_auth_atom_id 
_pdbx_struct_sheet_hbond.range_1_auth_comp_id 
_pdbx_struct_sheet_hbond.range_1_auth_asym_id 
_pdbx_struct_sheet_hbond.range_1_auth_seq_id 
_pdbx_struct_sheet_hbond.range_2_label_atom_id 
_pdbx_struct_sheet_hbond.range_2_label_comp_id 
_pdbx_struct_sheet_hbond.range_2_label_asym_id 
_pdbx_struct_sheet_hbond.range_2_label_seq_id 
_pdbx_struct_sheet_hbond.range_2_PDB_ins_code 
_pdbx_struct_sheet_hbond.range_2_auth_atom_id 
_pdbx_struct_sheet_hbond.range_2_auth_comp_id 
_pdbx_struct_sheet_hbond.range_2_auth_asym_id 
_pdbx_struct_sheet_hbond.range_2_auth_seq_id 
A 1 2 N GLU A 5   ? N GLU A 5   O LYS A 73 ? O LYS A 73 
A 2 3 N ILE A 76  ? N ILE A 76  O LEU A 97 ? O LEU A 97 
A 3 4 O GLU A 102 ? O GLU A 102 N HIS A 25 ? N HIS A 25 
A 4 5 N GLY A 28  ? N GLY A 28  O ASP A 37 ? O ASP A 37 
B 1 2 N GLU A 5   ? N GLU A 5   O LYS A 73 ? O LYS A 73 
B 2 3 N ILE A 76  ? N ILE A 76  O LEU A 97 ? O LEU A 97 
B 3 4 O GLU A 102 ? O GLU A 102 N HIS A 25 ? N HIS A 25 
B 4 5 N CYS A 22  ? N CYS A 22  O PHE A 48 ? O PHE A 48 
# 
_pdbx_validate_rmsd_bond.id                        1 
_pdbx_validate_rmsd_bond.PDB_model_num             1 
_pdbx_validate_rmsd_bond.auth_atom_id_1            CZ 
_pdbx_validate_rmsd_bond.auth_asym_id_1            A 
_pdbx_validate_rmsd_bond.auth_comp_id_1            ARG 
_pdbx_validate_rmsd_bond.auth_seq_id_1             40 
_pdbx_validate_rmsd_bond.PDB_ins_code_1            ? 
_pdbx_validate_rmsd_bond.label_alt_id_1            A 
_pdbx_validate_rmsd_bond.auth_atom_id_2            NH2 
_pdbx_validate_rmsd_bond.auth_asym_id_2            A 
_pdbx_validate_rmsd_bond.auth_comp_id_2            ARG 
_pdbx_validate_rmsd_bond.auth_seq_id_2             40 
_pdbx_validate_rmsd_bond.PDB_ins_code_2            ? 
_pdbx_validate_rmsd_bond.label_alt_id_2            A 
_pdbx_validate_rmsd_bond.bond_value                1.437 
_pdbx_validate_rmsd_bond.bond_target_value         1.326 
_pdbx_validate_rmsd_bond.bond_deviation            0.111 
_pdbx_validate_rmsd_bond.bond_standard_deviation   0.013 
_pdbx_validate_rmsd_bond.linker_flag               N 
# 
loop_
_pdbx_validate_rmsd_angle.id 
_pdbx_validate_rmsd_angle.PDB_model_num 
_pdbx_validate_rmsd_angle.auth_atom_id_1 
_pdbx_validate_rmsd_angle.auth_asym_id_1 
_pdbx_validate_rmsd_angle.auth_comp_id_1 
_pdbx_validate_rmsd_angle.auth_seq_id_1 
_pdbx_validate_rmsd_angle.PDB_ins_code_1 
_pdbx_validate_rmsd_angle.label_alt_id_1 
_pdbx_validate_rmsd_angle.auth_atom_id_2 
_pdbx_validate_rmsd_angle.auth_asym_id_2 
_pdbx_validate_rmsd_angle.auth_comp_id_2 
_pdbx_validate_rmsd_angle.auth_seq_id_2 
_pdbx_validate_rmsd_angle.PDB_ins_code_2 
_pdbx_validate_rmsd_angle.label_alt_id_2 
_pdbx_validate_rmsd_angle.auth_atom_id_3 
_pdbx_validate_rmsd_angle.auth_asym_id_3 
_pdbx_validate_rmsd_angle.auth_comp_id_3 
_pdbx_validate_rmsd_angle.auth_seq_id_3 
_pdbx_validate_rmsd_angle.PDB_ins_code_3 
_pdbx_validate_rmsd_angle.label_alt_id_3 
_pdbx_validate_rmsd_angle.angle_value 
_pdbx_validate_rmsd_angle.angle_target_value 
_pdbx_validate_rmsd_angle.angle_deviation 
_pdbx_validate_rmsd_angle.angle_standard_deviation 
_pdbx_validate_rmsd_angle.linker_flag 
1 1 NE  A ARG 13 ? ? CZ A ARG 13 ? ? NH2 A ARG 13 ? ? 116.41 120.30 -3.89 0.50 N 
2 1 NH1 A ARG 18 ? B CZ A ARG 18 ? B NH2 A ARG 18 ? B 127.77 119.40 8.37  1.10 N 
3 1 NE  A ARG 18 ? B CZ A ARG 18 ? B NH2 A ARG 18 ? B 113.66 120.30 -6.64 0.50 N 
4 1 OE1 A GLU 31 ? A CD A GLU 31 ? A OE2 A GLU 31 ? A 131.84 123.30 8.54  1.20 N 
5 1 NE  A ARG 40 ? A CZ A ARG 40 ? A NH1 A ARG 40 ? A 111.45 120.30 -8.85 0.50 N 
6 1 NE  A ARG 40 ? A CZ A ARG 40 ? A NH2 A ARG 40 ? A 131.84 120.30 11.54 0.50 N 
# 
loop_
_pdbx_validate_torsion.id 
_pdbx_validate_torsion.PDB_model_num 
_pdbx_validate_torsion.auth_comp_id 
_pdbx_validate_torsion.auth_asym_id 
_pdbx_validate_torsion.auth_seq_id 
_pdbx_validate_torsion.PDB_ins_code 
_pdbx_validate_torsion.label_alt_id 
_pdbx_validate_torsion.phi 
_pdbx_validate_torsion.psi 
1 1 ARG A 13 ? ? -136.33 -32.94  
2 1 ALA A 81 ? ? -132.83 -111.46 
# 
loop_
_chem_comp_atom.comp_id 
_chem_comp_atom.atom_id 
_chem_comp_atom.type_symbol 
_chem_comp_atom.pdbx_aromatic_flag 
_chem_comp_atom.pdbx_stereo_config 
_chem_comp_atom.pdbx_ordinal 
ALA N    N N N 1   
ALA CA   C N S 2   
ALA C    C N N 3   
ALA O    O N N 4   
ALA CB   C N N 5   
ALA OXT  O N N 6   
ALA H    H N N 7   
ALA H2   H N N 8   
ALA HA   H N N 9   
ALA HB1  H N N 10  
ALA HB2  H N N 11  
ALA HB3  H N N 12  
ALA HXT  H N N 13  
ARG N    N N N 14  
ARG CA   C N S 15  
ARG C    C N N 16  
ARG O    O N N 17  
ARG CB   C N N 18  
ARG CG   C N N 19  
ARG CD   C N N 20  
ARG NE   N N N 21  
ARG CZ   C N N 22  
ARG NH1  N N N 23  
ARG NH2  N N N 24  
ARG OXT  O N N 25  
ARG H    H N N 26  
ARG H2   H N N 27  
ARG HA   H N N 28  
ARG HB2  H N N 29  
ARG HB3  H N N 30  
ARG HG2  H N N 31  
ARG HG3  H N N 32  
ARG HD2  H N N 33  
ARG HD3  H N N 34  
ARG HE   H N N 35  
ARG HH11 H N N 36  
ARG HH12 H N N 37  
ARG HH21 H N N 38  
ARG HH22 H N N 39  
ARG HXT  H N N 40  
ASN N    N N N 41  
ASN CA   C N S 42  
ASN C    C N N 43  
ASN O    O N N 44  
ASN CB   C N N 45  
ASN CG   C N N 46  
ASN OD1  O N N 47  
ASN ND2  N N N 48  
ASN OXT  O N N 49  
ASN H    H N N 50  
ASN H2   H N N 51  
ASN HA   H N N 52  
ASN HB2  H N N 53  
ASN HB3  H N N 54  
ASN HD21 H N N 55  
ASN HD22 H N N 56  
ASN HXT  H N N 57  
ASP N    N N N 58  
ASP CA   C N S 59  
ASP C    C N N 60  
ASP O    O N N 61  
ASP CB   C N N 62  
ASP CG   C N N 63  
ASP OD1  O N N 64  
ASP OD2  O N N 65  
ASP OXT  O N N 66  
ASP H    H N N 67  
ASP H2   H N N 68  
ASP HA   H N N 69  
ASP HB2  H N N 70  
ASP HB3  H N N 71  
ASP HD2  H N N 72  
ASP HXT  H N N 73  
CYS N    N N N 74  
CYS CA   C N R 75  
CYS C    C N N 76  
CYS O    O N N 77  
CYS CB   C N N 78  
CYS SG   S N N 79  
CYS OXT  O N N 80  
CYS H    H N N 81  
CYS H2   H N N 82  
CYS HA   H N N 83  
CYS HB2  H N N 84  
CYS HB3  H N N 85  
CYS HG   H N N 86  
CYS HXT  H N N 87  
GLN N    N N N 88  
GLN CA   C N S 89  
GLN C    C N N 90  
GLN O    O N N 91  
GLN CB   C N N 92  
GLN CG   C N N 93  
GLN CD   C N N 94  
GLN OE1  O N N 95  
GLN NE2  N N N 96  
GLN OXT  O N N 97  
GLN H    H N N 98  
GLN H2   H N N 99  
GLN HA   H N N 100 
GLN HB2  H N N 101 
GLN HB3  H N N 102 
GLN HG2  H N N 103 
GLN HG3  H N N 104 
GLN HE21 H N N 105 
GLN HE22 H N N 106 
GLN HXT  H N N 107 
GLU N    N N N 108 
GLU CA   C N S 109 
GLU C    C N N 110 
GLU O    O N N 111 
GLU CB   C N N 112 
GLU CG   C N N 113 
GLU CD   C N N 114 
GLU OE1  O N N 115 
GLU OE2  O N N 116 
GLU OXT  O N N 117 
GLU H    H N N 118 
GLU H2   H N N 119 
GLU HA   H N N 120 
GLU HB2  H N N 121 
GLU HB3  H N N 122 
GLU HG2  H N N 123 
GLU HG3  H N N 124 
GLU HE2  H N N 125 
GLU HXT  H N N 126 
GLY N    N N N 127 
GLY CA   C N N 128 
GLY C    C N N 129 
GLY O    O N N 130 
GLY OXT  O N N 131 
GLY H    H N N 132 
GLY H2   H N N 133 
GLY HA2  H N N 134 
GLY HA3  H N N 135 
GLY HXT  H N N 136 
HIS N    N N N 137 
HIS CA   C N S 138 
HIS C    C N N 139 
HIS O    O N N 140 
HIS CB   C N N 141 
HIS CG   C Y N 142 
HIS ND1  N Y N 143 
HIS CD2  C Y N 144 
HIS CE1  C Y N 145 
HIS NE2  N Y N 146 
HIS OXT  O N N 147 
HIS H    H N N 148 
HIS H2   H N N 149 
HIS HA   H N N 150 
HIS HB2  H N N 151 
HIS HB3  H N N 152 
HIS HD1  H N N 153 
HIS HD2  H N N 154 
HIS HE1  H N N 155 
HIS HE2  H N N 156 
HIS HXT  H N N 157 
HOH O    O N N 158 
HOH H1   H N N 159 
HOH H2   H N N 160 
ILE N    N N N 161 
ILE CA   C N S 162 
ILE C    C N N 163 
ILE O    O N N 164 
ILE CB   C N S 165 
ILE CG1  C N N 166 
ILE CG2  C N N 167 
ILE CD1  C N N 168 
ILE OXT  O N N 169 
ILE H    H N N 170 
ILE H2   H N N 171 
ILE HA   H N N 172 
ILE HB   H N N 173 
ILE HG12 H N N 174 
ILE HG13 H N N 175 
ILE HG21 H N N 176 
ILE HG22 H N N 177 
ILE HG23 H N N 178 
ILE HD11 H N N 179 
ILE HD12 H N N 180 
ILE HD13 H N N 181 
ILE HXT  H N N 182 
LEU N    N N N 183 
LEU CA   C N S 184 
LEU C    C N N 185 
LEU O    O N N 186 
LEU CB   C N N 187 
LEU CG   C N N 188 
LEU CD1  C N N 189 
LEU CD2  C N N 190 
LEU OXT  O N N 191 
LEU H    H N N 192 
LEU H2   H N N 193 
LEU HA   H N N 194 
LEU HB2  H N N 195 
LEU HB3  H N N 196 
LEU HG   H N N 197 
LEU HD11 H N N 198 
LEU HD12 H N N 199 
LEU HD13 H N N 200 
LEU HD21 H N N 201 
LEU HD22 H N N 202 
LEU HD23 H N N 203 
LEU HXT  H N N 204 
LYS N    N N N 205 
LYS CA   C N S 206 
LYS C    C N N 207 
LYS O    O N N 208 
LYS CB   C N N 209 
LYS CG   C N N 210 
LYS CD   C N N 211 
LYS CE   C N N 212 
LYS NZ   N N N 213 
LYS OXT  O N N 214 
LYS H    H N N 215 
LYS H2   H N N 216 
LYS HA   H N N 217 
LYS HB2  H N N 218 
LYS HB3  H N N 219 
LYS HG2  H N N 220 
LYS HG3  H N N 221 
LYS HD2  H N N 222 
LYS HD3  H N N 223 
LYS HE2  H N N 224 
LYS HE3  H N N 225 
LYS HZ1  H N N 226 
LYS HZ2  H N N 227 
LYS HZ3  H N N 228 
LYS HXT  H N N 229 
MET N    N N N 230 
MET CA   C N S 231 
MET C    C N N 232 
MET O    O N N 233 
MET CB   C N N 234 
MET CG   C N N 235 
MET SD   S N N 236 
MET CE   C N N 237 
MET OXT  O N N 238 
MET H    H N N 239 
MET H2   H N N 240 
MET HA   H N N 241 
MET HB2  H N N 242 
MET HB3  H N N 243 
MET HG2  H N N 244 
MET HG3  H N N 245 
MET HE1  H N N 246 
MET HE2  H N N 247 
MET HE3  H N N 248 
MET HXT  H N N 249 
PHE N    N N N 250 
PHE CA   C N S 251 
PHE C    C N N 252 
PHE O    O N N 253 
PHE CB   C N N 254 
PHE CG   C Y N 255 
PHE CD1  C Y N 256 
PHE CD2  C Y N 257 
PHE CE1  C Y N 258 
PHE CE2  C Y N 259 
PHE CZ   C Y N 260 
PHE OXT  O N N 261 
PHE H    H N N 262 
PHE H2   H N N 263 
PHE HA   H N N 264 
PHE HB2  H N N 265 
PHE HB3  H N N 266 
PHE HD1  H N N 267 
PHE HD2  H N N 268 
PHE HE1  H N N 269 
PHE HE2  H N N 270 
PHE HZ   H N N 271 
PHE HXT  H N N 272 
PRO N    N N N 273 
PRO CA   C N S 274 
PRO C    C N N 275 
PRO O    O N N 276 
PRO CB   C N N 277 
PRO CG   C N N 278 
PRO CD   C N N 279 
PRO OXT  O N N 280 
PRO H    H N N 281 
PRO HA   H N N 282 
PRO HB2  H N N 283 
PRO HB3  H N N 284 
PRO HG2  H N N 285 
PRO HG3  H N N 286 
PRO HD2  H N N 287 
PRO HD3  H N N 288 
PRO HXT  H N N 289 
SER N    N N N 290 
SER CA   C N S 291 
SER C    C N N 292 
SER O    O N N 293 
SER CB   C N N 294 
SER OG   O N N 295 
SER OXT  O N N 296 
SER H    H N N 297 
SER H2   H N N 298 
SER HA   H N N 299 
SER HB2  H N N 300 
SER HB3  H N N 301 
SER HG   H N N 302 
SER HXT  H N N 303 
THR N    N N N 304 
THR CA   C N S 305 
THR C    C N N 306 
THR O    O N N 307 
THR CB   C N R 308 
THR OG1  O N N 309 
THR CG2  C N N 310 
THR OXT  O N N 311 
THR H    H N N 312 
THR H2   H N N 313 
THR HA   H N N 314 
THR HB   H N N 315 
THR HG1  H N N 316 
THR HG21 H N N 317 
THR HG22 H N N 318 
THR HG23 H N N 319 
THR HXT  H N N 320 
TRP N    N N N 321 
TRP CA   C N S 322 
TRP C    C N N 323 
TRP O    O N N 324 
TRP CB   C N N 325 
TRP CG   C Y N 326 
TRP CD1  C Y N 327 
TRP CD2  C Y N 328 
TRP NE1  N Y N 329 
TRP CE2  C Y N 330 
TRP CE3  C Y N 331 
TRP CZ2  C Y N 332 
TRP CZ3  C Y N 333 
TRP CH2  C Y N 334 
TRP OXT  O N N 335 
TRP H    H N N 336 
TRP H2   H N N 337 
TRP HA   H N N 338 
TRP HB2  H N N 339 
TRP HB3  H N N 340 
TRP HD1  H N N 341 
TRP HE1  H N N 342 
TRP HE3  H N N 343 
TRP HZ2  H N N 344 
TRP HZ3  H N N 345 
TRP HH2  H N N 346 
TRP HXT  H N N 347 
TYR N    N N N 348 
TYR CA   C N S 349 
TYR C    C N N 350 
TYR O    O N N 351 
TYR CB   C N N 352 
TYR CG   C Y N 353 
TYR CD1  C Y N 354 
TYR CD2  C Y N 355 
TYR CE1  C Y N 356 
TYR CE2  C Y N 357 
TYR CZ   C Y N 358 
TYR OH   O N N 359 
TYR OXT  O N N 360 
TYR H    H N N 361 
TYR H2   H N N 362 
TYR HA   H N N 363 
TYR HB2  H N N 364 
TYR HB3  H N N 365 
TYR HD1  H N N 366 
TYR HD2  H N N 367 
TYR HE1  H N N 368 
TYR HE2  H N N 369 
TYR HH   H N N 370 
TYR HXT  H N N 371 
VAL N    N N N 372 
VAL CA   C N S 373 
VAL C    C N N 374 
VAL O    O N N 375 
VAL CB   C N N 376 
VAL CG1  C N N 377 
VAL CG2  C N N 378 
VAL OXT  O N N 379 
VAL H    H N N 380 
VAL H2   H N N 381 
VAL HA   H N N 382 
VAL HB   H N N 383 
VAL HG11 H N N 384 
VAL HG12 H N N 385 
VAL HG13 H N N 386 
VAL HG21 H N N 387 
VAL HG22 H N N 388 
VAL HG23 H N N 389 
VAL HXT  H N N 390 
# 
loop_
_chem_comp_bond.comp_id 
_chem_comp_bond.atom_id_1 
_chem_comp_bond.atom_id_2 
_chem_comp_bond.value_order 
_chem_comp_bond.pdbx_aromatic_flag 
_chem_comp_bond.pdbx_stereo_config 
_chem_comp_bond.pdbx_ordinal 
ALA N   CA   sing N N 1   
ALA N   H    sing N N 2   
ALA N   H2   sing N N 3   
ALA CA  C    sing N N 4   
ALA CA  CB   sing N N 5   
ALA CA  HA   sing N N 6   
ALA C   O    doub N N 7   
ALA C   OXT  sing N N 8   
ALA CB  HB1  sing N N 9   
ALA CB  HB2  sing N N 10  
ALA CB  HB3  sing N N 11  
ALA OXT HXT  sing N N 12  
ARG N   CA   sing N N 13  
ARG N   H    sing N N 14  
ARG N   H2   sing N N 15  
ARG CA  C    sing N N 16  
ARG CA  CB   sing N N 17  
ARG CA  HA   sing N N 18  
ARG C   O    doub N N 19  
ARG C   OXT  sing N N 20  
ARG CB  CG   sing N N 21  
ARG CB  HB2  sing N N 22  
ARG CB  HB3  sing N N 23  
ARG CG  CD   sing N N 24  
ARG CG  HG2  sing N N 25  
ARG CG  HG3  sing N N 26  
ARG CD  NE   sing N N 27  
ARG CD  HD2  sing N N 28  
ARG CD  HD3  sing N N 29  
ARG NE  CZ   sing N N 30  
ARG NE  HE   sing N N 31  
ARG CZ  NH1  sing N N 32  
ARG CZ  NH2  doub N N 33  
ARG NH1 HH11 sing N N 34  
ARG NH1 HH12 sing N N 35  
ARG NH2 HH21 sing N N 36  
ARG NH2 HH22 sing N N 37  
ARG OXT HXT  sing N N 38  
ASN N   CA   sing N N 39  
ASN N   H    sing N N 40  
ASN N   H2   sing N N 41  
ASN CA  C    sing N N 42  
ASN CA  CB   sing N N 43  
ASN CA  HA   sing N N 44  
ASN C   O    doub N N 45  
ASN C   OXT  sing N N 46  
ASN CB  CG   sing N N 47  
ASN CB  HB2  sing N N 48  
ASN CB  HB3  sing N N 49  
ASN CG  OD1  doub N N 50  
ASN CG  ND2  sing N N 51  
ASN ND2 HD21 sing N N 52  
ASN ND2 HD22 sing N N 53  
ASN OXT HXT  sing N N 54  
ASP N   CA   sing N N 55  
ASP N   H    sing N N 56  
ASP N   H2   sing N N 57  
ASP CA  C    sing N N 58  
ASP CA  CB   sing N N 59  
ASP CA  HA   sing N N 60  
ASP C   O    doub N N 61  
ASP C   OXT  sing N N 62  
ASP CB  CG   sing N N 63  
ASP CB  HB2  sing N N 64  
ASP CB  HB3  sing N N 65  
ASP CG  OD1  doub N N 66  
ASP CG  OD2  sing N N 67  
ASP OD2 HD2  sing N N 68  
ASP OXT HXT  sing N N 69  
CYS N   CA   sing N N 70  
CYS N   H    sing N N 71  
CYS N   H2   sing N N 72  
CYS CA  C    sing N N 73  
CYS CA  CB   sing N N 74  
CYS CA  HA   sing N N 75  
CYS C   O    doub N N 76  
CYS C   OXT  sing N N 77  
CYS CB  SG   sing N N 78  
CYS CB  HB2  sing N N 79  
CYS CB  HB3  sing N N 80  
CYS SG  HG   sing N N 81  
CYS OXT HXT  sing N N 82  
GLN N   CA   sing N N 83  
GLN N   H    sing N N 84  
GLN N   H2   sing N N 85  
GLN CA  C    sing N N 86  
GLN CA  CB   sing N N 87  
GLN CA  HA   sing N N 88  
GLN C   O    doub N N 89  
GLN C   OXT  sing N N 90  
GLN CB  CG   sing N N 91  
GLN CB  HB2  sing N N 92  
GLN CB  HB3  sing N N 93  
GLN CG  CD   sing N N 94  
GLN CG  HG2  sing N N 95  
GLN CG  HG3  sing N N 96  
GLN CD  OE1  doub N N 97  
GLN CD  NE2  sing N N 98  
GLN NE2 HE21 sing N N 99  
GLN NE2 HE22 sing N N 100 
GLN OXT HXT  sing N N 101 
GLU N   CA   sing N N 102 
GLU N   H    sing N N 103 
GLU N   H2   sing N N 104 
GLU CA  C    sing N N 105 
GLU CA  CB   sing N N 106 
GLU CA  HA   sing N N 107 
GLU C   O    doub N N 108 
GLU C   OXT  sing N N 109 
GLU CB  CG   sing N N 110 
GLU CB  HB2  sing N N 111 
GLU CB  HB3  sing N N 112 
GLU CG  CD   sing N N 113 
GLU CG  HG2  sing N N 114 
GLU CG  HG3  sing N N 115 
GLU CD  OE1  doub N N 116 
GLU CD  OE2  sing N N 117 
GLU OE2 HE2  sing N N 118 
GLU OXT HXT  sing N N 119 
GLY N   CA   sing N N 120 
GLY N   H    sing N N 121 
GLY N   H2   sing N N 122 
GLY CA  C    sing N N 123 
GLY CA  HA2  sing N N 124 
GLY CA  HA3  sing N N 125 
GLY C   O    doub N N 126 
GLY C   OXT  sing N N 127 
GLY OXT HXT  sing N N 128 
HIS N   CA   sing N N 129 
HIS N   H    sing N N 130 
HIS N   H2   sing N N 131 
HIS CA  C    sing N N 132 
HIS CA  CB   sing N N 133 
HIS CA  HA   sing N N 134 
HIS C   O    doub N N 135 
HIS C   OXT  sing N N 136 
HIS CB  CG   sing N N 137 
HIS CB  HB2  sing N N 138 
HIS CB  HB3  sing N N 139 
HIS CG  ND1  sing Y N 140 
HIS CG  CD2  doub Y N 141 
HIS ND1 CE1  doub Y N 142 
HIS ND1 HD1  sing N N 143 
HIS CD2 NE2  sing Y N 144 
HIS CD2 HD2  sing N N 145 
HIS CE1 NE2  sing Y N 146 
HIS CE1 HE1  sing N N 147 
HIS NE2 HE2  sing N N 148 
HIS OXT HXT  sing N N 149 
HOH O   H1   sing N N 150 
HOH O   H2   sing N N 151 
ILE N   CA   sing N N 152 
ILE N   H    sing N N 153 
ILE N   H2   sing N N 154 
ILE CA  C    sing N N 155 
ILE CA  CB   sing N N 156 
ILE CA  HA   sing N N 157 
ILE C   O    doub N N 158 
ILE C   OXT  sing N N 159 
ILE CB  CG1  sing N N 160 
ILE CB  CG2  sing N N 161 
ILE CB  HB   sing N N 162 
ILE CG1 CD1  sing N N 163 
ILE CG1 HG12 sing N N 164 
ILE CG1 HG13 sing N N 165 
ILE CG2 HG21 sing N N 166 
ILE CG2 HG22 sing N N 167 
ILE CG2 HG23 sing N N 168 
ILE CD1 HD11 sing N N 169 
ILE CD1 HD12 sing N N 170 
ILE CD1 HD13 sing N N 171 
ILE OXT HXT  sing N N 172 
LEU N   CA   sing N N 173 
LEU N   H    sing N N 174 
LEU N   H2   sing N N 175 
LEU CA  C    sing N N 176 
LEU CA  CB   sing N N 177 
LEU CA  HA   sing N N 178 
LEU C   O    doub N N 179 
LEU C   OXT  sing N N 180 
LEU CB  CG   sing N N 181 
LEU CB  HB2  sing N N 182 
LEU CB  HB3  sing N N 183 
LEU CG  CD1  sing N N 184 
LEU CG  CD2  sing N N 185 
LEU CG  HG   sing N N 186 
LEU CD1 HD11 sing N N 187 
LEU CD1 HD12 sing N N 188 
LEU CD1 HD13 sing N N 189 
LEU CD2 HD21 sing N N 190 
LEU CD2 HD22 sing N N 191 
LEU CD2 HD23 sing N N 192 
LEU OXT HXT  sing N N 193 
LYS N   CA   sing N N 194 
LYS N   H    sing N N 195 
LYS N   H2   sing N N 196 
LYS CA  C    sing N N 197 
LYS CA  CB   sing N N 198 
LYS CA  HA   sing N N 199 
LYS C   O    doub N N 200 
LYS C   OXT  sing N N 201 
LYS CB  CG   sing N N 202 
LYS CB  HB2  sing N N 203 
LYS CB  HB3  sing N N 204 
LYS CG  CD   sing N N 205 
LYS CG  HG2  sing N N 206 
LYS CG  HG3  sing N N 207 
LYS CD  CE   sing N N 208 
LYS CD  HD2  sing N N 209 
LYS CD  HD3  sing N N 210 
LYS CE  NZ   sing N N 211 
LYS CE  HE2  sing N N 212 
LYS CE  HE3  sing N N 213 
LYS NZ  HZ1  sing N N 214 
LYS NZ  HZ2  sing N N 215 
LYS NZ  HZ3  sing N N 216 
LYS OXT HXT  sing N N 217 
MET N   CA   sing N N 218 
MET N   H    sing N N 219 
MET N   H2   sing N N 220 
MET CA  C    sing N N 221 
MET CA  CB   sing N N 222 
MET CA  HA   sing N N 223 
MET C   O    doub N N 224 
MET C   OXT  sing N N 225 
MET CB  CG   sing N N 226 
MET CB  HB2  sing N N 227 
MET CB  HB3  sing N N 228 
MET CG  SD   sing N N 229 
MET CG  HG2  sing N N 230 
MET CG  HG3  sing N N 231 
MET SD  CE   sing N N 232 
MET CE  HE1  sing N N 233 
MET CE  HE2  sing N N 234 
MET CE  HE3  sing N N 235 
MET OXT HXT  sing N N 236 
PHE N   CA   sing N N 237 
PHE N   H    sing N N 238 
PHE N   H2   sing N N 239 
PHE CA  C    sing N N 240 
PHE CA  CB   sing N N 241 
PHE CA  HA   sing N N 242 
PHE C   O    doub N N 243 
PHE C   OXT  sing N N 244 
PHE CB  CG   sing N N 245 
PHE CB  HB2  sing N N 246 
PHE CB  HB3  sing N N 247 
PHE CG  CD1  doub Y N 248 
PHE CG  CD2  sing Y N 249 
PHE CD1 CE1  sing Y N 250 
PHE CD1 HD1  sing N N 251 
PHE CD2 CE2  doub Y N 252 
PHE CD2 HD2  sing N N 253 
PHE CE1 CZ   doub Y N 254 
PHE CE1 HE1  sing N N 255 
PHE CE2 CZ   sing Y N 256 
PHE CE2 HE2  sing N N 257 
PHE CZ  HZ   sing N N 258 
PHE OXT HXT  sing N N 259 
PRO N   CA   sing N N 260 
PRO N   CD   sing N N 261 
PRO N   H    sing N N 262 
PRO CA  C    sing N N 263 
PRO CA  CB   sing N N 264 
PRO CA  HA   sing N N 265 
PRO C   O    doub N N 266 
PRO C   OXT  sing N N 267 
PRO CB  CG   sing N N 268 
PRO CB  HB2  sing N N 269 
PRO CB  HB3  sing N N 270 
PRO CG  CD   sing N N 271 
PRO CG  HG2  sing N N 272 
PRO CG  HG3  sing N N 273 
PRO CD  HD2  sing N N 274 
PRO CD  HD3  sing N N 275 
PRO OXT HXT  sing N N 276 
SER N   CA   sing N N 277 
SER N   H    sing N N 278 
SER N   H2   sing N N 279 
SER CA  C    sing N N 280 
SER CA  CB   sing N N 281 
SER CA  HA   sing N N 282 
SER C   O    doub N N 283 
SER C   OXT  sing N N 284 
SER CB  OG   sing N N 285 
SER CB  HB2  sing N N 286 
SER CB  HB3  sing N N 287 
SER OG  HG   sing N N 288 
SER OXT HXT  sing N N 289 
THR N   CA   sing N N 290 
THR N   H    sing N N 291 
THR N   H2   sing N N 292 
THR CA  C    sing N N 293 
THR CA  CB   sing N N 294 
THR CA  HA   sing N N 295 
THR C   O    doub N N 296 
THR C   OXT  sing N N 297 
THR CB  OG1  sing N N 298 
THR CB  CG2  sing N N 299 
THR CB  HB   sing N N 300 
THR OG1 HG1  sing N N 301 
THR CG2 HG21 sing N N 302 
THR CG2 HG22 sing N N 303 
THR CG2 HG23 sing N N 304 
THR OXT HXT  sing N N 305 
TRP N   CA   sing N N 306 
TRP N   H    sing N N 307 
TRP N   H2   sing N N 308 
TRP CA  C    sing N N 309 
TRP CA  CB   sing N N 310 
TRP CA  HA   sing N N 311 
TRP C   O    doub N N 312 
TRP C   OXT  sing N N 313 
TRP CB  CG   sing N N 314 
TRP CB  HB2  sing N N 315 
TRP CB  HB3  sing N N 316 
TRP CG  CD1  doub Y N 317 
TRP CG  CD2  sing Y N 318 
TRP CD1 NE1  sing Y N 319 
TRP CD1 HD1  sing N N 320 
TRP CD2 CE2  doub Y N 321 
TRP CD2 CE3  sing Y N 322 
TRP NE1 CE2  sing Y N 323 
TRP NE1 HE1  sing N N 324 
TRP CE2 CZ2  sing Y N 325 
TRP CE3 CZ3  doub Y N 326 
TRP CE3 HE3  sing N N 327 
TRP CZ2 CH2  doub Y N 328 
TRP CZ2 HZ2  sing N N 329 
TRP CZ3 CH2  sing Y N 330 
TRP CZ3 HZ3  sing N N 331 
TRP CH2 HH2  sing N N 332 
TRP OXT HXT  sing N N 333 
TYR N   CA   sing N N 334 
TYR N   H    sing N N 335 
TYR N   H2   sing N N 336 
TYR CA  C    sing N N 337 
TYR CA  CB   sing N N 338 
TYR CA  HA   sing N N 339 
TYR C   O    doub N N 340 
TYR C   OXT  sing N N 341 
TYR CB  CG   sing N N 342 
TYR CB  HB2  sing N N 343 
TYR CB  HB3  sing N N 344 
TYR CG  CD1  doub Y N 345 
TYR CG  CD2  sing Y N 346 
TYR CD1 CE1  sing Y N 347 
TYR CD1 HD1  sing N N 348 
TYR CD2 CE2  doub Y N 349 
TYR CD2 HD2  sing N N 350 
TYR CE1 CZ   doub Y N 351 
TYR CE1 HE1  sing N N 352 
TYR CE2 CZ   sing Y N 353 
TYR CE2 HE2  sing N N 354 
TYR CZ  OH   sing N N 355 
TYR OH  HH   sing N N 356 
TYR OXT HXT  sing N N 357 
VAL N   CA   sing N N 358 
VAL N   H    sing N N 359 
VAL N   H2   sing N N 360 
VAL CA  C    sing N N 361 
VAL CA  CB   sing N N 362 
VAL CA  HA   sing N N 363 
VAL C   O    doub N N 364 
VAL C   OXT  sing N N 365 
VAL CB  CG1  sing N N 366 
VAL CB  CG2  sing N N 367 
VAL CB  HB   sing N N 368 
VAL CG1 HG11 sing N N 369 
VAL CG1 HG12 sing N N 370 
VAL CG1 HG13 sing N N 371 
VAL CG2 HG21 sing N N 372 
VAL CG2 HG22 sing N N 373 
VAL CG2 HG23 sing N N 374 
VAL OXT HXT  sing N N 375 
# 
_pdbx_initial_refinement_model.accession_code   1D7H 
_pdbx_initial_refinement_model.id               1 
_pdbx_initial_refinement_model.entity_id_list   ? 
_pdbx_initial_refinement_model.type             'experimental model' 
_pdbx_initial_refinement_model.source_name      PDB 
_pdbx_initial_refinement_model.details          'DMSO Bound Wild Type FKBP12 structure from PDB' 
# 
_atom_sites.entry_id                    2PPN 
_atom_sites.fract_transf_matrix[1][1]   -0.00619027 
_atom_sites.fract_transf_matrix[1][2]   -0.02628372 
_atom_sites.fract_transf_matrix[1][3]   -0.02666883 
_atom_sites.fract_transf_matrix[2][1]   -0.00151855 
_atom_sites.fract_transf_matrix[2][2]   -0.01113012 
_atom_sites.fract_transf_matrix[2][3]   0.01132188 
_atom_sites.fract_transf_matrix[3][1]   -0.03263816 
_atom_sites.fract_transf_matrix[3][2]   -0.00374097 
_atom_sites.fract_transf_matrix[3][3]   -0.00805521 
_atom_sites.fract_transf_vector[1]      0.067958 
_atom_sites.fract_transf_vector[2]      0.009799 
_atom_sites.fract_transf_vector[3]      0.090202 
# 
loop_
_atom_type.symbol 
C 
N 
O 
S 
# 
loop_
_atom_site.group_PDB 
_atom_site.id 
_atom_site.type_symbol 
_atom_site.label_atom_id 
_atom_site.label_alt_id 
_atom_site.label_comp_id 
_atom_site.label_asym_id 
_atom_site.label_entity_id 
_atom_site.label_seq_id 
_atom_site.pdbx_PDB_ins_code 
_atom_site.Cartn_x 
_atom_site.Cartn_y 
_atom_site.Cartn_z 
_atom_site.occupancy 
_atom_site.B_iso_or_equiv 
_atom_site.pdbx_formal_charge 
_atom_site.auth_seq_id 
_atom_site.auth_comp_id 
_atom_site.auth_asym_id 
_atom_site.auth_atom_id 
_atom_site.pdbx_PDB_model_num 
ATOM   1    N N   . GLY A 1 1   ? -4.013  -10.218 8.057   1.00 6.87  ? 1   GLY A N   1 
ATOM   2    C CA  . GLY A 1 1   ? -2.766  -9.879  7.396   1.00 7.05  ? 1   GLY A CA  1 
ATOM   3    C C   . GLY A 1 1   ? -2.677  -8.441  6.951   1.00 6.22  ? 1   GLY A C   1 
ATOM   4    O O   . GLY A 1 1   ? -1.626  -7.814  7.055   1.00 6.31  ? 1   GLY A O   1 
ATOM   5    N N   . VAL A 1 2   ? -3.792  -7.898  6.461   1.00 6.50  ? 2   VAL A N   1 
ATOM   6    C CA  . VAL A 1 2   ? -3.910  -6.462  6.201   1.00 5.90  ? 2   VAL A CA  1 
ATOM   7    C C   . VAL A 1 2   ? -5.277  -6.024  6.714   1.00 6.40  ? 2   VAL A C   1 
ATOM   8    O O   . VAL A 1 2   ? -6.286  -6.694  6.501   1.00 8.57  ? 2   VAL A O   1 
ATOM   9    C CB  . VAL A 1 2   ? -3.686  -6.058  4.741   1.00 6.54  ? 2   VAL A CB  1 
ATOM   10   C CG1 . VAL A 1 2   ? -4.581  -6.819  3.754   1.00 7.73  ? 2   VAL A CG1 1 
ATOM   11   C CG2 . VAL A 1 2   ? -3.783  -4.558  4.527   1.00 6.84  ? 2   VAL A CG2 1 
ATOM   12   N N   . GLN A 1 3   ? -5.291  -4.870  7.399   1.00 6.44  ? 3   GLN A N   1 
ATOM   13   C CA  . GLN A 1 3   ? -6.519  -4.217  7.848   1.00 7.40  ? 3   GLN A CA  1 
ATOM   14   C C   . GLN A 1 3   ? -6.549  -2.837  7.188   1.00 7.18  ? 3   GLN A C   1 
ATOM   15   O O   . GLN A 1 3   ? -5.586  -2.108  7.213   1.00 8.53  ? 3   GLN A O   1 
ATOM   16   C CB  . GLN A 1 3   ? -6.495  -4.126  9.370   1.00 10.87 ? 3   GLN A CB  1 
ATOM   17   C CG  . GLN A 1 3   ? -6.463  -5.480  10.068  1.00 14.13 ? 3   GLN A CG  1 
ATOM   18   C CD  . GLN A 1 3   ? -6.094  -5.196  11.552  1.00 17.97 ? 3   GLN A CD  1 
ATOM   19   O OE1 . GLN A 1 3   ? -4.924  -5.348  12.051  1.00 20.21 ? 3   GLN A OE1 1 
ATOM   20   N NE2 . GLN A 1 3   ? -7.068  -4.680  12.277  1.00 21.26 ? 3   GLN A NE2 1 
ATOM   21   N N   . VAL A 1 4   ? -7.705  -2.523  6.574   1.00 7.20  ? 4   VAL A N   1 
ATOM   22   C CA  . VAL A 1 4   ? -7.910  -1.304  5.855   1.00 7.12  ? 4   VAL A CA  1 
ATOM   23   C C   . VAL A 1 4   ? -8.826  -0.392  6.695   1.00 8.06  ? 4   VAL A C   1 
ATOM   24   O O   . VAL A 1 4   ? -9.886  -0.828  7.165   1.00 10.54 ? 4   VAL A O   1 
ATOM   25   C CB  . VAL A 1 4   ? -8.500  -1.583  4.456   1.00 8.54  ? 4   VAL A CB  1 
ATOM   26   C CG1 . VAL A 1 4   ? -8.773  -0.298  3.712   1.00 10.03 ? 4   VAL A CG1 1 
ATOM   27   C CG2 . VAL A 1 4   ? -7.600  -2.498  3.654   1.00 11.02 ? 4   VAL A CG2 1 
ATOM   28   N N   A GLU A 1 5   ? -8.432  0.861   6.885   0.84 7.02  ? 5   GLU A N   1 
ATOM   29   N N   B GLU A 1 5   ? -8.447  0.869   6.864   0.16 7.76  ? 5   GLU A N   1 
ATOM   30   C CA  A GLU A 1 5   ? -9.263  1.853   7.559   0.84 7.60  ? 5   GLU A CA  1 
ATOM   31   C CA  B GLU A 1 5   ? -9.294  1.844   7.550   0.16 7.96  ? 5   GLU A CA  1 
ATOM   32   C C   A GLU A 1 5   ? -9.320  3.063   6.648   0.84 7.07  ? 5   GLU A C   1 
ATOM   33   C C   B GLU A 1 5   ? -9.312  3.148   6.760   0.16 7.24  ? 5   GLU A C   1 
ATOM   34   O O   A GLU A 1 5   ? -8.280  3.625   6.261   0.84 10.01 ? 5   GLU A O   1 
ATOM   35   O O   B GLU A 1 5   ? -8.264  3.776   6.583   0.16 5.97  ? 5   GLU A O   1 
ATOM   36   C CB  A GLU A 1 5   ? -8.710  2.244   8.922   0.84 8.88  ? 5   GLU A CB  1 
ATOM   37   C CB  B GLU A 1 5   ? -8.805  2.061   8.981   0.16 10.38 ? 5   GLU A CB  1 
ATOM   38   C CG  A GLU A 1 5   ? -8.733  1.230   10.018  0.84 15.03 ? 5   GLU A CG  1 
ATOM   39   C CG  B GLU A 1 5   ? -8.647  0.767   9.758   0.16 13.58 ? 5   GLU A CG  1 
ATOM   40   C CD  A GLU A 1 5   ? -8.268  1.846   11.355  0.84 20.48 ? 5   GLU A CD  1 
ATOM   41   C CD  B GLU A 1 5   ? -9.709  0.521   10.802  0.16 15.88 ? 5   GLU A CD  1 
ATOM   42   O OE1 A GLU A 1 5   ? -8.036  1.093   12.337  0.84 28.18 ? 5   GLU A OE1 1 
ATOM   43   O OE1 B GLU A 1 5   ? -10.836 1.040   10.672  0.16 17.03 ? 5   GLU A OE1 1 
ATOM   44   O OE2 A GLU A 1 5   ? -8.122  3.096   11.469  0.84 21.21 ? 5   GLU A OE2 1 
ATOM   45   O OE2 B GLU A 1 5   ? -9.372  -0.204  11.765  0.16 15.87 ? 5   GLU A OE2 1 
ATOM   46   N N   . THR A 1 6   ? -10.490 3.533   6.285   1.00 6.69  ? 6   THR A N   1 
ATOM   47   C CA  . THR A 1 6   ? -10.630 4.636   5.348   1.00 6.55  ? 6   THR A CA  1 
ATOM   48   C C   . THR A 1 6   ? -10.314 5.961   6.021   1.00 6.47  ? 6   THR A C   1 
ATOM   49   O O   . THR A 1 6   ? -10.841 6.276   7.084   1.00 8.31  ? 6   THR A O   1 
ATOM   50   C CB  . THR A 1 6   ? -12.052 4.623   4.778   1.00 7.93  ? 6   THR A CB  1 
ATOM   51   O OG1 . THR A 1 6   ? -12.154 3.423   3.989   1.00 8.83  ? 6   THR A OG1 1 
ATOM   52   C CG2 . THR A 1 6   ? -12.284 5.829   3.874   1.00 8.76  ? 6   THR A CG2 1 
ATOM   53   N N   . ILE A 1 7   ? -9.492  6.737   5.337   1.00 6.36  ? 7   ILE A N   1 
ATOM   54   C CA  . ILE A 1 7   ? -9.183  8.148   5.621   1.00 7.27  ? 7   ILE A CA  1 
ATOM   55   C C   . ILE A 1 7   ? -10.124 9.071   4.839   1.00 7.89  ? 7   ILE A C   1 
ATOM   56   O O   . ILE A 1 7   ? -10.636 10.017  5.428   1.00 12.16 ? 7   ILE A O   1 
ATOM   57   C CB  . ILE A 1 7   ? -7.706  8.452   5.306   1.00 7.86  ? 7   ILE A CB  1 
ATOM   58   C CG1 . ILE A 1 7   ? -6.759  7.595   6.202   1.00 8.30  ? 7   ILE A CG1 1 
ATOM   59   C CG2 . ILE A 1 7   ? -7.351  9.930   5.425   1.00 10.27 ? 7   ILE A CG2 1 
ATOM   60   C CD1 . ILE A 1 7   ? -5.305  7.643   5.741   1.00 10.32 ? 7   ILE A CD1 1 
ATOM   61   N N   A SER A 1 8   ? -10.296 8.802   3.562   0.33 6.59  ? 8   SER A N   1 
ATOM   62   N N   B SER A 1 8   ? -10.302 8.820   3.551   0.67 6.84  ? 8   SER A N   1 
ATOM   63   C CA  A SER A 1 8   ? -11.163 9.564   2.682   0.33 8.44  ? 8   SER A CA  1 
ATOM   64   C CA  B SER A 1 8   ? -11.211 9.622   2.741   0.67 6.75  ? 8   SER A CA  1 
ATOM   65   C C   A SER A 1 8   ? -11.900 8.608   1.767   0.33 7.17  ? 8   SER A C   1 
ATOM   66   C C   B SER A 1 8   ? -11.893 8.698   1.767   0.67 7.30  ? 8   SER A C   1 
ATOM   67   O O   A SER A 1 8   ? -11.266 7.742   1.160   0.33 6.38  ? 8   SER A O   1 
ATOM   68   O O   B SER A 1 8   ? -11.219 7.923   1.080   0.67 7.30  ? 8   SER A O   1 
ATOM   69   C CB  A SER A 1 8   ? -10.361 10.573  1.852   0.33 10.00 ? 8   SER A CB  1 
ATOM   70   C CB  B SER A 1 8   ? -10.400 10.722  2.040   0.67 7.37  ? 8   SER A CB  1 
ATOM   71   O OG  A SER A 1 8   ? -9.614  9.894   0.866   0.33 17.05 ? 8   SER A OG  1 
ATOM   72   O OG  B SER A 1 8   ? -11.270 11.660  1.438   0.67 8.23  ? 8   SER A OG  1 
ATOM   73   N N   . PRO A 1 9   ? -13.223 8.718   1.659   1.00 8.02  ? 9   PRO A N   1 
ATOM   74   C CA  . PRO A 1 9   ? -13.877 7.755   0.765   1.00 8.92  ? 9   PRO A CA  1 
ATOM   75   C C   . PRO A 1 9   ? -13.597 7.955   -0.706  1.00 8.51  ? 9   PRO A C   1 
ATOM   76   O O   . PRO A 1 9   ? -13.420 9.067   -1.190  1.00 10.65 ? 9   PRO A O   1 
ATOM   77   C CB  . PRO A 1 9   ? -15.406 8.027   1.034   1.00 11.06 ? 9   PRO A CB  1 
ATOM   78   C CG  . PRO A 1 9   ? -15.396 9.465   1.489   1.00 14.29 ? 9   PRO A CG  1 
ATOM   79   C CD  . PRO A 1 9   ? -14.167 9.600   2.357   1.00 10.18 ? 9   PRO A CD  1 
ATOM   80   N N   . GLY A 1 10  ? -13.567 6.820   -1.414  1.00 8.76  ? 10  GLY A N   1 
ATOM   81   C CA  . GLY A 1 10  ? -13.521 6.831   -2.863  1.00 9.60  ? 10  GLY A CA  1 
ATOM   82   C C   . GLY A 1 10  ? -14.911 6.843   -3.461  1.00 9.23  ? 10  GLY A C   1 
ATOM   83   O O   . GLY A 1 10  ? -15.891 7.203   -2.814  1.00 10.68 ? 10  GLY A O   1 
ATOM   84   N N   . ASP A 1 11  ? -15.035 6.358   -4.695  1.00 9.73  ? 11  ASP A N   1 
ATOM   85   C CA  . ASP A 1 11  ? -16.313 6.371   -5.363  1.00 11.03 ? 11  ASP A CA  1 
ATOM   86   C C   . ASP A 1 11  ? -17.174 5.200   -4.853  1.00 12.11 ? 11  ASP A C   1 
ATOM   87   O O   . ASP A 1 11  ? -18.392 5.160   -5.130  1.00 14.91 ? 11  ASP A O   1 
ATOM   88   C CB  . ASP A 1 11  ? -16.211 6.459   -6.914  1.00 11.93 ? 11  ASP A CB  1 
ATOM   89   C CG  . ASP A 1 11  ? -15.750 5.200   -7.577  1.00 11.96 ? 11  ASP A CG  1 
ATOM   90   O OD1 . ASP A 1 11  ? -15.784 5.174   -8.818  1.00 17.36 ? 11  ASP A OD1 1 
ATOM   91   O OD2 . ASP A 1 11  ? -15.448 4.158   -6.917  1.00 11.22 ? 11  ASP A OD2 1 
ATOM   92   N N   . GLY A 1 12  ? -16.584 4.214   -4.163  1.00 11.09 ? 12  GLY A N   1 
ATOM   93   C CA  . GLY A 1 12  ? -17.309 3.066   -3.640  1.00 12.77 ? 12  GLY A CA  1 
ATOM   94   C C   . GLY A 1 12  ? -17.814 2.088   -4.721  1.00 14.36 ? 12  GLY A C   1 
ATOM   95   O O   . GLY A 1 12  ? -18.586 1.210   -4.386  1.00 19.53 ? 12  GLY A O   1 
ATOM   96   N N   . ARG A 1 13  ? -17.310 2.230   -5.922  1.00 13.66 ? 13  ARG A N   1 
ATOM   97   C CA  . ARG A 1 13  ? -17.786 1.425   -7.043  1.00 14.89 ? 13  ARG A CA  1 
ATOM   98   C C   . ARG A 1 13  ? -16.674 0.878   -7.933  1.00 13.27 ? 13  ARG A C   1 
ATOM   99   O O   . ARG A 1 13  ? -16.882 -0.171  -8.529  1.00 15.33 ? 13  ARG A O   1 
ATOM   100  C CB  . ARG A 1 13  ? -18.721 2.279   -7.923  1.00 20.86 ? 13  ARG A CB  1 
ATOM   101  C CG  . ARG A 1 13  ? -19.967 2.681   -7.173  1.00 22.97 ? 13  ARG A CG  1 
ATOM   102  C CD  . ARG A 1 13  ? -20.903 3.646   -7.823  1.00 28.14 ? 13  ARG A CD  1 
ATOM   103  N NE  . ARG A 1 13  ? -22.033 3.784   -6.878  1.00 33.11 ? 13  ARG A NE  1 
ATOM   104  C CZ  . ARG A 1 13  ? -23.178 3.112   -7.007  1.00 35.71 ? 13  ARG A CZ  1 
ATOM   105  N NH1 . ARG A 1 13  ? -24.164 3.251   -6.140  1.00 32.21 ? 13  ARG A NH1 1 
ATOM   106  N NH2 . ARG A 1 13  ? -23.269 2.292   -8.052  1.00 38.95 ? 13  ARG A NH2 1 
ATOM   107  N N   . THR A 1 14  ? -15.581 1.592   -8.101  1.00 11.09 ? 14  THR A N   1 
ATOM   108  C CA  . THR A 1 14  ? -14.560 1.202   -9.080  1.00 10.63 ? 14  THR A CA  1 
ATOM   109  C C   . THR A 1 14  ? -13.374 0.623   -8.320  1.00 8.76  ? 14  THR A C   1 
ATOM   110  O O   . THR A 1 14  ? -12.552 1.381   -7.779  1.00 9.89  ? 14  THR A O   1 
ATOM   111  C CB  . THR A 1 14  ? -14.110 2.408   -9.889  1.00 11.62 ? 14  THR A CB  1 
ATOM   112  O OG1 . THR A 1 14  ? -15.217 3.128   -10.452 1.00 13.24 ? 14  THR A OG1 1 
ATOM   113  C CG2 . THR A 1 14  ? -13.224 1.977   -11.078 1.00 13.28 ? 14  THR A CG2 1 
ATOM   114  N N   . PHE A 1 15  ? -13.291 -0.693  -8.275  1.00 9.03  ? 15  PHE A N   1 
ATOM   115  C CA  . PHE A 1 15  ? -12.258 -1.403  -7.546  1.00 8.18  ? 15  PHE A CA  1 
ATOM   116  C C   . PHE A 1 15  ? -11.330 -2.079  -8.563  1.00 7.96  ? 15  PHE A C   1 
ATOM   117  O O   . PHE A 1 15  ? -11.748 -2.465  -9.645  1.00 9.53  ? 15  PHE A O   1 
ATOM   118  C CB  . PHE A 1 15  ? -12.846 -2.478  -6.608  1.00 9.30  ? 15  PHE A CB  1 
ATOM   119  C CG  . PHE A 1 15  ? -13.750 -1.905  -5.553  1.00 9.39  ? 15  PHE A CG  1 
ATOM   120  C CD1 . PHE A 1 15  ? -13.264 -1.590  -4.282  1.00 8.67  ? 15  PHE A CD1 1 
ATOM   121  C CD2 . PHE A 1 15  ? -15.086 -1.660  -5.786  1.00 11.16 ? 15  PHE A CD2 1 
ATOM   122  C CE1 . PHE A 1 15  ? -14.067 -1.065  -3.326  1.00 9.85  ? 15  PHE A CE1 1 
ATOM   123  C CE2 . PHE A 1 15  ? -15.924 -1.095  -4.825  1.00 11.84 ? 15  PHE A CE2 1 
ATOM   124  C CZ  . PHE A 1 15  ? -15.409 -0.800  -3.561  1.00 10.63 ? 15  PHE A CZ  1 
ATOM   125  N N   . PRO A 1 16  ? -10.054 -2.228  -8.236  1.00 7.92  ? 16  PRO A N   1 
ATOM   126  C CA  . PRO A 1 16  ? -9.131  -2.840  -9.187  1.00 7.90  ? 16  PRO A CA  1 
ATOM   127  C C   . PRO A 1 16  ? -9.459  -4.292  -9.545  1.00 7.95  ? 16  PRO A C   1 
ATOM   128  O O   . PRO A 1 16  ? -9.917  -5.053  -8.704  1.00 14.35 ? 16  PRO A O   1 
ATOM   129  C CB  . PRO A 1 16  ? -7.777  -2.781  -8.454  1.00 11.81 ? 16  PRO A CB  1 
ATOM   130  C CG  . PRO A 1 16  ? -7.923  -1.879  -7.317  1.00 9.38  ? 16  PRO A CG  1 
ATOM   131  C CD  . PRO A 1 16  ? -9.376  -1.824  -6.981  1.00 8.34  ? 16  PRO A CD  1 
ATOM   132  N N   A LYS A 1 17  ? -9.195  -4.613  -10.789 0.41 8.24  ? 17  LYS A N   1 
ATOM   133  N N   B LYS A 1 17  ? -9.197  -4.635  -10.776 0.59 7.04  ? 17  LYS A N   1 
ATOM   134  C CA  A LYS A 1 17  ? -9.261  -5.981  -11.300 0.41 8.11  ? 17  LYS A CA  1 
ATOM   135  C CA  B LYS A 1 17  ? -9.280  -6.030  -11.276 0.59 8.46  ? 17  LYS A CA  1 
ATOM   136  C C   A LYS A 1 17  ? -7.833  -6.466  -11.511 0.41 7.94  ? 17  LYS A C   1 
ATOM   137  C C   B LYS A 1 17  ? -7.867  -6.546  -11.465 0.59 7.84  ? 17  LYS A C   1 
ATOM   138  O O   A LYS A 1 17  ? -6.916  -5.687  -11.796 0.41 7.61  ? 17  LYS A O   1 
ATOM   139  O O   B LYS A 1 17  ? -6.936  -5.758  -11.737 0.59 8.07  ? 17  LYS A O   1 
ATOM   140  C CB  A LYS A 1 17  ? -9.969  -6.124  -12.649 0.41 8.68  ? 17  LYS A CB  1 
ATOM   141  C CB  B LYS A 1 17  ? -10.045 -6.097  -12.609 0.59 9.48  ? 17  LYS A CB  1 
ATOM   142  C CG  A LYS A 1 17  ? -11.416 -5.690  -12.621 0.41 10.23 ? 17  LYS A CG  1 
ATOM   143  C CG  B LYS A 1 17  ? -11.493 -5.661  -12.437 0.59 10.10 ? 17  LYS A CG  1 
ATOM   144  C CD  A LYS A 1 17  ? -12.167 -6.087  -13.871 0.41 13.02 ? 17  LYS A CD  1 
ATOM   145  C CD  B LYS A 1 17  ? -12.328 -5.631  -13.696 0.59 13.41 ? 17  LYS A CD  1 
ATOM   146  C CE  A LYS A 1 17  ? -13.509 -5.394  -14.036 0.41 14.54 ? 17  LYS A CE  1 
ATOM   147  C CE  B LYS A 1 17  ? -13.380 -4.513  -13.718 0.59 16.29 ? 17  LYS A CE  1 
ATOM   148  N NZ  A LYS A 1 17  ? -14.373 -6.087  -15.058 0.41 18.69 ? 17  LYS A NZ  1 
ATOM   149  N NZ  B LYS A 1 17  ? -14.285 -4.612  -12.545 0.59 21.40 ? 17  LYS A NZ  1 
ATOM   150  N N   A ARG A 1 18  ? -7.687  -7.779  -11.421 0.45 9.58  ? 18  ARG A N   1 
ATOM   151  N N   B ARG A 1 18  ? -7.667  -7.850  -11.377 0.55 9.23  ? 18  ARG A N   1 
ATOM   152  C CA  A ARG A 1 18  ? -6.352  -8.320  -11.622 0.45 11.32 ? 18  ARG A CA  1 
ATOM   153  C CA  B ARG A 1 18  ? -6.365  -8.469  -11.617 0.55 10.11 ? 18  ARG A CA  1 
ATOM   154  C C   A ARG A 1 18  ? -5.813  -7.970  -12.983 0.45 8.06  ? 18  ARG A C   1 
ATOM   155  C C   B ARG A 1 18  ? -5.801  -8.009  -12.948 0.55 9.69  ? 18  ARG A C   1 
ATOM   156  O O   A ARG A 1 18  ? -6.474  -8.009  -14.014 0.45 12.20 ? 18  ARG A O   1 
ATOM   157  O O   B ARG A 1 18  ? -6.507  -8.027  -13.958 0.55 8.44  ? 18  ARG A O   1 
ATOM   158  C CB  A ARG A 1 18  ? -6.433  -9.842  -11.423 0.45 14.97 ? 18  ARG A CB  1 
ATOM   159  C CB  B ARG A 1 18  ? -6.571  -9.993  -11.624 0.55 14.06 ? 18  ARG A CB  1 
ATOM   160  C CG  A ARG A 1 18  ? -5.776  -10.055 -10.068 0.45 17.01 ? 18  ARG A CG  1 
ATOM   161  C CG  B ARG A 1 18  ? -6.435  -10.633 -10.254 0.55 17.65 ? 18  ARG A CG  1 
ATOM   162  C CD  A ARG A 1 18  ? -5.115  -11.410 -10.045 0.45 12.62 ? 18  ARG A CD  1 
ATOM   163  C CD  B ARG A 1 18  ? -4.980  -10.604 -9.842  0.55 18.13 ? 18  ARG A CD  1 
ATOM   164  N NE  A ARG A 1 18  ? -4.459  -11.612 -8.771  0.45 14.25 ? 18  ARG A NE  1 
ATOM   165  N NE  B ARG A 1 18  ? -4.337  -11.919 -10.024 0.55 14.26 ? 18  ARG A NE  1 
ATOM   166  C CZ  A ARG A 1 18  ? -3.491  -12.460 -8.524  0.45 13.69 ? 18  ARG A CZ  1 
ATOM   167  C CZ  B ARG A 1 18  ? -3.731  -12.446 -8.963  0.55 12.60 ? 18  ARG A CZ  1 
ATOM   168  N NH1 A ARG A 1 18  ? -3.058  -13.233 -9.519  0.45 12.71 ? 18  ARG A NH1 1 
ATOM   169  N NH1 B ARG A 1 18  ? -3.752  -11.766 -7.811  0.55 12.29 ? 18  ARG A NH1 1 
ATOM   170  N NH2 A ARG A 1 18  ? -2.940  -12.584 -7.328  0.45 16.77 ? 18  ARG A NH2 1 
ATOM   171  N NH2 B ARG A 1 18  ? -3.177  -13.632 -9.199  0.55 16.79 ? 18  ARG A NH2 1 
ATOM   172  N N   . GLY A 1 19  ? -4.520  -7.605  -12.941 1.00 9.19  ? 19  GLY A N   1 
ATOM   173  C CA  . GLY A 1 19  ? -3.861  -7.219  -14.148 1.00 9.82  ? 19  GLY A CA  1 
ATOM   174  C C   . GLY A 1 19  ? -3.924  -5.735  -14.439 1.00 8.78  ? 19  GLY A C   1 
ATOM   175  O O   . GLY A 1 19  ? -3.178  -5.255  -15.301 1.00 10.53 ? 19  GLY A O   1 
ATOM   176  N N   . GLN A 1 20  ? -4.812  -4.998  -13.747 1.00 7.55  ? 20  GLN A N   1 
ATOM   177  C CA  . GLN A 1 20  ? -4.815  -3.537  -13.955 1.00 7.18  ? 20  GLN A CA  1 
ATOM   178  C C   . GLN A 1 20  ? -3.645  -2.912  -13.214 1.00 6.89  ? 20  GLN A C   1 
ATOM   179  O O   . GLN A 1 20  ? -3.141  -3.421  -12.199 1.00 8.26  ? 20  GLN A O   1 
ATOM   180  C CB  . GLN A 1 20  ? -6.133  -2.926  -13.431 1.00 7.36  ? 20  GLN A CB  1 
ATOM   181  C CG  . GLN A 1 20  ? -7.321  -3.332  -14.266 1.00 8.08  ? 20  GLN A CG  1 
ATOM   182  C CD  . GLN A 1 20  ? -8.551  -2.508  -13.891 1.00 8.93  ? 20  GLN A CD  1 
ATOM   183  O OE1 . GLN A 1 20  ? -9.065  -2.651  -12.798 1.00 10.06 ? 20  GLN A OE1 1 
ATOM   184  N NE2 . GLN A 1 20  ? -8.945  -1.599  -14.757 1.00 11.26 ? 20  GLN A NE2 1 
ATOM   185  N N   . THR A 1 21  ? -3.208  -1.791  -13.734 1.00 7.07  ? 21  THR A N   1 
ATOM   186  C CA  . THR A 1 21  ? -2.172  -0.976  -13.102 1.00 7.19  ? 21  THR A CA  1 
ATOM   187  C C   . THR A 1 21  ? -2.859  0.005   -12.136 1.00 6.49  ? 21  THR A C   1 
ATOM   188  O O   . THR A 1 21  ? -3.702  0.797   -12.499 1.00 8.04  ? 21  THR A O   1 
ATOM   189  C CB  . THR A 1 21  ? -1.345  -0.210  -14.138 1.00 9.21  ? 21  THR A CB  1 
ATOM   190  O OG1 . THR A 1 21  ? -0.632  -1.181  -14.896 1.00 12.42 ? 21  THR A OG1 1 
ATOM   191  C CG2 . THR A 1 21  ? -0.346  0.723   -13.470 1.00 11.01 ? 21  THR A CG2 1 
ATOM   192  N N   . CYS A 1 22  ? -2.495  -0.154  -10.864 1.00 6.29  ? 22  CYS A N   1 
ATOM   193  C CA  . CYS A 1 22  ? -2.926  0.727   -9.788  1.00 6.01  ? 22  CYS A CA  1 
ATOM   194  C C   . CYS A 1 22  ? -1.941  1.899   -9.685  1.00 5.83  ? 22  CYS A C   1 
ATOM   195  O O   . CYS A 1 22  ? -0.734  1.630   -9.517  1.00 7.21  ? 22  CYS A O   1 
ATOM   196  C CB  . CYS A 1 22  ? -3.009  -0.032  -8.480  1.00 6.90  ? 22  CYS A CB  1 
ATOM   197  S SG  . CYS A 1 22  ? -4.211  -1.387  -8.499  1.00 8.56  ? 22  CYS A SG  1 
ATOM   198  N N   . VAL A 1 23  ? -2.475  3.093   -9.743  1.00 5.78  ? 23  VAL A N   1 
ATOM   199  C CA  . VAL A 1 23  ? -1.646  4.305   -9.621  1.00 5.67  ? 23  VAL A CA  1 
ATOM   200  C C   . VAL A 1 23  ? -1.979  4.916   -8.269  1.00 5.41  ? 23  VAL A C   1 
ATOM   201  O O   . VAL A 1 23  ? -3.143  5.276   -8.012  1.00 5.89  ? 23  VAL A O   1 
ATOM   202  C CB  . VAL A 1 23  ? -1.895  5.274   -10.765 1.00 6.27  ? 23  VAL A CB  1 
ATOM   203  C CG1 . VAL A 1 23  ? -1.004  6.491   -10.611 1.00 7.57  ? 23  VAL A CG1 1 
ATOM   204  C CG2 . VAL A 1 23  ? -1.757  4.586   -12.097 1.00 7.89  ? 23  VAL A CG2 1 
ATOM   205  N N   . VAL A 1 24  ? -0.985  4.998   -7.368  1.00 5.50  ? 24  VAL A N   1 
ATOM   206  C CA  . VAL A 1 24  ? -1.198  5.403   -6.011  1.00 5.62  ? 24  VAL A CA  1 
ATOM   207  C C   . VAL A 1 24  ? -0.232  6.491   -5.585  1.00 5.47  ? 24  VAL A C   1 
ATOM   208  O O   . VAL A 1 24  ? 0.870   6.629   -6.120  1.00 6.51  ? 24  VAL A O   1 
ATOM   209  C CB  . VAL A 1 24  ? -1.095  4.201   -5.014  1.00 5.95  ? 24  VAL A CB  1 
ATOM   210  C CG1 . VAL A 1 24  ? -2.093  3.123   -5.391  1.00 6.36  ? 24  VAL A CG1 1 
ATOM   211  C CG2 . VAL A 1 24  ? 0.315   3.656   -4.954  1.00 7.38  ? 24  VAL A CG2 1 
ATOM   212  N N   . HIS A 1 25  ? -0.639  7.230   -4.548  1.00 5.57  ? 25  HIS A N   1 
ATOM   213  C CA  . HIS A 1 25  ? 0.318   7.940   -3.724  1.00 5.57  ? 25  HIS A CA  1 
ATOM   214  C C   . HIS A 1 25  ? 0.348   7.230   -2.365  1.00 6.06  ? 25  HIS A C   1 
ATOM   215  O O   . HIS A 1 25  ? -0.684  6.837   -1.836  1.00 8.67  ? 25  HIS A O   1 
ATOM   216  C CB  . HIS A 1 25  ? -0.014  9.422   -3.553  1.00 6.13  ? 25  HIS A CB  1 
ATOM   217  C CG  . HIS A 1 25  ? 0.765   10.317  -4.433  1.00 6.03  ? 25  HIS A CG  1 
ATOM   218  N ND1 . HIS A 1 25  ? 2.148   10.247  -4.495  1.00 6.23  ? 25  HIS A ND1 1 
ATOM   219  C CD2 . HIS A 1 25  ? 0.335   11.383  -5.197  1.00 6.64  ? 25  HIS A CD2 1 
ATOM   220  C CE1 . HIS A 1 25  ? 2.521   11.231  -5.305  1.00 6.80  ? 25  HIS A CE1 1 
ATOM   221  N NE2 . HIS A 1 25  ? 1.443   11.942  -5.766  1.00 7.36  ? 25  HIS A NE2 1 
ATOM   222  N N   . TYR A 1 26  ? 1.543   7.096   -1.782  1.00 6.46  ? 26  TYR A N   1 
ATOM   223  C CA  . TYR A 1 26  ? 1.643   6.379   -0.535  1.00 7.10  ? 26  TYR A CA  1 
ATOM   224  C C   . TYR A 1 26  ? 2.755   6.939   0.339   1.00 6.65  ? 26  TYR A C   1 
ATOM   225  O O   . TYR A 1 26  ? 3.743   7.532   -0.138  1.00 7.07  ? 26  TYR A O   1 
ATOM   226  C CB  . TYR A 1 26  ? 1.893   4.882   -0.761  1.00 7.77  ? 26  TYR A CB  1 
ATOM   227  C CG  . TYR A 1 26  ? 3.288   4.552   -1.215  1.00 7.33  ? 26  TYR A CG  1 
ATOM   228  C CD1 . TYR A 1 26  ? 4.304   4.168   -0.331  1.00 8.07  ? 26  TYR A CD1 1 
ATOM   229  C CD2 . TYR A 1 26  ? 3.615   4.628   -2.572  1.00 7.79  ? 26  TYR A CD2 1 
ATOM   230  C CE1 . TYR A 1 26  ? 5.577   3.885   -0.778  1.00 8.23  ? 26  TYR A CE1 1 
ATOM   231  C CE2 . TYR A 1 26  ? 4.916   4.342   -2.995  1.00 7.89  ? 26  TYR A CE2 1 
ATOM   232  C CZ  . TYR A 1 26  ? 5.874   3.965   -2.107  1.00 8.45  ? 26  TYR A CZ  1 
ATOM   233  O OH  . TYR A 1 26  ? 7.127   3.678   -2.602  1.00 9.56  ? 26  TYR A OH  1 
ATOM   234  N N   A THR A 1 27  ? 2.611   6.613   1.612   0.76 6.32  ? 27  THR A N   1 
ATOM   235  N N   B THR A 1 27  ? 2.653   6.724   1.636   0.24 6.09  ? 27  THR A N   1 
ATOM   236  C CA  A THR A 1 27  ? 3.662   6.774   2.619   0.76 6.65  ? 27  THR A CA  1 
ATOM   237  C CA  B THR A 1 27  ? 3.743   6.799   2.593   0.24 5.91  ? 27  THR A CA  1 
ATOM   238  C C   A THR A 1 27  ? 3.708   5.487   3.434   0.76 6.18  ? 27  THR A C   1 
ATOM   239  C C   B THR A 1 27  ? 3.726   5.493   3.393   0.24 6.98  ? 27  THR A C   1 
ATOM   240  O O   A THR A 1 27  ? 2.660   5.077   3.902   0.76 8.22  ? 27  THR A O   1 
ATOM   241  O O   B THR A 1 27  ? 2.693   5.000   3.820   0.24 6.41  ? 27  THR A O   1 
ATOM   242  C CB  A THR A 1 27  ? 3.381   8.014   3.478   0.76 8.06  ? 27  THR A CB  1 
ATOM   243  C CB  B THR A 1 27  ? 3.668   7.986   3.558   0.24 6.71  ? 27  THR A CB  1 
ATOM   244  O OG1 A THR A 1 27  ? 3.507   9.155   2.611   0.76 9.55  ? 27  THR A OG1 1 
ATOM   245  O OG1 B THR A 1 27  ? 4.832   8.167   4.373   0.24 12.02 ? 27  THR A OG1 1 
ATOM   246  C CG2 A THR A 1 27  ? 4.358   8.144   4.600   0.76 9.34  ? 27  THR A CG2 1 
ATOM   247  C CG2 B THR A 1 27  ? 2.541   7.701   4.543   0.24 6.28  ? 27  THR A CG2 1 
ATOM   248  N N   . GLY A 1 28  ? 4.888   4.919   3.610   1.00 7.62  ? 28  GLY A N   1 
ATOM   249  C CA  . GLY A 1 28  ? 5.060   3.747   4.456   1.00 7.79  ? 28  GLY A CA  1 
ATOM   250  C C   . GLY A 1 28  ? 5.832   4.087   5.711   1.00 7.77  ? 28  GLY A C   1 
ATOM   251  O O   . GLY A 1 28  ? 6.842   4.805   5.635   1.00 8.48  ? 28  GLY A O   1 
ATOM   252  N N   A MET A 1 29  ? 5.358   3.498   6.795   0.59 7.76  ? 29  MET A N   1 
ATOM   253  N N   B MET A 1 29  ? 5.366   3.659   6.868   0.41 6.86  ? 29  MET A N   1 
ATOM   254  C CA  A MET A 1 29  ? 5.837   3.787   8.141   0.59 8.38  ? 29  MET A CA  1 
ATOM   255  C CA  B MET A 1 29  ? 6.087   3.865   8.118   0.41 8.05  ? 29  MET A CA  1 
ATOM   256  C C   A MET A 1 29  ? 6.030   2.500   8.930   0.59 7.60  ? 29  MET A C   1 
ATOM   257  C C   B MET A 1 29  ? 6.132   2.512   8.841   0.41 7.53  ? 29  MET A C   1 
ATOM   258  O O   A MET A 1 29  ? 5.244   1.542   8.846   0.59 7.74  ? 29  MET A O   1 
ATOM   259  O O   B MET A 1 29  ? 5.345   1.591   8.621   0.41 6.71  ? 29  MET A O   1 
ATOM   260  C CB  A MET A 1 29  ? 4.819   4.677   8.854   0.59 9.36  ? 29  MET A CB  1 
ATOM   261  C CB  B MET A 1 29  ? 5.496   4.868   9.103   0.41 8.93  ? 29  MET A CB  1 
ATOM   262  C CG  A MET A 1 29  ? 4.746   6.094   8.257   0.59 9.94  ? 29  MET A CG  1 
ATOM   263  C CG  B MET A 1 29  ? 4.157   4.443   9.700   0.41 10.20 ? 29  MET A CG  1 
ATOM   264  S SD  A MET A 1 29  ? 3.306   7.035   8.700   0.59 12.78 ? 29  MET A SD  1 
ATOM   265  S SD  B MET A 1 29  ? 3.242   5.900   10.314  0.41 20.51 ? 29  MET A SD  1 
ATOM   266  C CE  A MET A 1 29  ? 2.090   6.384   7.517   0.59 20.46 ? 29  MET A CE  1 
ATOM   267  C CE  B MET A 1 29  ? 4.065   7.172   9.361   0.41 23.92 ? 29  MET A CE  1 
ATOM   268  N N   . LEU A 1 30  ? 7.097   2.460   9.736   1.00 8.88  ? 30  LEU A N   1 
ATOM   269  C CA  . LEU A 1 30  ? 7.160   1.430   10.760  1.00 9.73  ? 30  LEU A CA  1 
ATOM   270  C C   . LEU A 1 30  ? 6.113   1.721   11.793  1.00 11.08 ? 30  LEU A C   1 
ATOM   271  O O   . LEU A 1 30  ? 5.563   2.804   11.974  1.00 10.89 ? 30  LEU A O   1 
ATOM   272  C CB  . LEU A 1 30  ? 8.526   1.422   11.452  1.00 14.03 ? 30  LEU A CB  1 
ATOM   273  C CG  . LEU A 1 30  ? 9.696   1.123   10.535  1.00 16.04 ? 30  LEU A CG  1 
ATOM   274  C CD1 . LEU A 1 30  ? 10.960  0.941   11.370  1.00 19.63 ? 30  LEU A CD1 1 
ATOM   275  C CD2 . LEU A 1 30  ? 9.512   -0.147  9.711   1.00 16.77 ? 30  LEU A CD2 1 
ATOM   276  N N   A GLU A 1 31  ? 5.835   0.732   12.620  0.52 16.24 ? 31  GLU A N   1 
ATOM   277  N N   B GLU A 1 31  ? 5.890   0.733   12.636  0.48 17.07 ? 31  GLU A N   1 
ATOM   278  C CA  A GLU A 1 31  ? 5.053   0.821   13.821  0.52 16.82 ? 31  GLU A CA  1 
ATOM   279  C CA  B GLU A 1 31  ? 5.031   0.897   13.781  0.48 18.85 ? 31  GLU A CA  1 
ATOM   280  C C   A GLU A 1 31  ? 5.363   2.040   14.691  0.52 17.43 ? 31  GLU A C   1 
ATOM   281  C C   B GLU A 1 31  ? 5.352   2.094   14.662  0.48 19.09 ? 31  GLU A C   1 
ATOM   282  O O   A GLU A 1 31  ? 4.419   2.516   15.317  0.52 22.02 ? 31  GLU A O   1 
ATOM   283  O O   B GLU A 1 31  ? 4.408   2.612   15.251  0.48 22.55 ? 31  GLU A O   1 
ATOM   284  C CB  A GLU A 1 31  ? 5.229   -0.452  14.680  0.52 17.89 ? 31  GLU A CB  1 
ATOM   285  C CB  B GLU A 1 31  ? 5.112   -0.395  14.620  0.48 18.40 ? 31  GLU A CB  1 
ATOM   286  C CG  A GLU A 1 31  ? 5.395   -1.751  13.948  0.52 19.41 ? 31  GLU A CG  1 
ATOM   287  C CG  B GLU A 1 31  ? 3.880   -0.529  15.491  0.48 16.25 ? 31  GLU A CG  1 
ATOM   288  C CD  A GLU A 1 31  ? 5.524   -3.044  14.735  0.52 15.99 ? 31  GLU A CD  1 
ATOM   289  C CD  B GLU A 1 31  ? 3.422   -1.978  15.665  0.48 14.15 ? 31  GLU A CD  1 
ATOM   290  O OE1 A GLU A 1 31  ? 4.738   -3.058  15.702  0.52 17.92 ? 31  GLU A OE1 1 
ATOM   291  O OE1 B GLU A 1 31  ? 4.313   -2.776  15.921  0.48 10.39 ? 31  GLU A OE1 1 
ATOM   292  O OE2 A GLU A 1 31  ? 6.392   -3.884  14.335  0.52 6.96  ? 31  GLU A OE2 1 
ATOM   293  O OE2 B GLU A 1 31  ? 2.180   -2.195  15.548  0.48 16.78 ? 31  GLU A OE2 1 
ATOM   294  N N   . ASP A 1 32  ? 6.625   2.553   14.712  1.00 18.11 ? 32  ASP A N   1 
ATOM   295  C CA  . ASP A 1 32  ? 6.916   3.744   15.528  1.00 25.92 ? 32  ASP A CA  1 
ATOM   296  C C   . ASP A 1 32  ? 6.499   5.056   14.871  1.00 22.30 ? 32  ASP A C   1 
ATOM   297  O O   . ASP A 1 32  ? 6.805   6.165   15.362  1.00 26.72 ? 32  ASP A O   1 
ATOM   298  C CB  . ASP A 1 32  ? 8.406   3.847   15.941  1.00 28.52 ? 32  ASP A CB  1 
ATOM   299  C CG  . ASP A 1 32  ? 9.347   4.075   14.765  1.00 25.34 ? 32  ASP A CG  1 
ATOM   300  O OD1 . ASP A 1 32  ? 10.567  4.057   15.001  1.00 34.03 ? 32  ASP A OD1 1 
ATOM   301  O OD2 . ASP A 1 32  ? 8.864   4.223   13.626  1.00 21.23 ? 32  ASP A OD2 1 
ATOM   302  N N   . GLY A 1 33  ? 5.816   5.024   13.738  1.00 18.33 ? 33  GLY A N   1 
ATOM   303  C CA  . GLY A 1 33  ? 5.461   6.173   12.978  1.00 16.11 ? 33  GLY A CA  1 
ATOM   304  C C   . GLY A 1 33  ? 6.460   6.775   12.016  1.00 15.25 ? 33  GLY A C   1 
ATOM   305  O O   . GLY A 1 33  ? 6.038   7.700   11.272  1.00 17.71 ? 33  GLY A O   1 
ATOM   306  N N   . LYS A 1 34  ? 7.735   6.387   11.972  1.00 13.90 ? 34  LYS A N   1 
ATOM   307  C CA  . LYS A 1 34  ? 8.796   6.891   11.168  1.00 13.18 ? 34  LYS A CA  1 
ATOM   308  C C   . LYS A 1 34  ? 8.633   6.321   9.748   1.00 12.03 ? 34  LYS A C   1 
ATOM   309  O O   . LYS A 1 34  ? 8.620   5.082   9.498   1.00 13.95 ? 34  LYS A O   1 
ATOM   310  C CB  . LYS A 1 34  ? 10.249  6.613   11.548  1.00 13.83 ? 34  LYS A CB  1 
ATOM   311  C CG  . LYS A 1 34  ? 10.644  7.251   12.872  1.00 17.35 ? 34  LYS A CG  1 
ATOM   312  C CD  . LYS A 1 34  ? 10.618  8.767   12.790  1.00 15.55 ? 34  LYS A CD  1 
ATOM   313  C CE  . LYS A 1 34  ? 11.228  9.270   14.079  1.00 16.22 ? 34  LYS A CE  1 
ATOM   314  N NZ  . LYS A 1 34  ? 10.196  9.251   15.151  1.00 24.30 ? 34  LYS A NZ  1 
ATOM   315  N N   . LYS A 1 35  ? 8.522   7.280   8.881   1.00 11.42 ? 35  LYS A N   1 
ATOM   316  C CA  . LYS A 1 35  ? 8.353   7.019   7.468   1.00 10.83 ? 35  LYS A CA  1 
ATOM   317  C C   . LYS A 1 35  ? 9.677   6.441   6.968   1.00 10.33 ? 35  LYS A C   1 
ATOM   318  O O   . LYS A 1 35  ? 10.794  6.933   7.320   1.00 15.62 ? 35  LYS A O   1 
ATOM   319  C CB  . LYS A 1 35  ? 8.010   8.330   6.771   1.00 15.88 ? 35  LYS A CB  1 
ATOM   320  C CG  . LYS A 1 35  ? 6.648   8.920   7.048   1.00 20.58 ? 35  LYS A CG  1 
ATOM   321  C CD  . LYS A 1 35  ? 6.420   10.223  6.328   1.00 21.29 ? 35  LYS A CD  1 
ATOM   322  C CE  . LYS A 1 35  ? 7.141   10.388  4.988   1.00 25.59 ? 35  LYS A CE  1 
ATOM   323  N NZ  . LYS A 1 35  ? 6.890   11.752  4.380   1.00 26.35 ? 35  LYS A NZ  1 
ATOM   324  N N   . PHE A 1 36  ? 9.594   5.412   6.202   1.00 9.29  ? 36  PHE A N   1 
ATOM   325  C CA  . PHE A 1 36  ? 10.742  4.856   5.512   1.00 9.36  ? 36  PHE A CA  1 
ATOM   326  C C   . PHE A 1 36  ? 10.641  5.046   3.996   1.00 10.21 ? 36  PHE A C   1 
ATOM   327  O O   . PHE A 1 36  ? 11.687  4.872   3.321   1.00 11.58 ? 36  PHE A O   1 
ATOM   328  C CB  . PHE A 1 36  ? 10.988  3.416   5.894   1.00 10.04 ? 36  PHE A CB  1 
ATOM   329  C CG  . PHE A 1 36  ? 9.882   2.470   5.505   1.00 9.72  ? 36  PHE A CG  1 
ATOM   330  C CD1 . PHE A 1 36  ? 8.893   2.162   6.419   1.00 11.46 ? 36  PHE A CD1 1 
ATOM   331  C CD2 . PHE A 1 36  ? 9.832   1.901   4.252   1.00 11.31 ? 36  PHE A CD2 1 
ATOM   332  C CE1 . PHE A 1 36  ? 7.841   1.345   6.123   1.00 12.78 ? 36  PHE A CE1 1 
ATOM   333  C CE2 . PHE A 1 36  ? 8.756   1.109   3.882   1.00 12.83 ? 36  PHE A CE2 1 
ATOM   334  C CZ  . PHE A 1 36  ? 7.763   0.849   4.839   1.00 12.27 ? 36  PHE A CZ  1 
ATOM   335  N N   . ASP A 1 37  ? 9.486   5.353   3.430   1.00 10.15 ? 37  ASP A N   1 
ATOM   336  C CA  . ASP A 1 37  ? 9.381   5.422   1.966   1.00 10.41 ? 37  ASP A CA  1 
ATOM   337  C C   . ASP A 1 37  ? 8.113   6.197   1.666   1.00 11.29 ? 37  ASP A C   1 
ATOM   338  O O   . ASP A 1 37  ? 7.079   6.062   2.361   1.00 15.90 ? 37  ASP A O   1 
ATOM   339  C CB  . ASP A 1 37  ? 9.300   4.008   1.355   1.00 12.05 ? 37  ASP A CB  1 
ATOM   340  C CG  . ASP A 1 37  ? 9.272   3.923   -0.149  1.00 12.33 ? 37  ASP A CG  1 
ATOM   341  O OD1 . ASP A 1 37  ? 9.836   4.810   -0.811  1.00 17.58 ? 37  ASP A OD1 1 
ATOM   342  O OD2 . ASP A 1 37  ? 8.659   2.962   -0.676  1.00 12.95 ? 37  ASP A OD2 1 
ATOM   343  N N   . SER A 1 38  ? 8.142   7.052   0.647   1.00 10.13 ? 38  SER A N   1 
ATOM   344  C CA  . SER A 1 38  ? 6.967   7.790   0.288   1.00 9.94  ? 38  SER A CA  1 
ATOM   345  C C   . SER A 1 38  ? 7.029   8.330   -1.134  1.00 8.92  ? 38  SER A C   1 
ATOM   346  O O   . SER A 1 38  ? 7.974   9.032   -1.533  1.00 10.20 ? 38  SER A O   1 
ATOM   347  C CB  . SER A 1 38  ? 6.859   8.998   1.197   1.00 11.73 ? 38  SER A CB  1 
ATOM   348  O OG  . SER A 1 38  ? 5.757   9.777   0.787   1.00 12.69 ? 38  SER A OG  1 
ATOM   349  N N   . SER A 1 39  ? 6.003   8.049   -1.901  1.00 8.56  ? 39  SER A N   1 
ATOM   350  C CA  . SER A 1 39  ? 5.884   8.627   -3.246  1.00 7.34  ? 39  SER A CA  1 
ATOM   351  C C   . SER A 1 39  ? 5.591   10.097  -3.141  1.00 7.25  ? 39  SER A C   1 
ATOM   352  O O   . SER A 1 39  ? 5.870   10.914  -4.062  1.00 7.81  ? 39  SER A O   1 
ATOM   353  C CB  . SER A 1 39  ? 4.789   7.929   -4.070  1.00 7.25  ? 39  SER A CB  1 
ATOM   354  O OG  . SER A 1 39  ? 3.539   8.135   -3.488  1.00 7.00  ? 39  SER A OG  1 
ATOM   355  N N   A ARG A 1 40  ? 4.986   10.518  -2.029  0.53 8.38  ? 40  ARG A N   1 
ATOM   356  N N   B ARG A 1 40  ? 4.953   10.566  -2.075  0.47 7.88  ? 40  ARG A N   1 
ATOM   357  C CA  A ARG A 1 40  ? 4.630   11.898  -1.767  0.53 8.52  ? 40  ARG A CA  1 
ATOM   358  C CA  B ARG A 1 40  ? 4.684   11.994  -1.968  0.47 8.27  ? 40  ARG A CA  1 
ATOM   359  C C   A ARG A 1 40  ? 5.902   12.751  -1.622  0.53 9.49  ? 40  ARG A C   1 
ATOM   360  C C   B ARG A 1 40  ? 6.015   12.716  -1.788  0.47 9.16  ? 40  ARG A C   1 
ATOM   361  O O   A ARG A 1 40  ? 5.868   13.895  -2.145  0.53 8.95  ? 40  ARG A O   1 
ATOM   362  O O   B ARG A 1 40  ? 6.261   13.763  -2.409  0.47 8.06  ? 40  ARG A O   1 
ATOM   363  C CB  A ARG A 1 40  ? 3.736   11.986  -0.516  0.53 9.95  ? 40  ARG A CB  1 
ATOM   364  C CB  B ARG A 1 40  ? 3.698   12.219  -0.824  0.47 8.88  ? 40  ARG A CB  1 
ATOM   365  C CG  A ARG A 1 40  ? 2.412   11.233  -0.679  0.53 9.50  ? 40  ARG A CG  1 
ATOM   366  C CG  B ARG A 1 40  ? 2.348   11.554  -1.091  0.47 9.31  ? 40  ARG A CG  1 
ATOM   367  C CD  A ARG A 1 40  ? 1.357   11.601  0.339   0.53 10.69 ? 40  ARG A CD  1 
ATOM   368  C CD  B ARG A 1 40  ? 1.294   12.168  -0.187  0.47 10.99 ? 40  ARG A CD  1 
ATOM   369  N NE  A ARG A 1 40  ? 0.111   10.823  0.182   0.53 9.96  ? 40  ARG A NE  1 
ATOM   370  N NE  B ARG A 1 40  ? 0.037   11.445  -0.211  0.47 9.92  ? 40  ARG A NE  1 
ATOM   371  C CZ  A ARG A 1 40  ? -0.252  9.662   0.750   0.53 10.01 ? 40  ARG A CZ  1 
ATOM   372  C CZ  B ARG A 1 40  ? -0.950  11.706  -1.041  0.47 8.71  ? 40  ARG A CZ  1 
ATOM   373  N NH1 A ARG A 1 40  ? 0.695   9.211   1.603   0.53 11.67 ? 40  ARG A NH1 1 
ATOM   374  N NH1 B ARG A 1 40  ? -0.846  12.666  -1.969  0.47 9.96  ? 40  ARG A NH1 1 
ATOM   375  N NH2 A ARG A 1 40  ? -1.438  8.860   0.618   0.53 7.01  ? 40  ARG A NH2 1 
ATOM   376  N NH2 B ARG A 1 40  ? -2.088  10.995  -0.992  0.47 7.51  ? 40  ARG A NH2 1 
ATOM   377  N N   . ASP A 1 41  ? 6.962   12.192  -1.004  1.00 10.26 ? 41  ASP A N   1 
ATOM   378  C CA  . ASP A 1 41  ? 8.290   12.843  -0.908  1.00 12.04 ? 41  ASP A CA  1 
ATOM   379  C C   . ASP A 1 41  ? 8.981   12.928  -2.262  1.00 10.99 ? 41  ASP A C   1 
ATOM   380  O O   . ASP A 1 41  ? 9.652   13.941  -2.482  1.00 12.68 ? 41  ASP A O   1 
ATOM   381  C CB  . ASP A 1 41  ? 9.225   12.085  0.047   1.00 13.91 ? 41  ASP A CB  1 
ATOM   382  C CG  . ASP A 1 41  ? 8.843   12.114  1.506   1.00 19.87 ? 41  ASP A CG  1 
ATOM   383  O OD1 . ASP A 1 41  ? 9.402   11.430  2.374   1.00 27.28 ? 41  ASP A OD1 1 
ATOM   384  O OD2 . ASP A 1 41  ? 7.870   12.839  1.860   1.00 24.61 ? 41  ASP A OD2 1 
ATOM   385  N N   . ARG A 1 42  ? 8.781   11.967  -3.154  1.00 9.45  ? 42  ARG A N   1 
ATOM   386  C CA  . ARG A 1 42  ? 9.339   12.014  -4.484  1.00 9.36  ? 42  ARG A CA  1 
ATOM   387  C C   . ARG A 1 42  ? 8.511   12.953  -5.384  1.00 8.09  ? 42  ARG A C   1 
ATOM   388  O O   . ARG A 1 42  ? 8.994   13.280  -6.457  1.00 8.73  ? 42  ARG A O   1 
ATOM   389  C CB  . ARG A 1 42  ? 9.364   10.601  -5.117  1.00 9.76  ? 42  ARG A CB  1 
ATOM   390  C CG  . ARG A 1 42  ? 10.341  9.644   -4.409  1.00 11.17 ? 42  ARG A CG  1 
ATOM   391  C CD  . ARG A 1 42  ? 10.498  8.356   -5.177  1.00 12.36 ? 42  ARG A CD  1 
ATOM   392  N NE  . ARG A 1 42  ? 9.289   7.499   -5.173  1.00 11.28 ? 42  ARG A NE  1 
ATOM   393  C CZ  . ARG A 1 42  ? 8.994   6.564   -4.260  1.00 10.17 ? 42  ARG A CZ  1 
ATOM   394  N NH1 . ARG A 1 42  ? 9.817   6.380   -3.265  1.00 14.84 ? 42  ARG A NH1 1 
ATOM   395  N NH2 . ARG A 1 42  ? 7.901   5.844   -4.405  1.00 10.75 ? 42  ARG A NH2 1 
ATOM   396  N N   A ASN A 1 43  ? 7.293   13.250  -4.996  0.60 8.12  ? 43  ASN A N   1 
ATOM   397  N N   B ASN A 1 43  ? 7.299   13.305  -5.017  0.40 8.15  ? 43  ASN A N   1 
ATOM   398  C CA  A ASN A 1 43  ? 6.332   14.018  -5.757  0.60 7.81  ? 43  ASN A CA  1 
ATOM   399  C CA  B ASN A 1 43  ? 6.411   14.146  -5.810  0.40 7.75  ? 43  ASN A CA  1 
ATOM   400  C C   A ASN A 1 43  ? 5.979   13.372  -7.109  0.60 6.27  ? 43  ASN A C   1 
ATOM   401  C C   B ASN A 1 43  ? 5.922   13.393  -7.065  0.40 8.09  ? 43  ASN A C   1 
ATOM   402  O O   A ASN A 1 43  ? 5.805   14.052  -8.133  0.60 7.34  ? 43  ASN A O   1 
ATOM   403  O O   B ASN A 1 43  ? 5.602   14.066  -8.056  0.40 6.82  ? 43  ASN A O   1 
ATOM   404  C CB  A ASN A 1 43  ? 6.746   15.493  -6.004  0.60 7.75  ? 43  ASN A CB  1 
ATOM   405  C CB  B ASN A 1 43  ? 7.053   15.512  -6.161  0.40 10.59 ? 43  ASN A CB  1 
ATOM   406  C CG  A ASN A 1 43  ? 6.348   16.256  -4.761  0.60 9.69  ? 43  ASN A CG  1 
ATOM   407  C CG  B ASN A 1 43  ? 7.360   16.376  -4.944  0.40 12.25 ? 43  ASN A CG  1 
ATOM   408  O OD1 A ASN A 1 43  ? 5.188   16.345  -4.378  0.60 9.29  ? 43  ASN A OD1 1 
ATOM   409  O OD1 B ASN A 1 43  ? 6.479   16.716  -4.155  0.40 13.70 ? 43  ASN A OD1 1 
ATOM   410  N ND2 A ASN A 1 43  ? 7.328   16.814  -4.099  0.60 10.19 ? 43  ASN A ND2 1 
ATOM   411  N ND2 B ASN A 1 43  ? 8.651   16.708  -4.796  0.40 17.17 ? 43  ASN A ND2 1 
ATOM   412  N N   . LYS A 1 44  ? 5.834   12.057  -7.053  1.00 6.92  ? 44  LYS A N   1 
ATOM   413  C CA  . LYS A 1 44  ? 5.478   11.299  -8.277  1.00 7.07  ? 44  LYS A CA  1 
ATOM   414  C C   . LYS A 1 44  ? 4.685   10.079  -7.878  1.00 6.41  ? 44  LYS A C   1 
ATOM   415  O O   . LYS A 1 44  ? 5.180   9.275   -7.052  1.00 7.30  ? 44  LYS A O   1 
ATOM   416  C CB  . LYS A 1 44  ? 6.742   10.875  -9.028  1.00 8.66  ? 44  LYS A CB  1 
ATOM   417  C CG  . LYS A 1 44  ? 6.443   10.099  -10.297 1.00 10.48 ? 44  LYS A CG  1 
ATOM   418  C CD  . LYS A 1 44  ? 7.724   9.691   -10.997 1.00 15.47 ? 44  LYS A CD  1 
ATOM   419  C CE  . LYS A 1 44  ? 7.543   8.663   -12.133 1.00 19.39 ? 44  LYS A CE  1 
ATOM   420  N NZ  . LYS A 1 44  ? 8.820   8.565   -12.858 1.00 23.55 ? 44  LYS A NZ  1 
ATOM   421  N N   . PRO A 1 45  ? 3.492   9.869   -8.408  1.00 6.27  ? 45  PRO A N   1 
ATOM   422  C CA  . PRO A 1 45  ? 2.739   8.638   -8.119  1.00 6.53  ? 45  PRO A CA  1 
ATOM   423  C C   . PRO A 1 45  ? 3.526   7.404   -8.476  1.00 6.30  ? 45  PRO A C   1 
ATOM   424  O O   . PRO A 1 45  ? 4.337   7.368   -9.402  1.00 7.50  ? 45  PRO A O   1 
ATOM   425  C CB  . PRO A 1 45  ? 1.478   8.775   -8.972  1.00 7.05  ? 45  PRO A CB  1 
ATOM   426  C CG  . PRO A 1 45  ? 1.285   10.258  -9.146  1.00 7.48  ? 45  PRO A CG  1 
ATOM   427  C CD  . PRO A 1 45  ? 2.689   10.813  -9.238  1.00 6.73  ? 45  PRO A CD  1 
ATOM   428  N N   . PHE A 1 46  ? 3.184   6.331   -7.738  1.00 6.24  ? 46  PHE A N   1 
ATOM   429  C CA  . PHE A 1 46  ? 3.767   5.009   -7.921  1.00 6.05  ? 46  PHE A CA  1 
ATOM   430  C C   . PHE A 1 46  ? 2.762   4.086   -8.603  1.00 5.98  ? 46  PHE A C   1 
ATOM   431  O O   . PHE A 1 46  ? 1.569   4.135   -8.281  1.00 7.17  ? 46  PHE A O   1 
ATOM   432  C CB  . PHE A 1 46  ? 4.165   4.481   -6.532  1.00 7.05  ? 46  PHE A CB  1 
ATOM   433  C CG  . PHE A 1 46  ? 4.660   3.085   -6.512  1.00 8.57  ? 46  PHE A CG  1 
ATOM   434  C CD1 . PHE A 1 46  ? 3.896   2.031   -6.097  1.00 9.45  ? 46  PHE A CD1 1 
ATOM   435  C CD2 . PHE A 1 46  ? 5.947   2.810   -6.944  1.00 13.71 ? 46  PHE A CD2 1 
ATOM   436  C CE1 . PHE A 1 46  ? 4.323   0.733   -6.082  1.00 10.58 ? 46  PHE A CE1 1 
ATOM   437  C CE2 . PHE A 1 46  ? 6.388   1.473   -6.945  1.00 16.40 ? 46  PHE A CE2 1 
ATOM   438  C CZ  . PHE A 1 46  ? 5.563   0.437   -6.514  1.00 13.10 ? 46  PHE A CZ  1 
ATOM   439  N N   . LYS A 1 47  ? 3.255   3.257   -9.492  1.00 7.02  ? 47  LYS A N   1 
ATOM   440  C CA  . LYS A 1 47  ? 2.416   2.345   -10.262 1.00 7.62  ? 47  LYS A CA  1 
ATOM   441  C C   . LYS A 1 47  ? 2.816   0.916   -10.011 1.00 7.54  ? 47  LYS A C   1 
ATOM   442  O O   . LYS A 1 47  ? 4.010   0.570   -9.964  1.00 9.34  ? 47  LYS A O   1 
ATOM   443  C CB  . LYS A 1 47  ? 2.581   2.618   -11.770 1.00 9.95  ? 47  LYS A CB  1 
ATOM   444  C CG  . LYS A 1 47  ? 2.276   4.048   -12.165 1.00 13.11 ? 47  LYS A CG  1 
ATOM   445  C CD  . LYS A 1 47  ? 1.899   4.172   -13.618 1.00 19.81 ? 47  LYS A CD  1 
ATOM   446  C CE  . LYS A 1 47  ? 2.878   4.991   -14.411 1.00 27.09 ? 47  LYS A CE  1 
ATOM   447  N NZ  . LYS A 1 47  ? 2.686   4.683   -15.861 1.00 26.65 ? 47  LYS A NZ  1 
ATOM   448  N N   . PHE A 1 48  ? 1.808   0.020   -9.873  1.00 6.95  ? 48  PHE A N   1 
ATOM   449  C CA  . PHE A 1 48  ? 2.093   -1.416  -9.819  1.00 7.23  ? 48  PHE A CA  1 
ATOM   450  C C   . PHE A 1 48  ? 0.943   -2.151  -10.489 1.00 6.35  ? 48  PHE A C   1 
ATOM   451  O O   . PHE A 1 48  ? -0.180  -1.689  -10.514 1.00 7.49  ? 48  PHE A O   1 
ATOM   452  C CB  . PHE A 1 48  ? 2.344   -1.920  -8.405  1.00 7.61  ? 48  PHE A CB  1 
ATOM   453  C CG  . PHE A 1 48  ? 1.140   -1.899  -7.502  1.00 7.15  ? 48  PHE A CG  1 
ATOM   454  C CD1 . PHE A 1 48  ? 0.370   -3.060  -7.339  1.00 7.91  ? 48  PHE A CD1 1 
ATOM   455  C CD2 . PHE A 1 48  ? 0.735   -0.774  -6.819  1.00 8.77  ? 48  PHE A CD2 1 
ATOM   456  C CE1 . PHE A 1 48  ? -0.753  -3.062  -6.528  1.00 8.96  ? 48  PHE A CE1 1 
ATOM   457  C CE2 . PHE A 1 48  ? -0.363  -0.776  -6.005  1.00 9.93  ? 48  PHE A CE2 1 
ATOM   458  C CZ  . PHE A 1 48  ? -1.080  -1.917  -5.848  1.00 9.09  ? 48  PHE A CZ  1 
ATOM   459  N N   . MET A 1 49  ? 1.246   -3.348  -10.982 1.00 7.06  ? 49  MET A N   1 
ATOM   460  C CA  . MET A 1 49  ? 0.248   -4.194  -11.630 1.00 6.89  ? 49  MET A CA  1 
ATOM   461  C C   . MET A 1 49  ? -0.335  -5.152  -10.578 1.00 6.74  ? 49  MET A C   1 
ATOM   462  O O   . MET A 1 49  ? 0.405   -5.971  -9.997  1.00 7.60  ? 49  MET A O   1 
ATOM   463  C CB  . MET A 1 49  ? 0.849   -4.996  -12.771 1.00 7.98  ? 49  MET A CB  1 
ATOM   464  C CG  . MET A 1 49  ? -0.203  -5.889  -13.451 1.00 9.16  ? 49  MET A CG  1 
ATOM   465  S SD  . MET A 1 49  ? 0.433   -6.907  -14.777 1.00 11.51 ? 49  MET A SD  1 
ATOM   466  C CE  . MET A 1 49  ? 0.712   -5.642  -16.003 1.00 11.98 ? 49  MET A CE  1 
ATOM   467  N N   A LEU A 1 50  ? -1.624  -5.049  -10.339 0.46 7.20  ? 50  LEU A N   1 
ATOM   468  N N   B LEU A 1 50  ? -1.636  -5.078  -10.342 0.54 7.13  ? 50  LEU A N   1 
ATOM   469  C CA  A LEU A 1 50  ? -2.254  -5.976  -9.409  0.46 7.65  ? 50  LEU A CA  1 
ATOM   470  C CA  B LEU A 1 50  ? -2.238  -5.962  -9.349  0.54 7.51  ? 50  LEU A CA  1 
ATOM   471  C C   A LEU A 1 50  ? -2.106  -7.409  -9.902  0.46 8.28  ? 50  LEU A C   1 
ATOM   472  C C   B LEU A 1 50  ? -2.213  -7.407  -9.822  0.54 7.01  ? 50  LEU A C   1 
ATOM   473  O O   A LEU A 1 50  ? -2.506  -7.709  -11.024 0.46 7.30  ? 50  LEU A O   1 
ATOM   474  O O   B LEU A 1 50  ? -2.723  -7.771  -10.882 0.54 9.57  ? 50  LEU A O   1 
ATOM   475  C CB  A LEU A 1 50  ? -3.734  -5.593  -9.290  0.46 8.82  ? 50  LEU A CB  1 
ATOM   476  C CB  B LEU A 1 50  ? -3.686  -5.510  -9.081  0.54 7.57  ? 50  LEU A CB  1 
ATOM   477  C CG  A LEU A 1 50  ? -4.491  -6.106  -8.076  0.46 10.21 ? 50  LEU A CG  1 
ATOM   478  C CG  B LEU A 1 50  ? -4.415  -6.416  -8.083  0.54 7.78  ? 50  LEU A CG  1 
ATOM   479  C CD1 A LEU A 1 50  ? -5.807  -5.346  -7.895  0.46 15.17 ? 50  LEU A CD1 1 
ATOM   480  C CD1 B LEU A 1 50  ? -3.796  -6.293  -6.688  0.54 11.22 ? 50  LEU A CD1 1 
ATOM   481  C CD2 A LEU A 1 50  ? -4.857  -7.571  -8.130  0.46 17.38 ? 50  LEU A CD2 1 
ATOM   482  C CD2 B LEU A 1 50  ? -5.910  -6.086  -8.056  0.54 8.58  ? 50  LEU A CD2 1 
ATOM   483  N N   . GLY A 1 51  ? -1.608  -8.256  -8.988  1.00 8.37  ? 51  GLY A N   1 
ATOM   484  C CA  . GLY A 1 51  ? -1.437  -9.658  -9.289  1.00 10.06 ? 51  GLY A CA  1 
ATOM   485  C C   . GLY A 1 51  ? -0.035  -10.048 -9.709  1.00 8.87  ? 51  GLY A C   1 
ATOM   486  O O   . GLY A 1 51  ? 0.311   -11.236 -9.716  1.00 10.53 ? 51  GLY A O   1 
ATOM   487  N N   . LYS A 1 52  ? 0.781   -9.065  -10.074 1.00 8.29  ? 52  LYS A N   1 
ATOM   488  C CA  . LYS A 1 52  ? 2.166   -9.346  -10.477 1.00 8.58  ? 52  LYS A CA  1 
ATOM   489  C C   . LYS A 1 52  ? 3.035   -9.712  -9.283  1.00 8.65  ? 52  LYS A C   1 
ATOM   490  O O   . LYS A 1 52  ? 4.189   -10.195 -9.451  1.00 9.84  ? 52  LYS A O   1 
ATOM   491  C CB  . LYS A 1 52  ? 2.736   -8.182  -11.253 1.00 9.35  ? 52  LYS A CB  1 
ATOM   492  C CG  . LYS A 1 52  ? 4.116   -8.331  -11.861 1.00 10.56 ? 52  LYS A CG  1 
ATOM   493  C CD  . LYS A 1 52  ? 4.438   -7.112  -12.722 1.00 12.57 ? 52  LYS A CD  1 
ATOM   494  C CE  . LYS A 1 52  ? 5.929   -7.033  -12.981 1.00 15.24 ? 52  LYS A CE  1 
ATOM   495  N NZ  . LYS A 1 52  ? 6.311   -5.748  -13.640 1.00 16.02 ? 52  LYS A NZ  1 
ATOM   496  N N   . GLN A 1 53  ? 2.590   -9.401  -8.065  1.00 8.64  ? 53  GLN A N   1 
ATOM   497  C CA  . GLN A 1 53  ? 3.375   -9.638  -6.862  1.00 8.57  ? 53  GLN A CA  1 
ATOM   498  C C   . GLN A 1 53  ? 4.710   -8.877  -6.902  1.00 8.55  ? 53  GLN A C   1 
ATOM   499  O O   . GLN A 1 53  ? 5.729   -9.331  -6.410  1.00 10.88 ? 53  GLN A O   1 
ATOM   500  C CB  . GLN A 1 53  ? 3.575   -11.142 -6.577  1.00 10.20 ? 53  GLN A CB  1 
ATOM   501  C CG  . GLN A 1 53  ? 2.225   -11.818 -6.314  1.00 11.01 ? 53  GLN A CG  1 
ATOM   502  C CD  . GLN A 1 53  ? 2.416   -13.262 -5.983  1.00 13.25 ? 53  GLN A CD  1 
ATOM   503  O OE1 . GLN A 1 53  ? 2.535   -14.093 -6.847  1.00 13.82 ? 53  GLN A OE1 1 
ATOM   504  N NE2 . GLN A 1 53  ? 2.431   -13.660 -4.736  1.00 20.55 ? 53  GLN A NE2 1 
ATOM   505  N N   . GLU A 1 54  ? 4.674   -7.631  -7.434  1.00 8.39  ? 54  GLU A N   1 
ATOM   506  C CA  . GLU A 1 54  ? 5.832   -6.750  -7.413  1.00 8.66  ? 54  GLU A CA  1 
ATOM   507  C C   . GLU A 1 54  ? 5.793   -5.807  -6.185  1.00 8.32  ? 54  GLU A C   1 
ATOM   508  O O   . GLU A 1 54  ? 6.711   -5.040  -6.025  1.00 11.86 ? 54  GLU A O   1 
ATOM   509  C CB  . GLU A 1 54  ? 5.992   -6.026  -8.747  1.00 9.37  ? 54  GLU A CB  1 
ATOM   510  C CG  . GLU A 1 54  ? 4.907   -5.003  -9.031  1.00 9.34  ? 54  GLU A CG  1 
ATOM   511  C CD  . GLU A 1 54  ? 5.037   -4.431  -10.441 1.00 8.54  ? 54  GLU A CD  1 
ATOM   512  O OE1 . GLU A 1 54  ? 6.120   -4.503  -11.071 1.00 11.28 ? 54  GLU A OE1 1 
ATOM   513  O OE2 . GLU A 1 54  ? 4.005   -3.912  -10.929 1.00 9.32  ? 54  GLU A OE2 1 
ATOM   514  N N   . VAL A 1 55  ? 4.721   -5.887  -5.391  1.00 7.81  ? 55  VAL A N   1 
ATOM   515  C CA  . VAL A 1 55  ? 4.618   -5.198  -4.099  1.00 8.08  ? 55  VAL A CA  1 
ATOM   516  C C   . VAL A 1 55  ? 4.233   -6.282  -3.080  1.00 8.01  ? 55  VAL A C   1 
ATOM   517  O O   . VAL A 1 55  ? 3.840   -7.375  -3.442  1.00 8.78  ? 55  VAL A O   1 
ATOM   518  C CB  . VAL A 1 55  ? 3.538   -4.093  -4.134  1.00 8.96  ? 55  VAL A CB  1 
ATOM   519  C CG1 . VAL A 1 55  ? 4.020   -2.972  -5.094  1.00 11.44 ? 55  VAL A CG1 1 
ATOM   520  C CG2 . VAL A 1 55  ? 2.177   -4.635  -4.507  1.00 9.80  ? 55  VAL A CG2 1 
ATOM   521  N N   . ILE A 1 56  ? 4.364   -5.936  -1.808  1.00 7.81  ? 56  ILE A N   1 
ATOM   522  C CA  . ILE A 1 56  ? 4.087   -6.908  -0.739  1.00 7.87  ? 56  ILE A CA  1 
ATOM   523  C C   . ILE A 1 56  ? 2.606   -7.332  -0.758  1.00 7.59  ? 56  ILE A C   1 
ATOM   524  O O   . ILE A 1 56  ? 1.687   -6.694  -1.256  1.00 8.26  ? 56  ILE A O   1 
ATOM   525  C CB  . ILE A 1 56  ? 4.521   -6.348  0.632   1.00 8.18  ? 56  ILE A CB  1 
ATOM   526  C CG1 . ILE A 1 56  ? 3.800   -5.022  0.939   1.00 9.00  ? 56  ILE A CG1 1 
ATOM   527  C CG2 . ILE A 1 56  ? 6.051   -6.256  0.726   1.00 9.61  ? 56  ILE A CG2 1 
ATOM   528  C CD1 . ILE A 1 56  ? 4.084   -4.484  2.355   1.00 9.02  ? 56  ILE A CD1 1 
ATOM   529  N N   . ARG A 1 57  ? 2.401   -8.494  -0.150  1.00 8.02  ? 57  ARG A N   1 
ATOM   530  C CA  . ARG A 1 57  ? 1.089   -9.116  -0.175  1.00 8.01  ? 57  ARG A CA  1 
ATOM   531  C C   . ARG A 1 57  ? 0.014   -8.216  0.430   1.00 7.30  ? 57  ARG A C   1 
ATOM   532  O O   . ARG A 1 57  ? -1.106  -8.099  -0.098  1.00 8.98  ? 57  ARG A O   1 
ATOM   533  C CB  . ARG A 1 57  ? 1.120   -10.437 0.608   1.00 8.86  ? 57  ARG A CB  1 
ATOM   534  C CG  . ARG A 1 57  ? -0.216  -11.194 0.543   1.00 10.15 ? 57  ARG A CG  1 
ATOM   535  C CD  . ARG A 1 57  ? -0.066  -12.554 1.175   1.00 11.51 ? 57  ARG A CD  1 
ATOM   536  N NE  . ARG A 1 57  ? -1.334  -13.290 1.238   1.00 17.06 ? 57  ARG A NE  1 
ATOM   537  C CZ  . ARG A 1 57  ? -1.495  -14.482 1.796   1.00 22.49 ? 57  ARG A CZ  1 
ATOM   538  N NH1 . ARG A 1 57  ? -0.436  -15.083 2.301   1.00 26.47 ? 57  ARG A NH1 1 
ATOM   539  N NH2 . ARG A 1 57  ? -2.690  -15.043 1.826   1.00 26.96 ? 57  ARG A NH2 1 
ATOM   540  N N   . GLY A 1 58  ? 0.349   -7.484  1.521   1.00 6.74  ? 58  GLY A N   1 
ATOM   541  C CA  . GLY A 1 58  ? -0.673  -6.611  2.116   1.00 6.45  ? 58  GLY A CA  1 
ATOM   542  C C   . GLY A 1 58  ? -1.068  -5.448  1.237   1.00 6.57  ? 58  GLY A C   1 
ATOM   543  O O   . GLY A 1 58  ? -2.165  -4.936  1.350   1.00 7.00  ? 58  GLY A O   1 
ATOM   544  N N   . TRP A 1 59  ? -0.161  -5.038  0.312   1.00 7.38  ? 59  TRP A N   1 
ATOM   545  C CA  . TRP A 1 59  ? -0.612  -4.095  -0.782  1.00 7.73  ? 59  TRP A CA  1 
ATOM   546  C C   . TRP A 1 59  ? -1.558  -4.754  -1.756  1.00 8.26  ? 59  TRP A C   1 
ATOM   547  O O   . TRP A 1 59  ? -2.548  -4.147  -2.114  1.00 10.52 ? 59  TRP A O   1 
ATOM   548  C CB  . TRP A 1 59  ? 0.605   -3.562  -1.507  1.00 8.37  ? 59  TRP A CB  1 
ATOM   549  C CG  . TRP A 1 59  ? 1.226   -2.370  -0.868  1.00 8.36  ? 59  TRP A CG  1 
ATOM   550  C CD1 . TRP A 1 59  ? 1.586   -2.183  0.434   1.00 9.67  ? 59  TRP A CD1 1 
ATOM   551  C CD2 . TRP A 1 59  ? 1.568   -1.174  -1.570  1.00 9.21  ? 59  TRP A CD2 1 
ATOM   552  N NE1 . TRP A 1 59  ? 2.128   -0.912  0.566   1.00 10.61 ? 59  TRP A NE1 1 
ATOM   553  C CE2 . TRP A 1 59  ? 2.120   -0.272  -0.641  1.00 10.38 ? 59  TRP A CE2 1 
ATOM   554  C CE3 . TRP A 1 59  ? 1.408   -0.794  -2.914  1.00 10.85 ? 59  TRP A CE3 1 
ATOM   555  C CZ2 . TRP A 1 59  ? 2.544   1.006   -1.018  1.00 11.60 ? 59  TRP A CZ2 1 
ATOM   556  C CZ3 . TRP A 1 59  ? 1.832   0.453   -3.290  1.00 15.88 ? 59  TRP A CZ3 1 
ATOM   557  C CH2 . TRP A 1 59  ? 2.390   1.303   -2.341  1.00 16.55 ? 59  TRP A CH2 1 
ATOM   558  N N   A GLU A 1 60  ? -1.124  -5.949  -2.249  0.45 7.83  ? 60  GLU A N   1 
ATOM   559  N N   B GLU A 1 60  ? -1.274  -5.985  -2.222  0.55 8.11  ? 60  GLU A N   1 
ATOM   560  C CA  A GLU A 1 60  ? -1.970  -6.708  -3.187  0.45 9.22  ? 60  GLU A CA  1 
ATOM   561  C CA  B GLU A 1 60  ? -2.197  -6.458  -3.270  0.55 8.43  ? 60  GLU A CA  1 
ATOM   562  C C   A GLU A 1 60  ? -3.401  -6.713  -2.641  0.45 10.38 ? 60  GLU A C   1 
ATOM   563  C C   B GLU A 1 60  ? -3.554  -6.796  -2.693  0.55 8.98  ? 60  GLU A C   1 
ATOM   564  O O   A GLU A 1 60  ? -4.304  -6.101  -3.241  0.45 15.69 ? 60  GLU A O   1 
ATOM   565  O O   B GLU A 1 60  ? -4.549  -6.588  -3.357  0.55 11.15 ? 60  GLU A O   1 
ATOM   566  C CB  A GLU A 1 60  ? -1.426  -8.123  -3.416  0.45 9.57  ? 60  GLU A CB  1 
ATOM   567  C CB  B GLU A 1 60  ? -1.563  -7.665  -3.915  0.55 9.34  ? 60  GLU A CB  1 
ATOM   568  C CG  A GLU A 1 60  ? -0.185  -8.247  -4.280  0.45 10.87 ? 60  GLU A CG  1 
ATOM   569  C CG  B GLU A 1 60  ? -0.337  -7.362  -4.750  0.55 8.73  ? 60  GLU A CG  1 
ATOM   570  C CD  A GLU A 1 60  ? -0.362  -8.012  -5.756  0.45 10.89 ? 60  GLU A CD  1 
ATOM   571  C CD  B GLU A 1 60  ? -0.109  -8.488  -5.764  0.55 9.25  ? 60  GLU A CD  1 
ATOM   572  O OE1 A GLU A 1 60  ? -1.531  -7.717  -6.116  0.45 16.09 ? 60  GLU A OE1 1 
ATOM   573  O OE1 B GLU A 1 60  ? -0.336  -9.663  -5.370  0.55 14.54 ? 60  GLU A OE1 1 
ATOM   574  O OE2 A GLU A 1 60  ? 0.522   -8.036  -6.631  0.45 11.32 ? 60  GLU A OE2 1 
ATOM   575  O OE2 B GLU A 1 60  ? 0.265   -8.130  -6.908  0.55 9.77  ? 60  GLU A OE2 1 
ATOM   576  N N   . GLU A 1 61  ? -3.566  -7.258  -1.439  1.00 9.04  ? 61  GLU A N   1 
ATOM   577  C CA  . GLU A 1 61  ? -4.845  -7.544  -0.857  1.00 9.72  ? 61  GLU A CA  1 
ATOM   578  C C   . GLU A 1 61  ? -5.499  -6.259  -0.339  1.00 9.61  ? 61  GLU A C   1 
ATOM   579  O O   . GLU A 1 61  ? -6.726  -6.171  -0.355  1.00 13.56 ? 61  GLU A O   1 
ATOM   580  C CB  . GLU A 1 61  ? -4.741  -8.590  0.258   1.00 11.43 ? 61  GLU A CB  1 
ATOM   581  C CG  . GLU A 1 61  ? -4.141  -9.869  -0.325  1.00 17.46 ? 61  GLU A CG  1 
ATOM   582  C CD  . GLU A 1 61  ? -4.411  -11.135 0.407   1.00 19.13 ? 61  GLU A CD  1 
ATOM   583  O OE1 . GLU A 1 61  ? -5.358  -11.064 1.232   1.00 21.28 ? 61  GLU A OE1 1 
ATOM   584  O OE2 . GLU A 1 61  ? -3.712  -12.159 0.108   1.00 20.41 ? 61  GLU A OE2 1 
ATOM   585  N N   . GLY A 1 62  ? -4.727  -5.269  0.139   1.00 7.99  ? 62  GLY A N   1 
ATOM   586  C CA  . GLY A 1 62  ? -5.313  -4.042  0.683   1.00 7.98  ? 62  GLY A CA  1 
ATOM   587  C C   . GLY A 1 62  ? -5.808  -3.083  -0.421  1.00 7.10  ? 62  GLY A C   1 
ATOM   588  O O   . GLY A 1 62  ? -6.923  -2.575  -0.336  1.00 7.65  ? 62  GLY A O   1 
ATOM   589  N N   . VAL A 1 63  ? -4.981  -2.842  -1.407  1.00 6.90  ? 63  VAL A N   1 
ATOM   590  C CA  . VAL A 1 63  ? -5.382  -1.940  -2.499  1.00 6.81  ? 63  VAL A CA  1 
ATOM   591  C C   . VAL A 1 63  ? -6.543  -2.540  -3.283  1.00 6.72  ? 63  VAL A C   1 
ATOM   592  O O   . VAL A 1 63  ? -7.403  -1.820  -3.781  1.00 7.04  ? 63  VAL A O   1 
ATOM   593  C CB  . VAL A 1 63  ? -4.190  -1.501  -3.356  1.00 7.64  ? 63  VAL A CB  1 
ATOM   594  C CG1 . VAL A 1 63  ? -4.656  -0.681  -4.549  1.00 9.07  ? 63  VAL A CG1 1 
ATOM   595  C CG2 . VAL A 1 63  ? -3.171  -0.780  -2.499  1.00 9.67  ? 63  VAL A CG2 1 
ATOM   596  N N   . ALA A 1 64  ? -6.617  -3.864  -3.400  1.00 6.86  ? 64  ALA A N   1 
ATOM   597  C CA  . ALA A 1 64  ? -7.736  -4.498  -4.084  1.00 7.67  ? 64  ALA A CA  1 
ATOM   598  C C   . ALA A 1 64  ? -9.077  -4.165  -3.431  1.00 7.50  ? 64  ALA A C   1 
ATOM   599  O O   . ALA A 1 64  ? -10.134 -4.220  -4.053  1.00 9.10  ? 64  ALA A O   1 
ATOM   600  C CB  . ALA A 1 64  ? -7.577  -6.011  -4.170  1.00 8.57  ? 64  ALA A CB  1 
ATOM   601  N N   . GLN A 1 65  ? -9.039  -3.840  -2.120  1.00 7.38  ? 65  GLN A N   1 
ATOM   602  C CA  . GLN A 1 65  ? -10.262 -3.489  -1.380  1.00 7.65  ? 65  GLN A CA  1 
ATOM   603  C C   . GLN A 1 65  ? -10.633 -2.027  -1.499  1.00 7.26  ? 65  GLN A C   1 
ATOM   604  O O   . GLN A 1 65  ? -11.663 -1.626  -0.938  1.00 8.72  ? 65  GLN A O   1 
ATOM   605  C CB  . GLN A 1 65  ? -10.076 -3.789  0.118   1.00 9.65  ? 65  GLN A CB  1 
ATOM   606  C CG  . GLN A 1 65  ? -9.927  -5.293  0.366   1.00 11.25 ? 65  GLN A CG  1 
ATOM   607  C CD  . GLN A 1 65  ? -9.746  -5.552  1.876   1.00 13.38 ? 65  GLN A CD  1 
ATOM   608  O OE1 . GLN A 1 65  ? -10.565 -5.091  2.641   1.00 24.55 ? 65  GLN A OE1 1 
ATOM   609  N NE2 . GLN A 1 65  ? -8.660  -6.201  2.135   1.00 15.24 ? 65  GLN A NE2 1 
ATOM   610  N N   . MET A 1 66  ? -9.823  -1.221  -2.189  1.00 6.62  ? 66  MET A N   1 
ATOM   611  C CA  . MET A 1 66  ? -10.021 0.211   -2.293  1.00 6.40  ? 66  MET A CA  1 
ATOM   612  C C   . MET A 1 66  ? -10.694 0.552   -3.615  1.00 6.49  ? 66  MET A C   1 
ATOM   613  O O   . MET A 1 66  ? -10.432 -0.091  -4.633  1.00 7.31  ? 66  MET A O   1 
ATOM   614  C CB  . MET A 1 66  ? -8.683  0.955   -2.169  1.00 6.55  ? 66  MET A CB  1 
ATOM   615  C CG  . MET A 1 66  ? -8.067  0.783   -0.773  1.00 7.11  ? 66  MET A CG  1 
ATOM   616  S SD  . MET A 1 66  ? -6.426  1.534   -0.657  1.00 7.51  ? 66  MET A SD  1 
ATOM   617  C CE  . MET A 1 66  ? -6.877  3.269   -0.907  1.00 7.82  ? 66  MET A CE  1 
ATOM   618  N N   . SER A 1 67  ? -11.484 1.633   -3.594  1.00 6.68  ? 67  SER A N   1 
ATOM   619  C CA  . SER A 1 67  ? -12.045 2.161   -4.817  1.00 7.01  ? 67  SER A CA  1 
ATOM   620  C C   . SER A 1 67  ? -11.306 3.419   -5.251  1.00 6.48  ? 67  SER A C   1 
ATOM   621  O O   . SER A 1 67  ? -10.608 4.094   -4.465  1.00 6.77  ? 67  SER A O   1 
ATOM   622  C CB  . SER A 1 67  ? -13.557 2.444   -4.665  1.00 8.48  ? 67  SER A CB  1 
ATOM   623  O OG  . SER A 1 67  ? -13.838 3.371   -3.617  1.00 8.97  ? 67  SER A OG  1 
ATOM   624  N N   . VAL A 1 68  ? -11.438 3.773   -6.528  1.00 7.13  ? 68  VAL A N   1 
ATOM   625  C CA  . VAL A 1 68  ? -10.767 4.925   -7.072  1.00 6.86  ? 68  VAL A CA  1 
ATOM   626  C C   . VAL A 1 68  ? -11.191 6.168   -6.285  1.00 6.91  ? 68  VAL A C   1 
ATOM   627  O O   . VAL A 1 68  ? -12.389 6.414   -6.070  1.00 7.67  ? 68  VAL A O   1 
ATOM   628  C CB  . VAL A 1 68  ? -10.999 5.067   -8.579  1.00 8.34  ? 68  VAL A CB  1 
ATOM   629  C CG1 . VAL A 1 68  ? -10.457 6.387   -9.090  1.00 9.48  ? 68  VAL A CG1 1 
ATOM   630  C CG2 . VAL A 1 68  ? -10.353 3.901   -9.306  1.00 9.65  ? 68  VAL A CG2 1 
ATOM   631  N N   . GLY A 1 69  ? -10.193 6.940   -5.876  1.00 6.76  ? 69  GLY A N   1 
ATOM   632  C CA  . GLY A 1 69  ? -10.388 8.143   -5.078  1.00 7.40  ? 69  GLY A CA  1 
ATOM   633  C C   . GLY A 1 69  ? -10.277 7.925   -3.579  1.00 6.74  ? 69  GLY A C   1 
ATOM   634  O O   . GLY A 1 69  ? -10.266 8.884   -2.826  1.00 8.30  ? 69  GLY A O   1 
ATOM   635  N N   . GLN A 1 70  ? -10.213 6.665   -3.132  1.00 6.20  ? 70  GLN A N   1 
ATOM   636  C CA  . GLN A 1 70  ? -10.152 6.371   -1.709  1.00 5.91  ? 70  GLN A CA  1 
ATOM   637  C C   . GLN A 1 70  ? -8.722  6.578   -1.195  1.00 5.32  ? 70  GLN A C   1 
ATOM   638  O O   . GLN A 1 70  ? -7.756  6.233   -1.837  1.00 5.98  ? 70  GLN A O   1 
ATOM   639  C CB  . GLN A 1 70  ? -10.557 4.924   -1.446  1.00 6.09  ? 70  GLN A CB  1 
ATOM   640  C CG  . GLN A 1 70  ? -10.766 4.568   -0.020  1.00 6.76  ? 70  GLN A CG  1 
ATOM   641  C CD  . GLN A 1 70  ? -11.266 3.149   0.145   1.00 6.72  ? 70  GLN A CD  1 
ATOM   642  O OE1 . GLN A 1 70  ? -11.575 2.484   -0.859  1.00 8.24  ? 70  GLN A OE1 1 
ATOM   643  N NE2 . GLN A 1 70  ? -11.342 2.649   1.364   1.00 8.42  ? 70  GLN A NE2 1 
ATOM   644  N N   . ARG A 1 71  ? -8.645  7.123   0.034   1.00 5.75  ? 71  ARG A N   1 
ATOM   645  C CA  . ARG A 1 71  ? -7.432  7.166   0.795   1.00 5.33  ? 71  ARG A CA  1 
ATOM   646  C C   . ARG A 1 71  ? -7.629  6.311   2.046   1.00 5.20  ? 71  ARG A C   1 
ATOM   647  O O   . ARG A 1 71  ? -8.683  6.420   2.682   1.00 5.77  ? 71  ARG A O   1 
ATOM   648  C CB  . ARG A 1 71  ? -7.069  8.598   1.163   1.00 5.89  ? 71  ARG A CB  1 
ATOM   649  C CG  . ARG A 1 71  ? -5.677  8.759   1.785   1.00 5.79  ? 71  ARG A CG  1 
ATOM   650  C CD  . ARG A 1 71  ? -5.267  10.213  1.805   1.00 6.77  ? 71  ARG A CD  1 
ATOM   651  N NE  . ARG A 1 71  ? -3.975  10.343  2.489   1.00 6.78  ? 71  ARG A NE  1 
ATOM   652  C CZ  . ARG A 1 71  ? -3.269  11.470  2.512   1.00 7.58  ? 71  ARG A CZ  1 
ATOM   653  N NH1 . ARG A 1 71  ? -3.677  12.553  1.857   1.00 8.49  ? 71  ARG A NH1 1 
ATOM   654  N NH2 . ARG A 1 71  ? -2.116  11.485  3.209   1.00 8.55  ? 71  ARG A NH2 1 
ATOM   655  N N   . ALA A 1 72  ? -6.663  5.454   2.384   1.00 5.32  ? 72  ALA A N   1 
ATOM   656  C CA  . ALA A 1 72  ? -6.854  4.519   3.455   1.00 5.55  ? 72  ALA A CA  1 
ATOM   657  C C   . ALA A 1 72  ? -5.531  4.228   4.140   1.00 5.27  ? 72  ALA A C   1 
ATOM   658  O O   . ALA A 1 72  ? -4.456  4.331   3.548   1.00 6.21  ? 72  ALA A O   1 
ATOM   659  C CB  . ALA A 1 72  ? -7.454  3.209   2.960   1.00 7.26  ? 72  ALA A CB  1 
ATOM   660  N N   . LYS A 1 73  ? -5.655  3.842   5.398   1.00 5.59  ? 73  LYS A N   1 
ATOM   661  C CA  . LYS A 1 73  ? -4.546  3.316   6.180   1.00 5.57  ? 73  LYS A CA  1 
ATOM   662  C C   . LYS A 1 73  ? -4.580  1.793   6.078   1.00 5.22  ? 73  LYS A C   1 
ATOM   663  O O   . LYS A 1 73  ? -5.581  1.157   6.402   1.00 7.17  ? 73  LYS A O   1 
ATOM   664  C CB  . LYS A 1 73  ? -4.764  3.718   7.655   1.00 6.66  ? 73  LYS A CB  1 
ATOM   665  C CG  . LYS A 1 73  ? -3.656  3.214   8.597   1.00 8.47  ? 73  LYS A CG  1 
ATOM   666  C CD  . LYS A 1 73  ? -3.859  3.638   10.010  1.00 13.31 ? 73  LYS A CD  1 
ATOM   667  C CE  . LYS A 1 73  ? -4.884  2.954   10.840  1.00 18.85 ? 73  LYS A CE  1 
ATOM   668  N NZ  . LYS A 1 73  ? -4.479  3.491   12.221  1.00 23.21 ? 73  LYS A NZ  1 
ATOM   669  N N   . LEU A 1 74  ? -3.444  1.228   5.626   1.00 5.43  ? 74  LEU A N   1 
ATOM   670  C CA  . LEU A 1 74  ? -3.284  -0.216  5.543   1.00 5.19  ? 74  LEU A CA  1 
ATOM   671  C C   . LEU A 1 74  ? -2.313  -0.598  6.662   1.00 5.53  ? 74  LEU A C   1 
ATOM   672  O O   . LEU A 1 74  ? -1.141  -0.226  6.634   1.00 6.11  ? 74  LEU A O   1 
ATOM   673  C CB  . LEU A 1 74  ? -2.665  -0.646  4.202   1.00 5.56  ? 74  LEU A CB  1 
ATOM   674  C CG  . LEU A 1 74  ? -3.596  -0.643  3.010   1.00 9.50  ? 74  LEU A CG  1 
ATOM   675  C CD1 . LEU A 1 74  ? -4.455  0.574   2.820   1.00 11.95 ? 74  LEU A CD1 1 
ATOM   676  C CD2 . LEU A 1 74  ? -2.816  -1.006  1.756   1.00 9.37  ? 74  LEU A CD2 1 
ATOM   677  N N   . THR A 1 75  ? -2.810  -1.387  7.637   1.00 5.24  ? 75  THR A N   1 
ATOM   678  C CA  . THR A 1 75  ? -1.965  -1.902  8.717   1.00 5.76  ? 75  THR A CA  1 
ATOM   679  C C   . THR A 1 75  ? -1.619  -3.326  8.333   1.00 5.60  ? 75  THR A C   1 
ATOM   680  O O   . THR A 1 75  ? -2.555  -4.181  8.204   1.00 6.01  ? 75  THR A O   1 
ATOM   681  C CB  . THR A 1 75  ? -2.674  -1.842  10.066  1.00 6.74  ? 75  THR A CB  1 
ATOM   682  O OG1 . THR A 1 75  ? -2.975  -0.456  10.364  1.00 7.46  ? 75  THR A OG1 1 
ATOM   683  C CG2 . THR A 1 75  ? -1.802  -2.427  11.153  1.00 8.49  ? 75  THR A CG2 1 
ATOM   684  N N   . ILE A 1 76  ? -0.356  -3.583  8.077   1.00 5.46  ? 76  ILE A N   1 
ATOM   685  C CA  . ILE A 1 76  ? 0.104   -4.822  7.430   1.00 5.41  ? 76  ILE A CA  1 
ATOM   686  C C   . ILE A 1 76  ? 0.969   -5.592  8.411   1.00 5.41  ? 76  ILE A C   1 
ATOM   687  O O   . ILE A 1 76  ? 2.020   -5.119  8.842   1.00 6.17  ? 76  ILE A O   1 
ATOM   688  C CB  . ILE A 1 76  ? 0.822   -4.530  6.121   1.00 5.97  ? 76  ILE A CB  1 
ATOM   689  C CG1 . ILE A 1 76  ? -0.055  -3.687  5.184   1.00 7.20  ? 76  ILE A CG1 1 
ATOM   690  C CG2 . ILE A 1 76  ? 1.209   -5.828  5.475   1.00 6.79  ? 76  ILE A CG2 1 
ATOM   691  C CD1 . ILE A 1 76  ? 0.643   -3.278  3.907   1.00 8.41  ? 76  ILE A CD1 1 
ATOM   692  N N   . SER A 1 77  ? 0.531   -6.823  8.726   1.00 5.72  ? 77  SER A N   1 
ATOM   693  C CA  . SER A 1 77  ? 1.321   -7.709  9.551   1.00 6.25  ? 77  SER A CA  1 
ATOM   694  C C   . SER A 1 77  ? 2.607   -8.100  8.835   1.00 5.60  ? 77  SER A C   1 
ATOM   695  O O   . SER A 1 77  ? 2.655   -8.141  7.603   1.00 5.97  ? 77  SER A O   1 
ATOM   696  C CB  . SER A 1 77  ? 0.474   -8.977  9.733   1.00 8.30  ? 77  SER A CB  1 
ATOM   697  O OG  . SER A 1 77  ? 1.207   -10.088 10.088  1.00 7.81  ? 77  SER A OG  1 
ATOM   698  N N   . PRO A 1 78  ? 3.652   -8.490  9.584   1.00 5.81  ? 78  PRO A N   1 
ATOM   699  C CA  . PRO A 1 78  ? 4.863   -8.990  8.912   1.00 5.90  ? 78  PRO A CA  1 
ATOM   700  C C   . PRO A 1 78  ? 4.555   -10.150 7.988   1.00 6.03  ? 78  PRO A C   1 
ATOM   701  O O   . PRO A 1 78  ? 5.267   -10.316 6.975   1.00 6.70  ? 78  PRO A O   1 
ATOM   702  C CB  . PRO A 1 78  ? 5.779   -9.398  10.071  1.00 6.82  ? 78  PRO A CB  1 
ATOM   703  C CG  . PRO A 1 78  ? 4.842   -9.592  11.240  1.00 6.82  ? 78  PRO A CG  1 
ATOM   704  C CD  . PRO A 1 78  ? 3.795   -8.505  11.055  1.00 6.10  ? 78  PRO A CD  1 
ATOM   705  N N   . ASP A 1 79  ? 3.544   -10.969 8.291   1.00 5.92  ? 79  ASP A N   1 
ATOM   706  C CA  . ASP A 1 79  ? 3.217   -12.086 7.453   1.00 6.07  ? 79  ASP A CA  1 
ATOM   707  C C   . ASP A 1 79  ? 2.895   -11.657 6.031   1.00 6.44  ? 79  ASP A C   1 
ATOM   708  O O   . ASP A 1 79  ? 3.094   -12.432 5.083   1.00 8.09  ? 79  ASP A O   1 
ATOM   709  C CB  . ASP A 1 79  ? 2.031   -12.876 8.005   1.00 6.72  ? 79  ASP A CB  1 
ATOM   710  C CG  . ASP A 1 79  ? 2.187   -13.546 9.351   1.00 7.23  ? 79  ASP A CG  1 
ATOM   711  O OD1 . ASP A 1 79  ? 1.371   -14.490 9.588   1.00 9.20  ? 79  ASP A OD1 1 
ATOM   712  O OD2 . ASP A 1 79  ? 3.007   -13.084 10.150  1.00 8.84  ? 79  ASP A OD2 1 
ATOM   713  N N   . TYR A 1 80  ? 2.345   -10.463 5.881   1.00 6.29  ? 80  TYR A N   1 
ATOM   714  C CA  . TYR A 1 80  ? 1.916   -9.897  4.607   1.00 6.36  ? 80  TYR A CA  1 
ATOM   715  C C   . TYR A 1 80  ? 2.886   -8.793  4.131   1.00 6.34  ? 80  TYR A C   1 
ATOM   716  O O   . TYR A 1 80  ? 2.554   -8.049  3.189   1.00 6.74  ? 80  TYR A O   1 
ATOM   717  C CB  . TYR A 1 80  ? 0.482   -9.360  4.701   1.00 7.20  ? 80  TYR A CB  1 
ATOM   718  C CG  . TYR A 1 80  ? -0.623  -10.400 4.496   1.00 7.75  ? 80  TYR A CG  1 
ATOM   719  C CD1 . TYR A 1 80  ? -0.510  -11.730 4.872   1.00 8.81  ? 80  TYR A CD1 1 
ATOM   720  C CD2 . TYR A 1 80  ? -1.837  -9.998  3.955   1.00 11.02 ? 80  TYR A CD2 1 
ATOM   721  C CE1 . TYR A 1 80  ? -1.552  -12.653 4.708   1.00 11.17 ? 80  TYR A CE1 1 
ATOM   722  C CE2 . TYR A 1 80  ? -2.861  -10.878 3.771   1.00 13.38 ? 80  TYR A CE2 1 
ATOM   723  C CZ  . TYR A 1 80  ? -2.723  -12.201 4.128   1.00 13.17 ? 80  TYR A CZ  1 
ATOM   724  O OH  . TYR A 1 80  ? -3.750  -13.094 3.940   1.00 18.68 ? 80  TYR A OH  1 
ATOM   725  N N   . ALA A 1 81  ? 4.066   -8.736  4.739   1.00 6.79  ? 81  ALA A N   1 
ATOM   726  C CA  . ALA A 1 81  ? 5.043   -7.704  4.420   1.00 6.82  ? 81  ALA A CA  1 
ATOM   727  C C   . ALA A 1 81  ? 6.386   -8.412  4.236   1.00 7.17  ? 81  ALA A C   1 
ATOM   728  O O   . ALA A 1 81  ? 6.546   -9.152  3.272   1.00 9.46  ? 81  ALA A O   1 
ATOM   729  C CB  . ALA A 1 81  ? 5.026   -6.576  5.453   1.00 7.35  ? 81  ALA A CB  1 
ATOM   730  N N   . TYR A 1 82  ? 7.331   -8.196  5.139   1.00 7.09  ? 82  TYR A N   1 
ATOM   731  C CA  . TYR A 1 82  ? 8.706   -8.694  4.956   1.00 7.65  ? 82  TYR A CA  1 
ATOM   732  C C   . TYR A 1 82  ? 9.048   -9.795  5.955   1.00 7.29  ? 82  TYR A C   1 
ATOM   733  O O   . TYR A 1 82  ? 10.233  -10.232 5.960   1.00 8.50  ? 82  TYR A O   1 
ATOM   734  C CB  . TYR A 1 82  ? 9.709   -7.553  5.004   1.00 8.33  ? 82  TYR A CB  1 
ATOM   735  C CG  . TYR A 1 82  ? 9.501   -6.503  3.946   1.00 9.24  ? 82  TYR A CG  1 
ATOM   736  C CD1 . TYR A 1 82  ? 8.742   -5.380  4.167   1.00 8.73  ? 82  TYR A CD1 1 
ATOM   737  C CD2 . TYR A 1 82  ? 10.023  -6.661  2.699   1.00 16.93 ? 82  TYR A CD2 1 
ATOM   738  C CE1 . TYR A 1 82  ? 8.547   -4.417  3.214   1.00 10.52 ? 82  TYR A CE1 1 
ATOM   739  C CE2 . TYR A 1 82  ? 9.862   -5.731  1.687   1.00 18.25 ? 82  TYR A CE2 1 
ATOM   740  C CZ  . TYR A 1 82  ? 9.106   -4.617  1.959   1.00 14.50 ? 82  TYR A CZ  1 
ATOM   741  O OH  . TYR A 1 82  ? 8.932   -3.674  0.966   1.00 19.59 ? 82  TYR A OH  1 
ATOM   742  N N   . GLY A 1 83  ? 8.084   -10.280 6.721   1.00 7.16  ? 83  GLY A N   1 
ATOM   743  C CA  . GLY A 1 83  ? 8.285   -11.535 7.464   1.00 8.19  ? 83  GLY A CA  1 
ATOM   744  C C   . GLY A 1 83  ? 9.361   -11.496 8.472   1.00 7.84  ? 83  GLY A C   1 
ATOM   745  O O   . GLY A 1 83  ? 9.704   -10.455 9.070   1.00 7.91  ? 83  GLY A O   1 
ATOM   746  N N   . ALA A 1 84  ? 9.915   -12.671 8.757   1.00 9.03  ? 84  ALA A N   1 
ATOM   747  C CA  . ALA A 1 84  ? 10.934  -12.810 9.776   1.00 9.75  ? 84  ALA A CA  1 
ATOM   748  C C   . ALA A 1 84  ? 12.201  -12.092 9.421   1.00 10.43 ? 84  ALA A C   1 
ATOM   749  O O   . ALA A 1 84  ? 12.878  -11.607 10.326  1.00 14.25 ? 84  ALA A O   1 
ATOM   750  C CB  . ALA A 1 84  ? 11.206  -14.330 9.922   1.00 12.99 ? 84  ALA A CB  1 
ATOM   751  N N   A THR A 1 85  ? 12.620  -11.988 8.147   0.52 10.80 ? 85  THR A N   1 
ATOM   752  N N   B THR A 1 85  ? 12.491  -12.037 8.121   0.48 11.40 ? 85  THR A N   1 
ATOM   753  C CA  A THR A 1 85  ? 13.934  -11.380 7.926   0.52 11.73 ? 85  THR A CA  1 
ATOM   754  C CA  B THR A 1 85  ? 13.800  -11.531 7.714   0.48 11.58 ? 85  THR A CA  1 
ATOM   755  C C   A THR A 1 85  ? 13.854  -9.871  7.825   0.52 11.06 ? 85  THR A C   1 
ATOM   756  C C   B THR A 1 85  ? 13.816  -10.012 7.716   0.48 10.11 ? 85  THR A C   1 
ATOM   757  O O   A THR A 1 85  ? 14.853  -9.195  8.031   0.52 13.22 ? 85  THR A O   1 
ATOM   758  O O   B THR A 1 85  ? 14.885  -9.441  7.953   0.48 12.36 ? 85  THR A O   1 
ATOM   759  C CB  A THR A 1 85  ? 14.567  -11.826 6.597   0.52 14.78 ? 85  THR A CB  1 
ATOM   760  C CB  B THR A 1 85  ? 14.120  -12.128 6.334   0.48 14.30 ? 85  THR A CB  1 
ATOM   761  O OG1 A THR A 1 85  ? 13.633  -11.603 5.540   0.52 19.12 ? 85  THR A OG1 1 
ATOM   762  O OG1 B THR A 1 85  ? 14.173  -13.554 6.471   0.48 19.46 ? 85  THR A OG1 1 
ATOM   763  C CG2 A THR A 1 85  ? 14.882  -13.308 6.702   0.52 17.35 ? 85  THR A CG2 1 
ATOM   764  C CG2 B THR A 1 85  ? 15.477  -11.620 5.879   0.48 16.91 ? 85  THR A CG2 1 
ATOM   765  N N   . GLY A 1 86  ? 12.695  -9.355  7.426   1.00 9.94  ? 86  GLY A N   1 
ATOM   766  C CA  . GLY A 1 86  ? 12.682  -7.927  7.159   1.00 9.10  ? 86  GLY A CA  1 
ATOM   767  C C   . GLY A 1 86  ? 13.576  -7.559  5.966   1.00 9.25  ? 86  GLY A C   1 
ATOM   768  O O   . GLY A 1 86  ? 13.825  -8.364  5.091   1.00 11.51 ? 86  GLY A O   1 
ATOM   769  N N   A HIS A 1 87  ? 14.046  -6.299  6.049   0.63 8.80  ? 87  HIS A N   1 
ATOM   770  N N   B HIS A 1 87  ? 14.011  -6.292  5.969   0.36 9.00  ? 87  HIS A N   1 
ATOM   771  C CA  A HIS A 1 87  ? 14.983  -5.776  5.047   0.63 9.45  ? 87  HIS A CA  1 
ATOM   772  C CA  B HIS A 1 87  ? 14.990  -5.677  5.070   0.36 9.67  ? 87  HIS A CA  1 
ATOM   773  C C   A HIS A 1 87  ? 16.015  -5.089  5.921   0.63 8.18  ? 87  HIS A C   1 
ATOM   774  C C   B HIS A 1 87  ? 15.999  -5.002  6.008   0.36 9.64  ? 87  HIS A C   1 
ATOM   775  O O   A HIS A 1 87  ? 15.866  -3.861  6.188   0.63 8.48  ? 87  HIS A O   1 
ATOM   776  O O   B HIS A 1 87  ? 15.778  -3.845  6.414   0.36 8.75  ? 87  HIS A O   1 
ATOM   777  C CB  A HIS A 1 87  ? 14.326  -4.788  4.062   0.63 10.53 ? 87  HIS A CB  1 
ATOM   778  C CB  B HIS A 1 87  ? 14.409  -4.647  4.111   0.36 12.47 ? 87  HIS A CB  1 
ATOM   779  C CG  A HIS A 1 87  ? 15.311  -4.251  3.092   0.63 11.99 ? 87  HIS A CG  1 
ATOM   780  C CG  B HIS A 1 87  ? 15.338  -4.022  3.121   0.36 13.65 ? 87  HIS A CG  1 
ATOM   781  N ND1 A HIS A 1 87  ? 15.315  -4.647  1.779   0.63 14.02 ? 87  HIS A ND1 1 
ATOM   782  N ND1 B HIS A 1 87  ? 14.930  -3.123  2.151   0.36 15.95 ? 87  HIS A ND1 1 
ATOM   783  C CD2 A HIS A 1 87  ? 16.330  -3.353  3.241   0.63 12.94 ? 87  HIS A CD2 1 
ATOM   784  C CD2 B HIS A 1 87  ? 16.678  -4.145  2.928   0.36 13.97 ? 87  HIS A CD2 1 
ATOM   785  C CE1 A HIS A 1 87  ? 16.302  -4.021  1.181   0.63 15.02 ? 87  HIS A CE1 1 
ATOM   786  C CE1 B HIS A 1 87  ? 15.962  -2.746  1.434   0.36 16.56 ? 87  HIS A CE1 1 
ATOM   787  N NE2 A HIS A 1 87  ? 16.938  -3.243  2.047   0.63 14.27 ? 87  HIS A NE2 1 
ATOM   788  N NE2 B HIS A 1 87  ? 17.051  -3.355  1.889   0.36 15.94 ? 87  HIS A NE2 1 
ATOM   789  N N   . PRO A 1 88  ? 17.034  -5.733  6.374   1.00 8.99  ? 88  PRO A N   1 
ATOM   790  C CA  . PRO A 1 88  ? 17.912  -5.190  7.402   1.00 9.13  ? 88  PRO A CA  1 
ATOM   791  C C   . PRO A 1 88  ? 18.451  -3.806  7.053   1.00 8.91  ? 88  PRO A C   1 
ATOM   792  O O   . PRO A 1 88  ? 18.909  -3.573  5.920   1.00 9.42  ? 88  PRO A O   1 
ATOM   793  C CB  . PRO A 1 88  ? 19.039  -6.199  7.486   1.00 11.22 ? 88  PRO A CB  1 
ATOM   794  C CG  . PRO A 1 88  ? 18.357  -7.516  7.162   1.00 12.70 ? 88  PRO A CG  1 
ATOM   795  C CD  . PRO A 1 88  ? 17.353  -7.148  6.044   1.00 11.85 ? 88  PRO A CD  1 
ATOM   796  N N   . GLY A 1 89  ? 18.321  -2.917  8.015   1.00 9.73  ? 89  GLY A N   1 
ATOM   797  C CA  . GLY A 1 89  ? 18.673  -1.535  7.880   1.00 11.13 ? 89  GLY A CA  1 
ATOM   798  C C   . GLY A 1 89  ? 17.475  -0.603  7.689   1.00 11.86 ? 89  GLY A C   1 
ATOM   799  O O   . GLY A 1 89  ? 17.556  0.597   8.035   1.00 14.39 ? 89  GLY A O   1 
ATOM   800  N N   . ILE A 1 90  ? 16.397  -1.139  7.103   1.00 11.10 ? 90  ILE A N   1 
ATOM   801  C CA  . ILE A 1 90  ? 15.186  -0.390  6.768   1.00 11.89 ? 90  ILE A CA  1 
ATOM   802  C C   . ILE A 1 90  ? 13.957  -0.967  7.500   1.00 10.70 ? 90  ILE A C   1 
ATOM   803  O O   . ILE A 1 90  ? 13.218  -0.187  8.119   1.00 13.19 ? 90  ILE A O   1 
ATOM   804  C CB  . ILE A 1 90  ? 14.900  -0.346  5.247   1.00 12.97 ? 90  ILE A CB  1 
ATOM   805  C CG1 . ILE A 1 90  ? 16.069  0.039   4.340   1.00 14.17 ? 90  ILE A CG1 1 
ATOM   806  C CG2 . ILE A 1 90  ? 13.681  0.514   4.999   1.00 17.24 ? 90  ILE A CG2 1 
ATOM   807  C CD1 . ILE A 1 90  ? 16.511  1.451   4.559   1.00 15.50 ? 90  ILE A CD1 1 
ATOM   808  N N   . ILE A 1 91  ? 13.709  -2.231  7.390   1.00 9.23  ? 91  ILE A N   1 
ATOM   809  C CA  . ILE A 1 91  ? 12.572  -2.923  7.963   1.00 8.99  ? 91  ILE A CA  1 
ATOM   810  C C   . ILE A 1 91  ? 13.077  -4.000  8.925   1.00 8.59  ? 91  ILE A C   1 
ATOM   811  O O   . ILE A 1 91  ? 13.717  -4.936  8.471   1.00 9.03  ? 91  ILE A O   1 
ATOM   812  C CB  . ILE A 1 91  ? 11.665  -3.567  6.896   1.00 9.76  ? 91  ILE A CB  1 
ATOM   813  C CG1 . ILE A 1 91  ? 11.248  -2.651  5.746   1.00 11.93 ? 91  ILE A CG1 1 
ATOM   814  C CG2 . ILE A 1 91  ? 10.451  -4.220  7.583   1.00 9.60  ? 91  ILE A CG2 1 
ATOM   815  C CD1 . ILE A 1 91  ? 10.405  -1.487  6.139   1.00 16.19 ? 91  ILE A CD1 1 
ATOM   816  N N   . PRO A 1 92  ? 12.810  -3.844  10.226  1.00 8.80  ? 92  PRO A N   1 
ATOM   817  C CA  . PRO A 1 92  ? 13.309  -4.851  11.184  1.00 9.54  ? 92  PRO A CA  1 
ATOM   818  C C   . PRO A 1 92  ? 12.592  -6.196  11.032  1.00 8.22  ? 92  PRO A C   1 
ATOM   819  O O   . PRO A 1 92  ? 11.577  -6.336  10.371  1.00 7.55  ? 92  PRO A O   1 
ATOM   820  C CB  . PRO A 1 92  ? 13.018  -4.233  12.567  1.00 13.33 ? 92  PRO A CB  1 
ATOM   821  C CG  . PRO A 1 92  ? 12.115  -3.101  12.320  1.00 17.04 ? 92  PRO A CG  1 
ATOM   822  C CD  . PRO A 1 92  ? 12.095  -2.748  10.871  1.00 11.89 ? 92  PRO A CD  1 
ATOM   823  N N   . PRO A 1 93  ? 13.121  -7.223  11.658  1.00 9.35  ? 93  PRO A N   1 
ATOM   824  C CA  . PRO A 1 93  ? 12.468  -8.543  11.641  1.00 8.69  ? 93  PRO A CA  1 
ATOM   825  C C   . PRO A 1 93  ? 11.057  -8.445  12.249  1.00 7.22  ? 93  PRO A C   1 
ATOM   826  O O   . PRO A 1 93  ? 10.844  -7.749  13.231  1.00 8.46  ? 93  PRO A O   1 
ATOM   827  C CB  . PRO A 1 93  ? 13.367  -9.420  12.533  1.00 11.35 ? 93  PRO A CB  1 
ATOM   828  C CG  . PRO A 1 93  ? 14.729  -8.760  12.381  1.00 13.39 ? 93  PRO A CG  1 
ATOM   829  C CD  . PRO A 1 93  ? 14.390  -7.278  12.410  1.00 12.21 ? 93  PRO A CD  1 
ATOM   830  N N   . HIS A 1 94  ? 10.091  -9.174  11.671  1.00 6.51  ? 94  HIS A N   1 
ATOM   831  C CA  . HIS A 1 94  ? 8.763   -9.298  12.226  1.00 6.63  ? 94  HIS A CA  1 
ATOM   832  C C   . HIS A 1 94  ? 8.053   -7.925  12.378  1.00 6.32  ? 94  HIS A C   1 
ATOM   833  O O   . HIS A 1 94  ? 7.289   -7.745  13.303  1.00 8.78  ? 94  HIS A O   1 
ATOM   834  C CB  . HIS A 1 94  ? 8.782   -10.024 13.572  1.00 9.15  ? 94  HIS A CB  1 
ATOM   835  C CG  . HIS A 1 94  ? 9.629   -11.215 13.637  1.00 10.54 ? 94  HIS A CG  1 
ATOM   836  N ND1 . HIS A 1 94  ? 9.240   -12.335 12.990  1.00 11.34 ? 94  HIS A ND1 1 
ATOM   837  C CD2 . HIS A 1 94  ? 10.778  -11.452 14.253  1.00 11.39 ? 94  HIS A CD2 1 
ATOM   838  C CE1 . HIS A 1 94  ? 10.140  -13.265 13.216  1.00 11.98 ? 94  HIS A CE1 1 
ATOM   839  N NE2 . HIS A 1 94  ? 11.119  -12.739 14.003  1.00 12.34 ? 94  HIS A NE2 1 
ATOM   840  N N   . ALA A 1 95  ? 8.271   -7.016  11.447  1.00 6.29  ? 95  ALA A N   1 
ATOM   841  C CA  . ALA A 1 95  ? 7.728   -5.678  11.561  1.00 6.70  ? 95  ALA A CA  1 
ATOM   842  C C   . ALA A 1 95  ? 6.311   -5.568  11.017  1.00 6.17  ? 95  ALA A C   1 
ATOM   843  O O   . ALA A 1 95  ? 5.985   -6.006  9.905   1.00 6.73  ? 95  ALA A O   1 
ATOM   844  C CB  . ALA A 1 95  ? 8.585   -4.713  10.713  1.00 7.70  ? 95  ALA A CB  1 
ATOM   845  N N   . THR A 1 96  ? 5.443   -4.905  11.819  1.00 6.20  ? 96  THR A N   1 
ATOM   846  C CA  . THR A 1 96  ? 4.163   -4.432  11.360  1.00 5.97  ? 96  THR A CA  1 
ATOM   847  C C   . THR A 1 96  ? 4.369   -3.068  10.681  1.00 5.83  ? 96  THR A C   1 
ATOM   848  O O   . THR A 1 96  ? 5.063   -2.209  11.227  1.00 7.37  ? 96  THR A O   1 
ATOM   849  C CB  . THR A 1 96  ? 3.225   -4.256  12.537  1.00 7.34  ? 96  THR A CB  1 
ATOM   850  O OG1 . THR A 1 96  ? 3.063   -5.508  13.214  1.00 9.22  ? 96  THR A OG1 1 
ATOM   851  C CG2 . THR A 1 96  ? 1.842   -3.766  12.103  1.00 8.21  ? 96  THR A CG2 1 
ATOM   852  N N   . LEU A 1 97  ? 3.785   -2.907  9.502   1.00 5.88  ? 97  LEU A N   1 
ATOM   853  C CA  . LEU A 1 97  ? 3.953   -1.684  8.711   1.00 5.81  ? 97  LEU A CA  1 
ATOM   854  C C   . LEU A 1 97  ? 2.595   -0.975  8.600   1.00 5.97  ? 97  LEU A C   1 
ATOM   855  O O   . LEU A 1 97  ? 1.540   -1.628  8.578   1.00 7.06  ? 97  LEU A O   1 
ATOM   856  C CB  . LEU A 1 97  ? 4.477   -1.989  7.329   1.00 6.49  ? 97  LEU A CB  1 
ATOM   857  C CG  . LEU A 1 97  ? 5.778   -2.794  7.255   1.00 7.37  ? 97  LEU A CG  1 
ATOM   858  C CD1 . LEU A 1 97  ? 6.223   -2.962  5.830   1.00 9.29  ? 97  LEU A CD1 1 
ATOM   859  C CD2 . LEU A 1 97  ? 6.879   -2.144  8.113   1.00 8.89  ? 97  LEU A CD2 1 
ATOM   860  N N   . VAL A 1 98  ? 2.640   0.334   8.489   1.00 5.87  ? 98  VAL A N   1 
ATOM   861  C CA  . VAL A 1 98  ? 1.442   1.135   8.222   1.00 6.01  ? 98  VAL A CA  1 
ATOM   862  C C   . VAL A 1 98  ? 1.673   1.942   6.956   1.00 5.98  ? 98  VAL A C   1 
ATOM   863  O O   . VAL A 1 98  ? 2.660   2.712   6.900   1.00 7.16  ? 98  VAL A O   1 
ATOM   864  C CB  . VAL A 1 98  ? 1.133   2.037   9.441   1.00 7.63  ? 98  VAL A CB  1 
ATOM   865  C CG1 . VAL A 1 98  ? -0.031  2.957   9.066   1.00 10.66 ? 98  VAL A CG1 1 
ATOM   866  C CG2 . VAL A 1 98  ? 0.838   1.191   10.664  1.00 11.19 ? 98  VAL A CG2 1 
ATOM   867  N N   . PHE A 1 99  ? 0.800   1.794   6.008   1.00 6.19  ? 99  PHE A N   1 
ATOM   868  C CA  . PHE A 1 99  ? 0.860   2.593   4.790   1.00 6.10  ? 99  PHE A CA  1 
ATOM   869  C C   . PHE A 1 99  ? -0.387  3.466   4.678   1.00 6.50  ? 99  PHE A C   1 
ATOM   870  O O   . PHE A 1 99  ? -1.502  2.983   4.848   1.00 9.70  ? 99  PHE A O   1 
ATOM   871  C CB  . PHE A 1 99  ? 0.936   1.731   3.528   1.00 7.06  ? 99  PHE A CB  1 
ATOM   872  C CG  . PHE A 1 99  ? 2.282   1.050   3.354   1.00 7.01  ? 99  PHE A CG  1 
ATOM   873  C CD1 . PHE A 1 99  ? 2.570   -0.119  4.021   1.00 9.11  ? 99  PHE A CD1 1 
ATOM   874  C CD2 . PHE A 1 99  ? 3.267   1.560   2.563   1.00 9.43  ? 99  PHE A CD2 1 
ATOM   875  C CE1 . PHE A 1 99  ? 3.785   -0.743  3.811   1.00 10.70 ? 99  PHE A CE1 1 
ATOM   876  C CE2 . PHE A 1 99  ? 4.483   0.952   2.406   1.00 11.74 ? 99  PHE A CE2 1 
ATOM   877  C CZ  . PHE A 1 99  ? 4.720   -0.264  2.971   1.00 12.22 ? 99  PHE A CZ  1 
ATOM   878  N N   . ASP A 1 100 ? -0.165  4.715   4.335   1.00 5.34  ? 100 ASP A N   1 
ATOM   879  C CA  . ASP A 1 100 ? -1.236  5.657   3.984   1.00 5.32  ? 100 ASP A CA  1 
ATOM   880  C C   . ASP A 1 100 ? -1.246  5.674   2.462   1.00 5.16  ? 100 ASP A C   1 
ATOM   881  O O   . ASP A 1 100 ? -0.249  6.117   1.865   1.00 6.05  ? 100 ASP A O   1 
ATOM   882  C CB  . ASP A 1 100 ? -0.893  7.020   4.603   1.00 6.16  ? 100 ASP A CB  1 
ATOM   883  C CG  . ASP A 1 100 ? -1.770  8.164   4.177   1.00 7.02  ? 100 ASP A CG  1 
ATOM   884  O OD1 . ASP A 1 100 ? -2.511  8.036   3.197   1.00 6.80  ? 100 ASP A OD1 1 
ATOM   885  O OD2 . ASP A 1 100 ? -1.644  9.228   4.891   1.00 9.01  ? 100 ASP A OD2 1 
ATOM   886  N N   . VAL A 1 101 ? -2.284  5.119   1.845   1.00 5.21  ? 101 VAL A N   1 
ATOM   887  C CA  . VAL A 1 101 ? -2.357  4.924   0.401   1.00 5.14  ? 101 VAL A CA  1 
ATOM   888  C C   . VAL A 1 101 ? -3.572  5.629   -0.147  1.00 5.00  ? 101 VAL A C   1 
ATOM   889  O O   . VAL A 1 101 ? -4.675  5.496   0.385   1.00 5.59  ? 101 VAL A O   1 
ATOM   890  C CB  . VAL A 1 101 ? -2.449  3.409   0.077   1.00 5.87  ? 101 VAL A CB  1 
ATOM   891  C CG1 . VAL A 1 101 ? -2.477  3.194   -1.442  1.00 7.30  ? 101 VAL A CG1 1 
ATOM   892  C CG2 . VAL A 1 101 ? -1.297  2.637   0.679   1.00 6.66  ? 101 VAL A CG2 1 
ATOM   893  N N   . GLU A 1 102 ? -3.395  6.338   -1.256  1.00 5.25  ? 102 GLU A N   1 
ATOM   894  C CA  . GLU A 1 102 ? -4.515  6.914   -2.018  1.00 5.49  ? 102 GLU A CA  1 
ATOM   895  C C   . GLU A 1 102 ? -4.519  6.284   -3.410  1.00 5.07  ? 102 GLU A C   1 
ATOM   896  O O   . GLU A 1 102 ? -3.501  6.336   -4.112  1.00 5.52  ? 102 GLU A O   1 
ATOM   897  C CB  . GLU A 1 102 ? -4.364  8.434   -2.113  1.00 6.26  ? 102 GLU A CB  1 
ATOM   898  C CG  . GLU A 1 102 ? -5.602  9.101   -2.757  1.00 6.80  ? 102 GLU A CG  1 
ATOM   899  C CD  . GLU A 1 102 ? -5.488  10.608  -2.895  1.00 8.40  ? 102 GLU A CD  1 
ATOM   900  O OE1 . GLU A 1 102 ? -6.488  11.169  -3.453  1.00 9.90  ? 102 GLU A OE1 1 
ATOM   901  O OE2 . GLU A 1 102 ? -4.497  11.195  -2.455  1.00 12.33 ? 102 GLU A OE2 1 
ATOM   902  N N   . LEU A 1 103 ? -5.648  5.689   -3.780  1.00 5.53  ? 103 LEU A N   1 
ATOM   903  C CA  . LEU A 1 103 ? -5.798  5.082   -5.092  1.00 5.23  ? 103 LEU A CA  1 
ATOM   904  C C   . LEU A 1 103 ? -6.253  6.170   -6.072  1.00 5.50  ? 103 LEU A C   1 
ATOM   905  O O   . LEU A 1 103 ? -7.403  6.630   -6.011  1.00 6.70  ? 103 LEU A O   1 
ATOM   906  C CB  . LEU A 1 103 ? -6.755  3.888   -5.059  1.00 5.69  ? 103 LEU A CB  1 
ATOM   907  C CG  . LEU A 1 103 ? -6.951  3.200   -6.424  1.00 6.10  ? 103 LEU A CG  1 
ATOM   908  C CD1 . LEU A 1 103 ? -5.669  2.677   -7.017  1.00 6.67  ? 103 LEU A CD1 1 
ATOM   909  C CD2 . LEU A 1 103 ? -7.983  2.077   -6.301  1.00 7.49  ? 103 LEU A CD2 1 
ATOM   910  N N   . LEU A 1 104 ? -5.348  6.612   -6.916  1.00 5.63  ? 104 LEU A N   1 
ATOM   911  C CA  . LEU A 1 104 ? -5.564  7.789   -7.763  1.00 6.04  ? 104 LEU A CA  1 
ATOM   912  C C   . LEU A 1 104 ? -6.406  7.406   -9.007  1.00 6.32  ? 104 LEU A C   1 
ATOM   913  O O   . LEU A 1 104 ? -7.350  8.113   -9.374  1.00 7.47  ? 104 LEU A O   1 
ATOM   914  C CB  . LEU A 1 104 ? -4.257  8.442   -8.171  1.00 6.34  ? 104 LEU A CB  1 
ATOM   915  C CG  . LEU A 1 104 ? -3.300  8.762   -7.037  1.00 6.91  ? 104 LEU A CG  1 
ATOM   916  C CD1 . LEU A 1 104 ? -2.006  9.379   -7.617  1.00 7.90  ? 104 LEU A CD1 1 
ATOM   917  C CD2 . LEU A 1 104 ? -3.890  9.718   -6.002  1.00 8.14  ? 104 LEU A CD2 1 
ATOM   918  N N   A LYS A 1 105 ? -5.982  6.327   -9.661  0.79 6.14  ? 105 LYS A N   1 
ATOM   919  N N   B LYS A 1 105 ? -6.023  6.320   -9.652  0.21 6.31  ? 105 LYS A N   1 
ATOM   920  C CA  A LYS A 1 105 ? -6.612  5.908   -10.927 0.79 6.82  ? 105 LYS A CA  1 
ATOM   921  C CA  B LYS A 1 105 ? -6.668  5.915   -10.902 0.21 6.73  ? 105 LYS A CA  1 
ATOM   922  C C   A LYS A 1 105 ? -6.112  4.503   -11.219 0.79 6.32  ? 105 LYS A C   1 
ATOM   923  C C   B LYS A 1 105 ? -6.143  4.535   -11.270 0.21 6.63  ? 105 LYS A C   1 
ATOM   924  O O   A LYS A 1 105 ? -5.158  3.972   -10.635 0.79 6.39  ? 105 LYS A O   1 
ATOM   925  O O   B LYS A 1 105 ? -5.162  4.036   -10.718 0.21 8.33  ? 105 LYS A O   1 
ATOM   926  C CB  A LYS A 1 105 ? -6.230  6.845   -12.101 0.79 7.22  ? 105 LYS A CB  1 
ATOM   927  C CB  B LYS A 1 105 ? -6.407  6.939   -12.012 0.21 7.36  ? 105 LYS A CB  1 
ATOM   928  C CG  A LYS A 1 105 ? -4.718  6.978   -12.356 0.79 7.27  ? 105 LYS A CG  1 
ATOM   929  C CG  B LYS A 1 105 ? -4.945  7.143   -12.393 0.21 6.40  ? 105 LYS A CG  1 
ATOM   930  C CD  A LYS A 1 105 ? -4.407  7.898   -13.542 0.79 8.10  ? 105 LYS A CD  1 
ATOM   931  C CD  B LYS A 1 105 ? -4.769  8.104   -13.568 0.21 8.79  ? 105 LYS A CD  1 
ATOM   932  C CE  A LYS A 1 105 ? -2.944  8.218   -13.641 0.79 9.10  ? 105 LYS A CE  1 
ATOM   933  C CE  B LYS A 1 105 ? -3.313  8.291   -13.926 0.21 9.90  ? 105 LYS A CE  1 
ATOM   934  N NZ  A LYS A 1 105 ? -2.649  8.887   -14.938 0.79 9.29  ? 105 LYS A NZ  1 
ATOM   935  N NZ  B LYS A 1 105 ? -2.412  7.159   -13.571 0.21 13.52 ? 105 LYS A NZ  1 
ATOM   936  N N   . LEU A 1 106 ? -6.817  3.896   -12.216 1.00 7.04  ? 106 LEU A N   1 
ATOM   937  C CA  . LEU A 1 106 ? -6.462  2.600   -12.752 1.00 7.57  ? 106 LEU A CA  1 
ATOM   938  C C   . LEU A 1 106 ? -6.124  2.776   -14.224 1.00 8.41  ? 106 LEU A C   1 
ATOM   939  O O   . LEU A 1 106 ? -6.787  3.539   -14.937 1.00 11.73 ? 106 LEU A O   1 
ATOM   940  C CB  . LEU A 1 106 ? -7.629  1.613   -12.639 1.00 8.18  ? 106 LEU A CB  1 
ATOM   941  C CG  . LEU A 1 106 ? -8.022  1.328   -11.177 1.00 9.64  ? 106 LEU A CG  1 
ATOM   942  C CD1 . LEU A 1 106 ? -9.375  0.623   -11.049 1.00 11.74 ? 106 LEU A CD1 1 
ATOM   943  C CD2 . LEU A 1 106 ? -6.989  0.455   -10.459 1.00 14.46 ? 106 LEU A CD2 1 
ATOM   944  N N   A GLU A 1 107 ? -5.094  2.052   -14.676 0.71 8.33  ? 107 GLU A N   1 
ATOM   945  N N   B GLU A 1 107 ? -5.106  2.052   -14.681 0.29 8.69  ? 107 GLU A N   1 
ATOM   946  C CA  A GLU A 1 107 ? -4.651  2.084   -16.053 0.71 9.53  ? 107 GLU A CA  1 
ATOM   947  C CA  B GLU A 1 107 ? -4.781  2.033   -16.098 0.29 9.98  ? 107 GLU A CA  1 
ATOM   948  C C   A GLU A 1 107 ? -4.441  0.699   -16.640 0.71 10.30 ? 107 GLU A C   1 
ATOM   949  C C   B GLU A 1 107 ? -4.194  0.680   -16.502 0.29 10.62 ? 107 GLU A C   1 
ATOM   950  O O   A GLU A 1 107 ? -4.522  -0.288  -15.905 0.71 12.97 ? 107 GLU A O   1 
ATOM   951  O O   B GLU A 1 107 ? -4.430  -0.316  -15.813 0.29 7.66  ? 107 GLU A O   1 
ATOM   952  C CB  A GLU A 1 107 ? -3.391  2.992   -16.164 0.71 13.31 ? 107 GLU A CB  1 
ATOM   953  C CB  B GLU A 1 107 ? -3.832  3.179   -16.441 0.29 13.62 ? 107 GLU A CB  1 
ATOM   954  C CG  A GLU A 1 107 ? -3.753  4.424   -15.801 0.71 14.45 ? 107 GLU A CG  1 
ATOM   955  C CG  B GLU A 1 107 ? -4.318  4.587   -16.303 0.29 17.38 ? 107 GLU A CG  1 
ATOM   956  C CD  A GLU A 1 107 ? -2.650  5.442   -16.086 0.71 15.27 ? 107 GLU A CD  1 
ATOM   957  C CD  B GLU A 1 107 ? -5.438  5.136   -17.128 0.29 21.13 ? 107 GLU A CD  1 
ATOM   958  O OE1 A GLU A 1 107 ? -1.525  4.969   -15.808 0.71 16.22 ? 107 GLU A OE1 1 
ATOM   959  O OE1 B GLU A 1 107 ? -5.562  4.899   -18.346 0.29 22.48 ? 107 GLU A OE1 1 
ATOM   960  O OE2 A GLU A 1 107 ? -2.958  6.572   -16.553 0.71 16.76 ? 107 GLU A OE2 1 
ATOM   961  O OE2 B GLU A 1 107 ? -6.253  5.856   -16.500 0.29 21.15 ? 107 GLU A OE2 1 
ATOM   962  O OXT A GLU A 1 107 ? -4.246  0.770   -17.890 0.71 15.31 ? 107 GLU A OXT 1 
ATOM   963  O OXT B GLU A 1 107 ? -3.493  0.535   -17.520 0.29 11.39 ? 107 GLU A OXT 1 
HETATM 964  O O   . HOH B 2 .   ? 7.487   -6.638  7.583   1.00 7.43  ? 108 HOH A O   1 
HETATM 965  O O   . HOH B 2 .   ? 9.754   -7.699  8.767   1.00 7.53  ? 109 HOH A O   1 
HETATM 966  O O   . HOH B 2 .   ? 2.066   -6.280  -7.807  1.00 8.77  ? 110 HOH A O   1 
HETATM 967  O O   . HOH B 2 .   ? -5.355  0.178   9.278   1.00 9.22  ? 111 HOH A O   1 
HETATM 968  O O   . HOH B 2 .   ? 1.074   -7.328  13.064  1.00 8.55  ? 112 HOH A O   1 
HETATM 969  O O   . HOH B 2 .   ? -14.298 2.064   -1.239  1.00 10.30 ? 113 HOH A O   1 
HETATM 970  O O   . HOH B 2 .   ? 3.786   8.269   -12.010 1.00 9.92  ? 114 HOH A O   1 
HETATM 971  O O   . HOH B 2 .   ? -8.820  9.767   -7.664  1.00 10.65 ? 115 HOH A O   1 
HETATM 972  O O   . HOH B 2 .   ? 4.655   -9.878  1.205   1.00 11.10 ? 116 HOH A O   1 
HETATM 973  O O   . HOH B 2 .   ? -2.883  -6.127  10.232  1.00 8.71  ? 117 HOH A O   1 
HETATM 974  O O   . HOH B 2 .   ? -6.319  -10.952 9.310   1.00 11.82 ? 118 HOH A O   1 
HETATM 975  O O   . HOH B 2 .   ? -6.051  -9.748  5.515   1.00 12.01 ? 119 HOH A O   1 
HETATM 976  O O   . HOH B 2 .   ? -8.976  -8.782  -14.881 1.00 13.40 ? 120 HOH A O   1 
HETATM 977  O O   . HOH B 2 .   ? 5.654   -11.531 -11.479 1.00 14.79 ? 121 HOH A O   1 
HETATM 978  O O   . HOH B 2 .   ? -3.544  -8.669  9.750   1.00 8.93  ? 122 HOH A O   1 
HETATM 979  O O   . HOH B 2 .   ? 4.971   -6.906  14.439  1.00 16.21 ? 123 HOH A O   1 
HETATM 980  O O   . HOH B 2 .   ? 6.949   7.063   -6.884  1.00 12.10 ? 124 HOH A O   1 
HETATM 981  O O   . HOH B 2 .   ? 5.869   -3.450  -1.593  1.00 18.13 ? 125 HOH A O   1 
HETATM 982  O O   . HOH B 2 .   ? -12.493 -0.088  1.253   1.00 14.89 ? 126 HOH A O   1 
HETATM 983  O O   . HOH B 2 .   ? 5.797   -12.828 9.673   1.00 10.86 ? 127 HOH A O   1 
HETATM 984  O O   . HOH B 2 .   ? -11.706 -1.903  -12.305 1.00 12.20 ? 128 HOH A O   1 
HETATM 985  O O   . HOH B 2 .   ? -10.811 -5.647  -6.227  1.00 14.30 ? 129 HOH A O   1 
HETATM 986  O O   . HOH B 2 .   ? -15.203 -2.353  -9.680  1.00 20.19 ? 130 HOH A O   1 
HETATM 987  O O   . HOH B 2 .   ? 9.772   -5.461  14.329  1.00 12.60 ? 131 HOH A O   1 
HETATM 988  O O   . HOH B 2 .   ? 1.142   7.931   -12.817 1.00 11.38 ? 132 HOH A O   1 
HETATM 989  O O   . HOH B 2 .   ? 15.608  -6.829  9.285   1.00 11.06 ? 133 HOH A O   1 
HETATM 990  O O   . HOH B 2 .   ? -8.989  9.217   -11.378 1.00 13.31 ? 134 HOH A O   1 
HETATM 991  O O   . HOH B 2 .   ? 1.981   -13.428 -9.572  1.00 11.80 ? 135 HOH A O   1 
HETATM 992  O O   . HOH B 2 .   ? 10.367  12.067  -9.257  0.50 27.98 ? 136 HOH A O   1 
HETATM 993  O O   . HOH B 2 .   ? -5.416  13.050  -0.362  1.00 12.10 ? 137 HOH A O   1 
HETATM 994  O O   . HOH B 2 .   ? -9.295  5.134   -13.008 1.00 16.68 ? 138 HOH A O   1 
HETATM 995  O O   . HOH B 2 .   ? -1.795  -3.102  -16.433 1.00 14.23 ? 139 HOH A O   1 
HETATM 996  O O   . HOH B 2 .   ? -7.903  -8.413  6.172   1.00 11.61 ? 140 HOH A O   1 
HETATM 997  O O   . HOH B 2 .   ? -4.959  7.106   -17.788 0.50 23.16 ? 141 HOH A O   1 
HETATM 998  O O   . HOH B 2 .   ? -14.448 4.562   -0.030  1.00 13.99 ? 142 HOH A O   1 
HETATM 999  O O   . HOH B 2 .   ? -9.740  -4.516  6.372   1.00 21.54 ? 143 HOH A O   1 
HETATM 1000 O O   . HOH B 2 .   ? -8.683  10.984  -1.793  1.00 15.55 ? 144 HOH A O   1 
HETATM 1001 O O   . HOH B 2 .   ? -9.965  -9.624  -10.783 1.00 16.81 ? 145 HOH A O   1 
HETATM 1002 O O   . HOH B 2 .   ? 6.028   3.808   -10.444 1.00 19.74 ? 146 HOH A O   1 
HETATM 1003 O O   . HOH B 2 .   ? -13.752 -3.310  -0.340  1.00 14.11 ? 147 HOH A O   1 
HETATM 1004 O O   . HOH B 2 .   ? 8.835   -15.020 7.591   1.00 16.21 ? 148 HOH A O   1 
HETATM 1005 O O   . HOH B 2 .   ? -5.675  -12.325 6.633   1.00 13.26 ? 149 HOH A O   1 
HETATM 1006 O O   . HOH B 2 .   ? 6.563   9.301   -15.565 1.00 15.01 ? 150 HOH A O   1 
HETATM 1007 O O   . HOH B 2 .   ? -2.617  -6.412  -17.812 1.00 14.43 ? 151 HOH A O   1 
HETATM 1008 O O   . HOH B 2 .   ? 7.498   -1.527  12.125  1.00 15.54 ? 152 HOH A O   1 
HETATM 1009 O O   . HOH B 2 .   ? 12.596  10.718  -10.168 1.00 17.55 ? 153 HOH A O   1 
HETATM 1010 O O   . HOH B 2 .   ? 12.139  15.005  -5.993  0.50 20.90 ? 154 HOH A O   1 
HETATM 1011 O O   . HOH B 2 .   ? -11.340 0.102   -14.184 1.00 16.82 ? 155 HOH A O   1 
HETATM 1012 O O   . HOH B 2 .   ? 19.515  -5.090  3.717   1.00 16.34 ? 156 HOH A O   1 
HETATM 1013 O O   . HOH B 2 .   ? 6.910   -13.697 11.899  1.00 15.64 ? 157 HOH A O   1 
HETATM 1014 O O   . HOH B 2 .   ? 12.260  7.607   -2.370  1.00 17.42 ? 158 HOH A O   1 
HETATM 1015 O O   . HOH B 2 .   ? 11.286  -13.590 5.994   1.00 19.00 ? 159 HOH A O   1 
HETATM 1016 O O   . HOH B 2 .   ? -7.711  -9.396  8.222   1.00 15.65 ? 160 HOH A O   1 
HETATM 1017 O O   . HOH B 2 .   ? 7.195   -7.171  -16.066 1.00 21.13 ? 161 HOH A O   1 
HETATM 1018 O O   . HOH B 2 .   ? -11.513 10.253  -7.940  1.00 16.96 ? 162 HOH A O   1 
HETATM 1019 O O   . HOH B 2 .   ? -2.824  13.009  -4.107  1.00 20.65 ? 163 HOH A O   1 
HETATM 1020 O O   . HOH B 2 .   ? 11.215  9.275   -9.006  1.00 19.47 ? 164 HOH A O   1 
HETATM 1021 O O   . HOH B 2 .   ? 11.563  4.011   9.724   1.00 18.87 ? 165 HOH A O   1 
HETATM 1022 O O   . HOH B 2 .   ? -9.687  -2.122  9.765   1.00 18.93 ? 166 HOH A O   1 
HETATM 1023 O O   . HOH B 2 .   ? 2.434   -17.029 10.296  1.00 19.24 ? 167 HOH A O   1 
HETATM 1024 O O   . HOH B 2 .   ? -16.389 0.504   -0.348  1.00 21.01 ? 168 HOH A O   1 
HETATM 1025 O O   . HOH B 2 .   ? -13.463 8.517   -7.429  1.00 15.57 ? 169 HOH A O   1 
HETATM 1026 O O   . HOH B 2 .   ? -6.952  -1.112  10.942  1.00 23.44 ? 170 HOH A O   1 
HETATM 1027 O O   . HOH B 2 .   ? 15.020  -11.645 14.675  1.00 16.32 ? 171 HOH A O   1 
HETATM 1028 O O   . HOH B 2 .   ? 4.791   -5.217  17.293  1.00 21.85 ? 172 HOH A O   1 
HETATM 1029 O O   . HOH B 2 .   ? 14.132  4.105   4.156   1.00 20.29 ? 173 HOH A O   1 
HETATM 1030 O O   . HOH B 2 .   ? 16.587  -3.582  10.236  1.00 19.95 ? 174 HOH A O   1 
HETATM 1031 O O   . HOH B 2 .   ? -7.790  12.146  0.522   1.00 15.85 ? 175 HOH A O   1 
HETATM 1032 O O   . HOH B 2 .   ? -0.631  -14.878 -9.928  1.00 19.76 ? 176 HOH A O   1 
HETATM 1033 O O   . HOH B 2 .   ? 12.460  -7.748  15.628  1.00 17.87 ? 177 HOH A O   1 
HETATM 1034 O O   . HOH B 2 .   ? -8.426  -8.196  -1.048  1.00 18.85 ? 178 HOH A O   1 
HETATM 1035 O O   . HOH B 2 .   ? -6.433  -6.796  -16.598 1.00 25.54 ? 179 HOH A O   1 
HETATM 1036 O O   . HOH B 2 .   ? 10.437  16.499  -4.577  0.50 26.86 ? 180 HOH A O   1 
HETATM 1037 O O   . HOH B 2 .   ? 6.117   -14.651 7.674   1.00 16.01 ? 181 HOH A O   1 
HETATM 1038 O O   . HOH B 2 .   ? 6.423   -10.133 -0.924  1.00 25.14 ? 182 HOH A O   1 
HETATM 1039 O O   . HOH B 2 .   ? -6.800  -9.587  2.823   1.00 21.36 ? 183 HOH A O   1 
HETATM 1040 O O   . HOH B 2 .   ? -7.910  -1.430  -17.471 1.00 17.96 ? 184 HOH A O   1 
HETATM 1041 O O   . HOH B 2 .   ? -5.351  -2.308  -17.471 1.00 23.84 ? 185 HOH A O   1 
HETATM 1042 O O   . HOH B 2 .   ? 7.063   -2.000  0.776   1.00 24.10 ? 186 HOH A O   1 
HETATM 1043 O O   . HOH B 2 .   ? 15.860  2.876   8.633   1.00 20.23 ? 187 HOH A O   1 
HETATM 1044 O O   . HOH B 2 .   ? 17.033  -10.513 9.262   1.00 17.85 ? 188 HOH A O   1 
HETATM 1045 O O   . HOH B 2 .   ? -12.546 -1.303  3.802   1.00 23.77 ? 189 HOH A O   1 
HETATM 1046 O O   . HOH B 2 .   ? -5.496  -8.967  -4.590  1.00 21.85 ? 190 HOH A O   1 
HETATM 1047 O O   . HOH B 2 .   ? 4.576   -13.862 -10.521 1.00 18.18 ? 191 HOH A O   1 
HETATM 1048 O O   . HOH B 2 .   ? 6.391   11.390  -13.891 1.00 15.36 ? 192 HOH A O   1 
HETATM 1049 O O   . HOH B 2 .   ? -9.487  -7.759  -7.832  1.00 31.66 ? 193 HOH A O   1 
HETATM 1050 O O   . HOH B 2 .   ? 14.240  -12.962 12.277  1.00 23.35 ? 194 HOH A O   1 
HETATM 1051 O O   . HOH B 2 .   ? 8.926   -2.516  14.070  0.50 16.58 ? 195 HOH A O   1 
HETATM 1052 O O   . HOH B 2 .   ? 1.634   -4.685  15.675  0.50 13.16 ? 196 HOH A O   1 
HETATM 1053 O O   . HOH B 2 .   ? -11.057 2.822   -14.156 1.00 18.84 ? 197 HOH A O   1 
HETATM 1054 O O   . HOH B 2 .   ? 13.632  2.590   8.250   1.00 25.81 ? 198 HOH A O   1 
HETATM 1055 O O   . HOH B 2 .   ? 4.604   11.610  3.385   0.50 28.57 ? 199 HOH A O   1 
HETATM 1056 O O   . HOH B 2 .   ? 7.271   -11.870 3.383   0.50 24.06 ? 200 HOH A O   1 
HETATM 1057 O O   . HOH B 2 .   ? 8.917   10.034  9.569   1.00 26.14 ? 201 HOH A O   1 
HETATM 1058 O O   . HOH B 2 .   ? 2.060   -1.808  -14.891 1.00 19.81 ? 202 HOH A O   1 
HETATM 1059 O O   . HOH B 2 .   ? -13.487 -4.874  1.898   1.00 26.87 ? 203 HOH A O   1 
HETATM 1060 O O   . HOH B 2 .   ? 7.536   5.699   -9.243  1.00 19.63 ? 204 HOH A O   1 
HETATM 1061 O O   . HOH B 2 .   ? 5.193   7.331   -14.290 1.00 21.35 ? 205 HOH A O   1 
HETATM 1062 O O   . HOH B 2 .   ? -7.878  11.483  -5.697  0.50 21.72 ? 206 HOH A O   1 
HETATM 1063 O O   . HOH B 2 .   ? -3.211  0.548   12.804  0.50 26.42 ? 207 HOH A O   1 
HETATM 1064 O O   . HOH B 2 .   ? 12.007  7.382   0.051   0.50 28.41 ? 208 HOH A O   1 
HETATM 1065 O O   . HOH B 2 .   ? 3.250   -10.012 -3.206  0.50 20.89 ? 209 HOH A O   1 
HETATM 1066 O O   . HOH B 2 .   ? -11.758 -2.366  5.849   0.50 27.44 ? 210 HOH A O   1 
HETATM 1067 O O   . HOH B 2 .   ? 1.001   9.916   5.417   1.00 22.25 ? 211 HOH A O   1 
HETATM 1068 O O   . HOH B 2 .   ? 4.147   -2.815  -13.404 1.00 19.02 ? 212 HOH A O   1 
HETATM 1069 O O   . HOH B 2 .   ? 12.950  5.948   8.360   1.00 20.81 ? 213 HOH A O   1 
HETATM 1070 O O   . HOH B 2 .   ? -5.983  -12.459 2.933   1.00 30.99 ? 214 HOH A O   1 
HETATM 1071 O O   . HOH B 2 .   ? 10.172  12.332  4.753   1.00 33.33 ? 215 HOH A O   1 
HETATM 1072 O O   . HOH B 2 .   ? -1.273  -11.879 -6.087  0.50 23.45 ? 216 HOH A O   1 
HETATM 1073 O O   . HOH B 2 .   ? 7.347   0.723   0.256   1.00 30.63 ? 217 HOH A O   1 
HETATM 1074 O O   . HOH B 2 .   ? 17.802  -6.774  11.059  1.00 24.97 ? 218 HOH A O   1 
HETATM 1075 O O   . HOH B 2 .   ? 11.592  9.060   8.759   1.00 23.01 ? 219 HOH A O   1 
HETATM 1076 O O   . HOH B 2 .   ? -12.734 11.517  -0.826  1.00 25.11 ? 220 HOH A O   1 
HETATM 1077 O O   . HOH B 2 .   ? 12.602  4.187   12.188  0.50 23.53 ? 221 HOH A O   1 
HETATM 1078 O O   . HOH B 2 .   ? 8.967   0.616   14.677  1.00 26.91 ? 222 HOH A O   1 
HETATM 1079 O O   . HOH B 2 .   ? -10.544 7.379   -12.888 1.00 26.51 ? 223 HOH A O   1 
HETATM 1080 O O   . HOH B 2 .   ? -8.170  -7.810  3.976   0.50 22.37 ? 224 HOH A O   1 
HETATM 1081 O O   . HOH B 2 .   ? 14.058  13.071  -6.817  1.00 28.84 ? 225 HOH A O   1 
# 
